data_6URF
#
_entry.id   6URF
#
_cell.length_a   94.548
_cell.length_b   143.178
_cell.length_c   117.617
_cell.angle_alpha   90.000
_cell.angle_beta   109.773
_cell.angle_gamma   90.000
#
_symmetry.space_group_name_H-M   'P 1 21 1'
#
loop_
_entity.id
_entity.type
_entity.pdbx_description
1 polymer 'NAD-dependent malic enzyme'
2 non-polymer GLYCEROL
3 water water
#
_entity_poly.entity_id   1
_entity_poly.type   'polypeptide(L)'
_entity_poly.pdbx_seq_one_letter_code
;MHHHHHHSSGVDLGTENLYFQSMSDARVPRIPAALSAPSLNRGVGFTHAQRRRLGLTGRLPSAVLTLDQQAERVWHQLQS
LATELGRNLLLEQLHYRHEVLYFKVLADHLPELMPVVYTPTVGEAIQRFSDEYRGQRGLFLSIDEPDEIEEAFNTLGLGP
EDVDLIVCTDAEAILGIGDWGVGGIQIAVGKLALYTAGGGVDPRRCLAVSLDVGTDNEQLLADPFYLGNRHARRRGREYD
EFVSRYIETAQRLFPRAILHFEDFGPANARKILDTYGTDYCVFNDDMQGTGAVVLAAVYSGLKVTGIPLRDQTIVVFGAG
TAGMGIADQIRDAMVADGATLEQAVSQIWPIDRPGLLFDDMDDLRDFQVPYAKNRHQLGVAVGDRVGLSDAIKIASPTIL
LGCSTVYGAFTKEVVEAMTASCKHPMIFPLSNPTSRMEAIPADVLAWSNGRALLATGSPVAPVEFDETTYVIGQANNVLA
FPGIGLGVIVAGARLITRRMLHAAAKAIAHQANPTNPGDSLLPDVQNLRAISTTVAEAVYRAAVQDGVASRTHDDVRQAI
VDTMWLPAYD
;
_entity_poly.pdbx_strand_id   A,B,C,D
#
loop_
_chem_comp.id
_chem_comp.type
_chem_comp.name
_chem_comp.formula
GOL non-polymer GLYCEROL 'C3 H8 O3'
#
# COMPACT_ATOMS: atom_id res chain seq x y z
N PRO A 32 11.91 12.69 33.24
CA PRO A 32 13.22 13.36 33.14
C PRO A 32 14.05 12.89 31.95
N ALA A 33 13.70 13.37 30.77
CA ALA A 33 14.42 13.05 29.53
C ALA A 33 15.17 14.30 29.08
N ALA A 34 16.50 14.23 29.11
CA ALA A 34 17.32 15.39 28.81
C ALA A 34 17.52 15.55 27.31
N LEU A 35 17.90 16.78 26.92
CA LEU A 35 18.26 17.13 25.56
C LEU A 35 17.14 16.74 24.57
N SER A 36 15.99 17.38 24.75
CA SER A 36 14.81 17.09 23.95
C SER A 36 14.55 18.14 22.87
N ALA A 37 15.41 19.15 22.76
CA ALA A 37 15.22 20.16 21.73
C ALA A 37 15.30 19.53 20.34
N PRO A 38 14.36 19.83 19.45
CA PRO A 38 14.38 19.18 18.12
C PRO A 38 15.63 19.50 17.32
N SER A 39 16.06 20.76 17.31
CA SER A 39 17.19 21.16 16.48
C SER A 39 18.48 20.48 16.93
N LEU A 40 18.67 20.33 18.24
CA LEU A 40 19.88 19.74 18.80
C LEU A 40 19.73 18.25 19.08
N ASN A 41 18.75 17.60 18.46
CA ASN A 41 18.56 16.16 18.56
C ASN A 41 18.70 15.55 17.18
N ARG A 42 19.44 14.45 17.09
CA ARG A 42 19.64 13.74 15.83
C ARG A 42 19.12 12.30 15.90
N GLY A 43 18.25 12.01 16.86
CA GLY A 43 17.76 10.66 17.02
C GLY A 43 18.91 9.69 17.25
N VAL A 44 18.97 8.66 16.43
CA VAL A 44 20.02 7.65 16.57
C VAL A 44 21.35 8.14 16.02
N GLY A 45 21.34 9.07 15.07
CA GLY A 45 22.52 9.55 14.40
C GLY A 45 23.72 9.87 15.27
N PHE A 46 23.47 10.15 16.55
CA PHE A 46 24.57 10.38 17.49
C PHE A 46 25.39 9.12 17.65
N THR A 47 26.72 9.27 17.56
CA THR A 47 27.61 8.11 17.61
C THR A 47 27.71 7.58 19.04
N HIS A 48 28.31 6.39 19.15
CA HIS A 48 28.38 5.68 20.43
C HIS A 48 28.93 6.57 21.54
N ALA A 49 29.87 7.45 21.22
CA ALA A 49 30.45 8.33 22.23
C ALA A 49 29.47 9.41 22.64
N GLN A 50 28.85 10.08 21.67
CA GLN A 50 27.89 11.14 21.97
C GLN A 50 26.70 10.62 22.77
N ARG A 51 26.32 9.37 22.55
CA ARG A 51 25.21 8.79 23.31
C ARG A 51 25.58 8.64 24.78
N ARG A 52 26.85 8.37 25.09
CA ARG A 52 27.31 8.28 26.47
C ARG A 52 27.75 9.63 27.01
N ARG A 53 28.38 10.46 26.18
CA ARG A 53 28.88 11.75 26.65
C ARG A 53 27.73 12.71 26.95
N LEU A 54 26.62 12.60 26.23
CA LEU A 54 25.47 13.48 26.44
C LEU A 54 24.43 12.88 27.38
N GLY A 55 24.82 11.87 28.16
CA GLY A 55 23.97 11.34 29.22
C GLY A 55 22.67 10.72 28.77
N LEU A 56 22.75 9.79 27.81
CA LEU A 56 21.59 8.98 27.42
C LEU A 56 21.72 7.54 27.86
N THR A 57 22.90 6.93 27.66
CA THR A 57 23.26 5.65 28.28
C THR A 57 22.26 4.54 27.93
N GLY A 58 21.97 4.41 26.64
CA GLY A 58 21.22 3.27 26.16
C GLY A 58 19.74 3.48 25.95
N ARG A 59 19.22 4.68 26.21
CA ARG A 59 17.81 4.93 25.87
C ARG A 59 17.55 4.80 24.38
N LEU A 60 18.56 4.91 23.58
CA LEU A 60 18.40 4.69 22.16
C LEU A 60 18.96 3.32 21.77
N PRO A 61 18.38 2.68 20.75
CA PRO A 61 18.75 1.29 20.46
C PRO A 61 20.21 1.17 20.01
N SER A 62 20.74 -0.05 20.14
CA SER A 62 22.15 -0.31 19.89
C SER A 62 22.47 -0.29 18.41
N ALA A 63 21.96 0.71 17.69
CA ALA A 63 22.28 0.90 16.29
C ALA A 63 22.86 2.29 16.09
N VAL A 64 23.68 2.43 15.05
CA VAL A 64 24.11 3.72 14.54
C VAL A 64 23.68 3.79 13.08
N LEU A 65 22.93 4.84 12.74
CA LEU A 65 22.42 5.01 11.40
C LEU A 65 22.96 6.30 10.82
N THR A 66 23.66 6.19 9.70
CA THR A 66 23.99 7.38 8.93
C THR A 66 22.70 8.11 8.57
N LEU A 67 22.76 9.44 8.55
CA LEU A 67 21.54 10.23 8.33
C LEU A 67 20.86 9.85 7.02
N ASP A 68 21.65 9.44 6.02
CA ASP A 68 21.06 8.93 4.79
C ASP A 68 20.31 7.63 5.03
N GLN A 69 20.84 6.78 5.91
CA GLN A 69 20.16 5.52 6.24
C GLN A 69 18.86 5.79 6.99
N GLN A 70 18.86 6.80 7.87
CA GLN A 70 17.62 7.16 8.56
C GLN A 70 16.59 7.70 7.58
N ALA A 71 17.04 8.48 6.59
CA ALA A 71 16.13 8.97 5.56
C ALA A 71 15.58 7.82 4.72
N GLU A 72 16.45 6.86 4.37
CA GLU A 72 16.00 5.69 3.62
C GLU A 72 15.03 4.85 4.45
N ARG A 73 15.19 4.85 5.78
CA ARG A 73 14.24 4.15 6.64
C ARG A 73 12.90 4.88 6.68
N VAL A 74 12.92 6.20 6.81
CA VAL A 74 11.68 6.98 6.84
C VAL A 74 10.98 6.92 5.49
N TRP A 75 11.74 7.08 4.41
CA TRP A 75 11.16 6.95 3.07
C TRP A 75 10.49 5.60 2.90
N HIS A 76 11.19 4.52 3.27
CA HIS A 76 10.60 3.19 3.19
C HIS A 76 9.42 3.05 4.14
N GLN A 77 9.46 3.76 5.27
CA GLN A 77 8.37 3.71 6.23
C GLN A 77 7.15 4.50 5.74
N LEU A 78 7.40 5.66 5.16
CA LEU A 78 6.30 6.53 4.73
C LEU A 78 5.41 5.84 3.71
N GLN A 79 5.99 5.03 2.84
CA GLN A 79 5.26 4.52 1.70
C GLN A 79 4.20 3.50 2.09
N SER A 80 4.41 2.76 3.18
CA SER A 80 3.44 1.76 3.62
C SER A 80 2.38 2.44 4.45
N LEU A 81 1.54 3.23 3.80
CA LEU A 81 0.48 3.95 4.47
C LEU A 81 -0.61 4.27 3.45
N ALA A 82 -1.66 4.96 3.94
CA ALA A 82 -2.66 5.49 3.02
C ALA A 82 -2.00 6.38 1.97
N THR A 83 -1.11 7.27 2.40
CA THR A 83 -0.29 8.23 1.64
C THR A 83 -1.13 9.34 1.02
N GLU A 84 -2.45 9.28 1.10
CA GLU A 84 -3.30 10.46 0.93
C GLU A 84 -3.56 11.01 2.33
N LEU A 85 -2.71 11.94 2.76
CA LEU A 85 -2.77 12.65 4.05
C LEU A 85 -2.39 11.78 5.25
N GLY A 86 -2.21 10.47 5.08
CA GLY A 86 -1.58 9.69 6.14
C GLY A 86 -0.17 10.18 6.46
N ARG A 87 0.62 10.42 5.43
CA ARG A 87 1.99 10.90 5.61
C ARG A 87 2.05 12.17 6.46
N ASN A 88 1.22 13.18 6.12
CA ASN A 88 1.31 14.46 6.80
C ASN A 88 1.15 14.31 8.31
N LEU A 89 0.34 13.35 8.75
CA LEU A 89 0.28 13.03 10.19
C LEU A 89 1.65 12.59 10.70
N LEU A 90 2.35 11.76 9.93
CA LEU A 90 3.66 11.29 10.36
C LEU A 90 4.72 12.38 10.28
N LEU A 91 4.59 13.29 9.31
CA LEU A 91 5.61 14.32 9.14
C LEU A 91 5.52 15.39 10.22
N GLU A 92 4.31 15.76 10.63
CA GLU A 92 4.17 16.81 11.63
C GLU A 92 4.68 16.36 13.00
N GLN A 93 4.50 15.07 13.33
CA GLN A 93 5.15 14.57 14.54
C GLN A 93 6.65 14.46 14.35
N LEU A 94 7.10 14.15 13.13
CA LEU A 94 8.53 14.07 12.85
C LEU A 94 9.14 15.46 12.75
N HIS A 95 8.33 16.47 12.41
CA HIS A 95 8.81 17.85 12.32
C HIS A 95 9.38 18.33 13.65
N TYR A 96 8.58 18.27 14.71
CA TYR A 96 8.99 18.78 16.02
C TYR A 96 9.61 17.72 16.91
N ARG A 97 9.74 16.48 16.42
CA ARG A 97 10.48 15.47 17.15
C ARG A 97 11.93 15.39 16.71
N HIS A 98 12.24 15.89 15.51
CA HIS A 98 13.58 15.81 14.94
C HIS A 98 13.64 16.73 13.72
N GLU A 99 14.23 17.92 13.89
CA GLU A 99 14.09 18.97 12.89
C GLU A 99 15.03 18.77 11.71
N VAL A 100 16.25 18.29 11.94
CA VAL A 100 17.24 18.25 10.88
C VAL A 100 16.93 17.13 9.88
N LEU A 101 16.53 15.96 10.38
CA LEU A 101 16.21 14.84 9.49
C LEU A 101 15.11 15.21 8.52
N TYR A 102 14.08 15.91 9.00
CA TYR A 102 12.89 16.15 8.19
C TYR A 102 13.29 16.77 6.85
N PHE A 103 14.29 17.65 6.86
CA PHE A 103 14.69 18.26 5.60
C PHE A 103 15.61 17.35 4.82
N LYS A 104 16.32 16.46 5.48
CA LYS A 104 17.07 15.41 4.80
C LYS A 104 16.14 14.55 3.94
N VAL A 105 15.10 13.96 4.55
CA VAL A 105 14.13 13.21 3.76
C VAL A 105 13.37 14.14 2.82
N LEU A 106 13.01 15.35 3.27
CA LEU A 106 12.30 16.25 2.37
C LEU A 106 13.20 16.74 1.24
N ALA A 107 14.50 16.83 1.44
CA ALA A 107 15.40 17.13 0.32
C ALA A 107 15.23 16.13 -0.81
N ASP A 108 15.04 14.85 -0.49
CA ASP A 108 14.95 13.78 -1.48
C ASP A 108 13.47 13.66 -1.89
N HIS A 109 13.06 14.54 -2.78
CA HIS A 109 11.65 14.62 -3.08
C HIS A 109 11.48 15.33 -4.40
N LEU A 110 10.41 14.94 -5.09
CA LEU A 110 9.62 15.55 -6.14
C LEU A 110 8.16 15.50 -5.67
N PRO A 111 7.71 14.50 -4.87
CA PRO A 111 6.31 14.55 -4.40
C PRO A 111 5.98 15.62 -3.37
N GLU A 112 6.88 16.03 -2.46
CA GLU A 112 6.39 16.83 -1.34
C GLU A 112 6.10 18.27 -1.75
N LEU A 113 6.91 18.84 -2.63
CA LEU A 113 6.96 20.27 -2.91
C LEU A 113 5.58 20.86 -3.12
N MET A 114 4.64 20.03 -3.59
CA MET A 114 3.26 20.47 -3.50
C MET A 114 2.39 19.40 -2.82
N PRO A 115 2.33 18.14 -3.30
CA PRO A 115 1.37 17.20 -2.68
C PRO A 115 1.45 17.01 -1.18
N VAL A 116 2.63 16.88 -0.56
CA VAL A 116 2.59 16.53 0.86
C VAL A 116 2.36 17.77 1.72
N VAL A 117 2.76 18.95 1.25
CA VAL A 117 2.66 20.13 2.10
C VAL A 117 2.28 21.37 1.32
N TYR A 118 1.48 21.22 0.28
CA TYR A 118 0.89 22.40 -0.34
C TYR A 118 -0.52 22.14 -0.86
N THR A 119 -1.11 21.00 -0.57
CA THR A 119 -2.49 20.62 -0.88
C THR A 119 -3.14 19.85 0.27
N PRO A 120 -2.46 18.89 0.94
CA PRO A 120 -3.21 17.98 1.81
C PRO A 120 -3.43 18.56 3.17
N THR A 121 -2.58 19.52 3.58
CA THR A 121 -2.84 20.26 4.80
C THR A 121 -4.21 20.91 4.72
N VAL A 122 -4.48 21.57 3.59
CA VAL A 122 -5.83 22.08 3.33
C VAL A 122 -6.82 20.93 3.29
N GLY A 123 -6.47 19.86 2.57
CA GLY A 123 -7.38 18.72 2.47
C GLY A 123 -7.61 18.01 3.79
N GLU A 124 -6.57 17.95 4.64
CA GLU A 124 -6.66 17.22 5.90
C GLU A 124 -6.29 18.09 7.09
N ALA A 125 -5.03 18.50 7.24
CA ALA A 125 -4.56 19.08 8.49
C ALA A 125 -5.36 20.32 8.89
N ILE A 126 -5.75 21.14 7.91
CA ILE A 126 -6.40 22.40 8.22
C ILE A 126 -7.78 22.17 8.82
N GLN A 127 -8.51 21.19 8.30
CA GLN A 127 -9.87 20.92 8.75
C GLN A 127 -9.96 19.67 9.65
N ARG A 128 -9.33 18.57 9.25
CA ARG A 128 -9.42 17.35 10.05
C ARG A 128 -8.73 17.53 11.40
N PHE A 129 -7.58 18.20 11.43
CA PHE A 129 -6.80 18.39 12.64
C PHE A 129 -6.81 19.85 13.10
N SER A 130 -7.97 20.50 13.05
CA SER A 130 -8.07 21.87 13.52
C SER A 130 -8.16 21.95 15.04
N ASP A 131 -8.67 20.90 15.69
CA ASP A 131 -8.62 20.77 17.13
C ASP A 131 -7.28 20.25 17.62
N GLU A 132 -6.23 20.41 16.80
CA GLU A 132 -4.89 19.95 17.12
C GLU A 132 -3.91 21.11 16.91
N TYR A 133 -2.82 21.07 17.65
CA TYR A 133 -1.89 22.19 17.72
C TYR A 133 -0.46 21.74 17.44
N ARG A 134 0.26 22.58 16.69
CA ARG A 134 1.70 22.44 16.49
C ARG A 134 2.24 23.86 16.52
N GLY A 135 2.73 24.30 17.69
CA GLY A 135 3.14 25.67 17.85
C GLY A 135 4.37 25.88 18.70
N GLN A 136 5.26 24.88 18.74
CA GLN A 136 6.51 25.03 19.46
C GLN A 136 7.29 26.23 18.96
N ARG A 137 7.57 26.26 17.66
CA ARG A 137 8.09 27.44 16.98
C ARG A 137 6.95 28.14 16.25
N GLY A 138 7.02 29.46 16.21
CA GLY A 138 5.93 30.24 15.67
C GLY A 138 4.82 30.45 16.68
N LEU A 139 3.98 31.46 16.41
CA LEU A 139 3.01 31.89 17.39
C LEU A 139 1.73 32.36 16.71
N PHE A 140 0.68 32.47 17.51
CA PHE A 140 -0.60 33.05 17.08
C PHE A 140 -0.90 34.26 17.94
N LEU A 141 -1.48 35.27 17.35
CA LEU A 141 -2.00 36.40 18.10
C LEU A 141 -3.41 36.70 17.62
N SER A 142 -4.06 37.67 18.24
CA SER A 142 -5.46 37.95 17.98
C SER A 142 -5.67 39.43 17.70
N ILE A 143 -6.68 39.72 16.89
CA ILE A 143 -7.08 41.11 16.67
C ILE A 143 -7.72 41.70 17.91
N ASP A 144 -8.17 40.85 18.84
CA ASP A 144 -8.77 41.33 20.08
C ASP A 144 -7.74 41.70 21.14
N GLU A 145 -6.47 41.37 20.93
CA GLU A 145 -5.40 41.74 21.86
C GLU A 145 -4.22 42.28 21.06
N PRO A 146 -4.19 43.58 20.77
CA PRO A 146 -2.99 44.19 20.19
C PRO A 146 -1.89 44.48 21.18
N ASP A 147 -2.11 44.22 22.48
CA ASP A 147 -1.20 44.72 23.50
C ASP A 147 -0.01 43.81 23.72
N GLU A 148 -0.21 42.50 23.68
CA GLU A 148 0.79 41.55 24.15
C GLU A 148 1.78 41.10 23.08
N ILE A 149 1.65 41.58 21.84
CA ILE A 149 2.50 41.09 20.76
C ILE A 149 3.97 41.26 21.10
N GLU A 150 4.36 42.49 21.45
CA GLU A 150 5.77 42.75 21.77
C GLU A 150 6.21 42.00 23.02
N GLU A 151 5.27 41.70 23.92
CA GLU A 151 5.56 40.78 25.02
C GLU A 151 5.47 39.33 24.58
N ALA A 152 4.64 39.06 23.56
CA ALA A 152 4.53 37.70 23.05
C ALA A 152 5.73 37.31 22.21
N PHE A 153 6.23 38.25 21.40
CA PHE A 153 7.29 37.91 20.46
C PHE A 153 8.57 37.51 21.18
N ASN A 154 8.91 38.21 22.27
CA ASN A 154 10.11 37.89 23.04
C ASN A 154 9.91 36.69 23.95
N THR A 155 8.86 35.90 23.75
CA THR A 155 8.71 34.65 24.50
C THR A 155 9.92 33.75 24.27
N LEU A 156 10.22 33.46 23.02
CA LEU A 156 11.47 32.81 22.68
C LEU A 156 12.62 33.80 22.77
N GLY A 157 13.80 33.30 23.13
CA GLY A 157 14.98 34.13 23.18
C GLY A 157 15.38 34.58 21.79
N LEU A 158 14.97 35.78 21.41
CA LEU A 158 15.19 36.30 20.06
C LEU A 158 16.14 37.48 20.12
N GLY A 159 17.37 37.27 19.64
CA GLY A 159 18.27 38.37 19.40
C GLY A 159 17.76 39.23 18.27
N PRO A 160 17.73 40.55 18.47
CA PRO A 160 17.31 41.45 17.39
C PRO A 160 18.12 41.31 16.11
N GLU A 161 19.25 40.59 16.13
CA GLU A 161 20.07 40.44 14.93
C GLU A 161 19.72 39.18 14.16
N ASP A 162 19.62 38.04 14.85
CA ASP A 162 19.57 36.73 14.19
C ASP A 162 18.12 36.33 13.93
N VAL A 163 17.61 36.74 12.76
CA VAL A 163 16.29 36.32 12.29
C VAL A 163 16.22 36.56 10.79
N ASP A 164 15.32 35.85 10.13
CA ASP A 164 15.18 35.98 8.69
C ASP A 164 13.88 35.30 8.26
N LEU A 165 13.12 35.99 7.39
CA LEU A 165 11.95 35.43 6.71
C LEU A 165 10.89 34.94 7.71
N ILE A 166 10.40 35.86 8.52
CA ILE A 166 9.24 35.57 9.37
C ILE A 166 7.99 35.73 8.52
N VAL A 167 7.07 34.78 8.63
CA VAL A 167 5.88 34.72 7.79
C VAL A 167 4.65 34.75 8.67
N CYS A 168 3.68 35.57 8.30
CA CYS A 168 2.40 35.61 9.00
C CYS A 168 1.28 35.66 7.98
N THR A 169 0.26 34.83 8.19
CA THR A 169 -0.90 34.79 7.33
C THR A 169 -2.15 34.77 8.19
N ASP A 170 -3.21 35.39 7.67
CA ASP A 170 -4.49 35.43 8.37
C ASP A 170 -5.40 34.28 7.96
N ALA A 171 -4.90 33.32 7.19
CA ALA A 171 -5.60 32.13 6.72
C ALA A 171 -6.80 32.45 5.83
N GLU A 172 -6.91 33.68 5.36
CA GLU A 172 -7.98 34.04 4.42
C GLU A 172 -7.56 33.69 3.00
N ALA A 173 -8.44 33.01 2.28
CA ALA A 173 -8.19 32.64 0.88
C ALA A 173 -6.92 31.80 0.74
N ILE A 174 -6.74 30.84 1.66
CA ILE A 174 -5.63 29.90 1.54
C ILE A 174 -5.88 28.99 0.34
N LEU A 175 -4.91 28.92 -0.56
CA LEU A 175 -5.09 28.26 -1.86
C LEU A 175 -6.32 28.82 -2.56
N GLY A 176 -7.35 27.98 -2.74
CA GLY A 176 -8.57 28.44 -3.38
C GLY A 176 -9.83 27.97 -2.69
N ILE A 177 -9.79 27.82 -1.37
CA ILE A 177 -10.92 27.31 -0.61
C ILE A 177 -11.58 28.40 0.25
N GLY A 178 -10.83 28.99 1.16
CA GLY A 178 -11.34 30.10 1.94
C GLY A 178 -10.79 30.11 3.35
N ASP A 179 -11.43 30.92 4.19
CA ASP A 179 -10.95 31.18 5.55
C ASP A 179 -10.87 29.90 6.36
N TRP A 180 -9.72 29.70 7.02
CA TRP A 180 -9.51 28.56 7.90
C TRP A 180 -9.21 28.99 9.34
N GLY A 181 -9.32 30.28 9.65
CA GLY A 181 -9.15 30.77 11.00
C GLY A 181 -7.72 30.73 11.52
N VAL A 182 -7.51 30.02 12.62
CA VAL A 182 -6.19 29.89 13.21
C VAL A 182 -5.42 28.70 12.67
N GLY A 183 -5.98 27.95 11.72
CA GLY A 183 -5.22 26.90 11.07
C GLY A 183 -4.10 27.42 10.19
N GLY A 184 -4.11 28.71 9.86
CA GLY A 184 -3.18 29.31 8.93
C GLY A 184 -1.70 29.01 9.15
N ILE A 185 -1.34 28.53 10.34
CA ILE A 185 0.06 28.22 10.61
C ILE A 185 0.54 27.07 9.73
N GLN A 186 -0.29 26.05 9.55
CA GLN A 186 0.10 24.88 8.76
C GLN A 186 0.55 25.30 7.37
N ILE A 187 0.01 26.38 6.85
CA ILE A 187 0.48 26.94 5.59
C ILE A 187 1.88 27.52 5.78
N ALA A 188 2.03 28.44 6.73
CA ALA A 188 3.30 29.12 6.93
C ALA A 188 4.40 28.14 7.36
N VAL A 189 4.09 27.28 8.32
CA VAL A 189 5.04 26.24 8.73
C VAL A 189 5.37 25.34 7.55
N GLY A 190 4.40 25.10 6.67
CA GLY A 190 4.69 24.35 5.45
C GLY A 190 5.59 25.13 4.51
N LYS A 191 5.29 26.42 4.30
CA LYS A 191 6.18 27.28 3.53
C LYS A 191 7.57 27.31 4.14
N LEU A 192 7.65 27.31 5.48
CA LEU A 192 8.93 27.20 6.17
C LEU A 192 9.70 25.98 5.71
N ALA A 193 9.02 24.83 5.65
CA ALA A 193 9.68 23.62 5.16
C ALA A 193 10.18 23.79 3.73
N LEU A 194 9.48 24.58 2.92
CA LEU A 194 9.92 24.82 1.55
C LEU A 194 11.00 25.89 1.47
N TYR A 195 11.04 26.81 2.43
CA TYR A 195 12.07 27.85 2.42
C TYR A 195 13.46 27.26 2.62
N THR A 196 13.67 26.64 3.77
CA THR A 196 15.01 26.19 4.14
C THR A 196 15.45 24.97 3.35
N ALA A 197 14.52 24.10 2.94
CA ALA A 197 14.92 23.00 2.06
C ALA A 197 15.20 23.49 0.65
N GLY A 198 14.59 24.60 0.25
CA GLY A 198 14.79 25.15 -1.07
C GLY A 198 15.83 26.26 -1.12
N GLY A 199 15.84 27.13 -0.12
CA GLY A 199 16.71 28.29 -0.15
C GLY A 199 17.77 28.32 0.94
N GLY A 200 17.95 27.19 1.63
CA GLY A 200 19.01 27.10 2.63
C GLY A 200 18.89 28.06 3.79
N VAL A 201 17.70 28.58 4.05
CA VAL A 201 17.48 29.44 5.21
C VAL A 201 17.65 28.61 6.48
N ASP A 202 18.19 29.21 7.53
CA ASP A 202 18.28 28.48 8.79
C ASP A 202 16.95 28.56 9.52
N PRO A 203 16.26 27.44 9.75
CA PRO A 203 15.05 27.49 10.60
C PRO A 203 15.34 27.97 12.00
N ARG A 204 16.58 27.85 12.45
CA ARG A 204 16.99 28.46 13.72
C ARG A 204 16.69 29.96 13.71
N ARG A 205 16.91 30.61 12.57
CA ARG A 205 16.67 32.04 12.42
C ARG A 205 15.34 32.35 11.76
N CYS A 206 14.38 31.44 11.81
CA CYS A 206 13.16 31.60 11.05
C CYS A 206 11.96 31.34 11.94
N LEU A 207 10.92 32.16 11.78
CA LEU A 207 9.73 32.09 12.62
C LEU A 207 8.49 32.23 11.75
N ALA A 208 7.36 31.78 12.28
CA ALA A 208 6.07 31.91 11.64
C ALA A 208 5.09 32.57 12.59
N VAL A 209 4.01 33.12 12.04
CA VAL A 209 3.00 33.80 12.83
C VAL A 209 1.65 33.63 12.16
N SER A 210 0.58 33.83 12.94
CA SER A 210 -0.78 33.74 12.44
C SER A 210 -1.57 34.90 13.02
N LEU A 211 -2.17 35.71 12.15
CA LEU A 211 -2.99 36.84 12.57
C LEU A 211 -4.43 36.38 12.67
N ASP A 212 -4.83 35.96 13.86
CA ASP A 212 -6.21 35.55 14.11
C ASP A 212 -7.07 36.81 14.22
N VAL A 213 -7.75 37.15 13.14
CA VAL A 213 -8.65 38.30 13.12
C VAL A 213 -10.12 37.87 13.12
N GLY A 214 -10.41 36.59 13.21
CA GLY A 214 -11.78 36.10 13.18
C GLY A 214 -12.20 35.63 11.81
N THR A 215 -12.60 34.36 11.71
CA THR A 215 -13.00 33.78 10.44
C THR A 215 -14.50 33.94 10.21
N ASP A 216 -14.92 33.66 8.98
CA ASP A 216 -16.32 33.73 8.61
C ASP A 216 -16.90 32.40 8.13
N ASN A 217 -16.08 31.36 8.02
CA ASN A 217 -16.58 30.06 7.60
C ASN A 217 -17.56 29.53 8.62
N GLU A 218 -18.80 29.26 8.18
CA GLU A 218 -19.86 28.90 9.11
C GLU A 218 -19.56 27.60 9.85
N GLN A 219 -18.82 26.68 9.23
CA GLN A 219 -18.49 25.43 9.92
C GLN A 219 -17.67 25.68 11.17
N LEU A 220 -16.59 26.47 11.04
CA LEU A 220 -15.67 26.65 12.16
C LEU A 220 -16.37 27.23 13.38
N LEU A 221 -17.22 28.24 13.16
CA LEU A 221 -17.93 28.86 14.27
C LEU A 221 -18.92 27.91 14.91
N ALA A 222 -19.62 27.11 14.10
CA ALA A 222 -20.53 26.11 14.65
C ALA A 222 -19.77 25.01 15.38
N ASP A 223 -18.57 24.69 14.93
CA ASP A 223 -17.74 23.68 15.56
C ASP A 223 -17.29 24.17 16.93
N PRO A 224 -17.74 23.58 18.03
CA PRO A 224 -17.31 24.04 19.36
C PRO A 224 -15.87 23.69 19.67
N PHE A 225 -15.24 22.84 18.87
CA PHE A 225 -13.90 22.32 19.14
C PHE A 225 -12.85 22.99 18.26
N TYR A 226 -13.18 24.17 17.72
CA TYR A 226 -12.24 24.97 16.94
C TYR A 226 -11.41 25.83 17.88
N LEU A 227 -10.11 25.58 17.92
CA LEU A 227 -9.21 26.24 18.87
C LEU A 227 -8.78 27.61 18.32
N GLY A 228 -9.76 28.51 18.25
CA GLY A 228 -9.47 29.84 17.76
C GLY A 228 -10.56 30.83 18.13
N ASN A 229 -10.46 32.02 17.54
CA ASN A 229 -11.42 33.08 17.83
C ASN A 229 -12.76 32.77 17.19
N ARG A 230 -13.82 32.76 18.01
CA ARG A 230 -15.17 32.54 17.52
C ARG A 230 -15.76 33.76 16.85
N HIS A 231 -15.07 34.90 16.88
CA HIS A 231 -15.59 36.13 16.31
C HIS A 231 -15.61 36.04 14.78
N ALA A 232 -16.17 37.07 14.15
CA ALA A 232 -16.26 37.15 12.71
C ALA A 232 -15.12 37.99 12.15
N ARG A 233 -15.09 38.12 10.83
CA ARG A 233 -14.10 38.96 10.17
C ARG A 233 -14.26 40.41 10.61
N ARG A 234 -13.14 41.11 10.77
CA ARG A 234 -13.11 42.53 11.06
C ARG A 234 -12.25 43.22 10.01
N ARG A 235 -12.77 44.30 9.42
CA ARG A 235 -12.14 44.95 8.27
C ARG A 235 -11.89 46.44 8.48
N GLY A 236 -11.72 46.88 9.73
CA GLY A 236 -11.72 48.28 10.05
C GLY A 236 -10.38 48.83 10.50
N ARG A 237 -10.43 50.03 11.07
CA ARG A 237 -9.24 50.65 11.61
C ARG A 237 -8.66 49.83 12.75
N GLU A 238 -9.49 49.04 13.44
CA GLU A 238 -8.97 48.05 14.37
C GLU A 238 -8.07 47.06 13.66
N TYR A 239 -8.48 46.59 12.48
CA TYR A 239 -7.63 45.76 11.65
C TYR A 239 -6.41 46.52 11.16
N ASP A 240 -6.62 47.74 10.64
CA ASP A 240 -5.51 48.52 10.13
C ASP A 240 -4.52 48.85 11.22
N GLU A 241 -4.99 49.41 12.34
CA GLU A 241 -4.10 49.67 13.47
C GLU A 241 -3.46 48.38 13.97
N PHE A 242 -4.15 47.25 13.85
CA PHE A 242 -3.59 45.98 14.29
C PHE A 242 -2.35 45.62 13.47
N VAL A 243 -2.55 45.42 12.16
CA VAL A 243 -1.43 45.04 11.30
C VAL A 243 -0.37 46.14 11.30
N SER A 244 -0.81 47.41 11.30
CA SER A 244 0.15 48.51 11.37
C SER A 244 0.95 48.47 12.66
N ARG A 245 0.33 48.06 13.75
CA ARG A 245 1.05 47.92 15.02
C ARG A 245 1.66 46.53 15.17
N TYR A 246 1.60 45.69 14.15
CA TYR A 246 2.29 44.41 14.15
C TYR A 246 3.51 44.41 13.24
N ILE A 247 3.41 45.02 12.05
CA ILE A 247 4.54 45.05 11.13
C ILE A 247 5.64 45.94 11.69
N GLU A 248 5.28 47.11 12.25
CA GLU A 248 6.29 48.04 12.73
C GLU A 248 7.07 47.47 13.91
N THR A 249 6.46 46.61 14.72
CA THR A 249 7.21 45.94 15.77
C THR A 249 7.91 44.67 15.29
N ALA A 250 7.51 44.15 14.13
CA ALA A 250 8.26 43.04 13.53
C ALA A 250 9.64 43.49 13.10
N GLN A 251 9.74 44.67 12.49
CA GLN A 251 11.04 45.23 12.14
C GLN A 251 11.71 45.91 13.32
N ARG A 252 10.92 46.50 14.22
CA ARG A 252 11.50 47.15 15.40
C ARG A 252 12.24 46.16 16.27
N LEU A 253 11.59 45.05 16.62
CA LEU A 253 12.23 44.06 17.49
C LEU A 253 13.43 43.44 16.81
N PHE A 254 13.35 43.20 15.51
CA PHE A 254 14.51 42.79 14.72
C PHE A 254 14.38 43.31 13.29
N PRO A 255 15.34 44.07 12.79
CA PRO A 255 15.25 44.61 11.44
C PRO A 255 15.68 43.58 10.40
N ARG A 256 15.47 43.94 9.14
CA ARG A 256 15.86 43.15 7.97
C ARG A 256 15.18 41.80 7.90
N ALA A 257 14.17 41.55 8.75
CA ALA A 257 13.44 40.30 8.69
C ALA A 257 12.50 40.31 7.50
N ILE A 258 12.70 39.37 6.58
CA ILE A 258 11.91 39.30 5.35
C ILE A 258 10.46 38.97 5.70
N LEU A 259 9.64 40.00 5.84
CA LEU A 259 8.23 39.83 6.19
C LEU A 259 7.42 39.58 4.93
N HIS A 260 6.76 38.42 4.87
CA HIS A 260 5.87 38.12 3.75
C HIS A 260 4.69 37.32 4.25
N PHE A 261 3.55 37.51 3.59
CA PHE A 261 2.28 36.92 3.98
C PHE A 261 1.80 35.98 2.87
N GLU A 262 1.49 34.74 3.25
CA GLU A 262 1.22 33.67 2.30
C GLU A 262 -0.26 33.37 2.23
N ASP A 263 -0.79 33.33 1.01
CA ASP A 263 -2.20 32.99 0.75
C ASP A 263 -3.11 33.80 1.67
N PHE A 264 -3.10 35.10 1.42
CA PHE A 264 -3.67 36.09 2.34
C PHE A 264 -4.45 37.10 1.51
N GLY A 265 -5.44 37.72 2.15
CA GLY A 265 -6.40 38.58 1.47
C GLY A 265 -5.77 39.62 0.57
N PRO A 266 -6.11 39.58 -0.72
CA PRO A 266 -5.45 40.46 -1.71
C PRO A 266 -5.77 41.93 -1.52
N ALA A 267 -7.05 42.27 -1.32
CA ALA A 267 -7.41 43.66 -1.02
C ALA A 267 -6.65 44.16 0.20
N ASN A 268 -6.38 43.28 1.16
CA ASN A 268 -5.46 43.61 2.24
C ASN A 268 -4.02 43.56 1.77
N ALA A 269 -3.69 42.58 0.93
CA ALA A 269 -2.30 42.32 0.57
C ALA A 269 -1.70 43.46 -0.24
N ARG A 270 -2.32 43.81 -1.38
CA ARG A 270 -1.80 44.91 -2.18
C ARG A 270 -1.76 46.19 -1.36
N LYS A 271 -2.76 46.40 -0.50
CA LYS A 271 -2.81 47.58 0.35
C LYS A 271 -1.57 47.68 1.22
N ILE A 272 -1.05 46.55 1.69
CA ILE A 272 0.12 46.56 2.56
C ILE A 272 1.34 47.07 1.81
N LEU A 273 1.58 46.54 0.61
CA LEU A 273 2.82 46.86 -0.10
C LEU A 273 2.87 48.32 -0.53
N ASP A 274 1.75 48.85 -1.02
CA ASP A 274 1.71 50.27 -1.37
C ASP A 274 1.90 51.16 -0.15
N THR A 275 1.48 50.70 1.01
CA THR A 275 1.49 51.51 2.22
C THR A 275 2.83 51.41 2.98
N TYR A 276 3.28 50.19 3.27
CA TYR A 276 4.45 49.98 4.11
C TYR A 276 5.67 49.50 3.35
N GLY A 277 5.54 49.16 2.07
CA GLY A 277 6.64 48.62 1.29
C GLY A 277 7.71 49.60 0.90
N THR A 278 7.54 50.89 1.19
CA THR A 278 8.52 51.89 0.78
C THR A 278 9.71 51.93 1.73
N ASP A 279 9.51 51.64 3.01
CA ASP A 279 10.59 51.70 3.99
C ASP A 279 10.73 50.39 4.76
N TYR A 280 10.22 49.28 4.22
CA TYR A 280 10.31 47.98 4.87
C TYR A 280 10.46 46.90 3.80
N CYS A 281 11.12 45.81 4.17
CA CYS A 281 11.36 44.70 3.26
C CYS A 281 10.18 43.75 3.32
N VAL A 282 9.31 43.82 2.30
CA VAL A 282 8.13 42.96 2.23
C VAL A 282 7.93 42.51 0.80
N PHE A 283 7.45 41.29 0.63
CA PHE A 283 6.99 40.80 -0.66
C PHE A 283 5.82 39.87 -0.42
N ASN A 284 5.13 39.50 -1.50
CA ASN A 284 3.92 38.71 -1.42
C ASN A 284 4.02 37.52 -2.37
N ASP A 285 3.99 36.31 -1.82
CA ASP A 285 4.02 35.13 -2.65
C ASP A 285 2.79 35.05 -3.54
N ASP A 286 1.62 35.43 -3.01
CA ASP A 286 0.40 35.43 -3.80
C ASP A 286 0.49 36.41 -4.96
N MET A 287 1.19 37.53 -4.78
CA MET A 287 1.16 38.64 -5.72
C MET A 287 2.46 38.85 -6.48
N GLN A 288 3.60 38.51 -5.91
CA GLN A 288 4.89 38.85 -6.52
C GLN A 288 5.68 37.63 -6.97
N GLY A 289 5.90 36.66 -6.08
CA GLY A 289 6.59 35.44 -6.50
C GLY A 289 5.89 34.75 -7.66
N THR A 290 4.56 34.76 -7.65
CA THR A 290 3.81 34.28 -8.80
C THR A 290 4.08 35.15 -10.02
N GLY A 291 3.97 36.47 -9.87
CA GLY A 291 4.31 37.37 -10.94
C GLY A 291 5.74 37.24 -11.43
N ALA A 292 6.62 36.72 -10.58
CA ALA A 292 8.00 36.47 -11.01
C ALA A 292 8.08 35.26 -11.92
N VAL A 293 7.67 34.08 -11.41
CA VAL A 293 7.79 32.86 -12.21
C VAL A 293 7.01 32.96 -13.51
N VAL A 294 5.87 33.67 -13.50
CA VAL A 294 5.16 33.94 -14.74
C VAL A 294 6.05 34.71 -15.71
N LEU A 295 6.71 35.76 -15.22
CA LEU A 295 7.69 36.50 -16.01
C LEU A 295 8.75 35.56 -16.57
N ALA A 296 9.27 34.66 -15.72
CA ALA A 296 10.32 33.74 -16.14
C ALA A 296 9.89 32.92 -17.35
N ALA A 297 8.63 32.50 -17.39
CA ALA A 297 8.16 31.70 -18.50
C ALA A 297 7.96 32.53 -19.76
N VAL A 298 7.72 33.84 -19.61
CA VAL A 298 7.57 34.70 -20.78
C VAL A 298 8.88 34.82 -21.54
N TYR A 299 9.99 35.07 -20.82
CA TYR A 299 11.28 35.12 -21.49
C TYR A 299 11.68 33.77 -22.06
N SER A 300 11.29 32.69 -21.38
CA SER A 300 11.59 31.35 -21.88
C SER A 300 11.05 31.15 -23.28
N GLY A 301 9.86 31.69 -23.56
CA GLY A 301 9.36 31.71 -24.93
C GLY A 301 10.02 32.76 -25.78
N LEU A 302 10.41 33.89 -25.18
CA LEU A 302 11.06 34.95 -25.93
C LEU A 302 12.40 34.51 -26.48
N LYS A 303 13.05 33.54 -25.82
CA LYS A 303 14.28 32.97 -26.37
C LYS A 303 14.02 32.29 -27.70
N VAL A 304 12.80 31.79 -27.92
CA VAL A 304 12.42 31.17 -29.18
C VAL A 304 11.65 32.17 -30.02
N THR A 305 10.88 33.04 -29.37
CA THR A 305 10.07 34.00 -30.12
C THR A 305 10.94 35.03 -30.82
N GLY A 306 12.11 35.33 -30.28
CA GLY A 306 13.01 36.30 -30.90
C GLY A 306 12.42 37.69 -31.01
N ILE A 307 11.66 38.10 -30.01
CA ILE A 307 10.91 39.36 -30.02
C ILE A 307 11.26 40.11 -28.75
N PRO A 308 11.42 41.44 -28.78
CA PRO A 308 11.64 42.16 -27.52
C PRO A 308 10.36 42.26 -26.71
N LEU A 309 10.51 42.12 -25.38
CA LEU A 309 9.35 42.04 -24.51
C LEU A 309 8.51 43.31 -24.55
N ARG A 310 9.09 44.44 -24.94
CA ARG A 310 8.34 45.70 -24.97
C ARG A 310 7.13 45.60 -25.87
N ASP A 311 7.29 45.03 -27.07
CA ASP A 311 6.20 44.90 -28.03
C ASP A 311 5.41 43.62 -27.88
N GLN A 312 5.36 43.06 -26.67
CA GLN A 312 4.59 41.85 -26.40
C GLN A 312 3.19 42.28 -26.01
N THR A 313 2.24 42.12 -26.92
CA THR A 313 0.84 42.43 -26.59
C THR A 313 0.15 41.16 -26.10
N ILE A 314 -0.51 41.26 -24.95
CA ILE A 314 -1.06 40.11 -24.24
C ILE A 314 -2.50 40.44 -23.87
N VAL A 315 -3.28 39.41 -23.51
CA VAL A 315 -4.62 39.62 -22.97
C VAL A 315 -4.74 38.92 -21.62
N VAL A 316 -5.23 39.65 -20.63
CA VAL A 316 -5.49 39.13 -19.29
C VAL A 316 -6.91 38.57 -19.26
N PHE A 317 -7.10 37.49 -18.52
CA PHE A 317 -8.38 36.84 -18.38
C PHE A 317 -9.05 37.11 -17.05
N GLY A 318 -8.27 37.24 -15.98
CA GLY A 318 -8.81 37.40 -14.64
C GLY A 318 -9.60 38.67 -14.43
N ALA A 319 -8.92 39.82 -14.56
CA ALA A 319 -9.48 41.12 -14.20
C ALA A 319 -9.94 41.16 -12.75
N GLY A 320 -9.53 40.18 -11.95
CA GLY A 320 -9.89 40.11 -10.55
C GLY A 320 -8.81 40.73 -9.68
N THR A 321 -8.81 40.31 -8.41
CA THR A 321 -7.86 40.87 -7.45
C THR A 321 -6.45 40.32 -7.69
N ALA A 322 -6.34 39.06 -8.07
CA ALA A 322 -5.05 38.40 -8.24
C ALA A 322 -4.55 38.42 -9.67
N GLY A 323 -5.42 38.19 -10.65
CA GLY A 323 -4.99 38.18 -12.04
C GLY A 323 -4.38 39.49 -12.50
N MET A 324 -4.80 40.60 -11.88
CA MET A 324 -4.19 41.90 -12.18
C MET A 324 -2.84 42.06 -11.51
N GLY A 325 -2.62 41.38 -10.39
CA GLY A 325 -1.33 41.48 -9.72
C GLY A 325 -0.19 40.95 -10.57
N ILE A 326 -0.38 39.76 -11.15
CA ILE A 326 0.63 39.24 -12.07
C ILE A 326 0.68 40.09 -13.33
N ALA A 327 -0.44 40.70 -13.72
CA ALA A 327 -0.41 41.65 -14.83
C ALA A 327 0.33 42.92 -14.45
N ASP A 328 0.24 43.33 -13.19
CA ASP A 328 1.00 44.50 -12.74
C ASP A 328 2.48 44.20 -12.71
N GLN A 329 2.87 43.00 -12.28
CA GLN A 329 4.27 42.61 -12.29
C GLN A 329 4.80 42.49 -13.71
N ILE A 330 4.01 41.91 -14.61
CA ILE A 330 4.40 41.84 -16.01
C ILE A 330 4.53 43.24 -16.59
N ARG A 331 3.58 44.12 -16.28
CA ARG A 331 3.69 45.52 -16.71
C ARG A 331 4.87 46.20 -16.03
N ASP A 332 5.12 45.87 -14.77
CA ASP A 332 6.28 46.43 -14.08
C ASP A 332 7.58 46.03 -14.75
N ALA A 333 7.61 44.86 -15.40
CA ALA A 333 8.76 44.46 -16.18
C ALA A 333 8.65 44.87 -17.64
N MET A 334 7.45 45.23 -18.10
CA MET A 334 7.28 45.69 -19.47
C MET A 334 8.00 47.01 -19.70
N VAL A 335 8.09 47.85 -18.66
CA VAL A 335 8.80 49.11 -18.79
C VAL A 335 10.32 48.89 -18.86
N ALA A 336 10.81 47.76 -18.35
CA ALA A 336 12.24 47.50 -18.35
C ALA A 336 12.82 47.49 -19.75
N ASP A 337 12.06 47.03 -20.73
CA ASP A 337 12.52 46.98 -22.11
C ASP A 337 11.98 48.13 -22.95
N GLY A 338 11.55 49.22 -22.32
CA GLY A 338 11.27 50.45 -23.03
C GLY A 338 9.83 50.74 -23.36
N ALA A 339 8.92 50.46 -22.43
CA ALA A 339 7.50 50.73 -22.62
C ALA A 339 7.04 51.78 -21.63
N THR A 340 6.30 52.78 -22.13
CA THR A 340 5.71 53.76 -21.25
C THR A 340 4.58 53.12 -20.43
N LEU A 341 4.04 53.90 -19.50
CA LEU A 341 2.89 53.42 -18.75
C LEU A 341 1.65 53.34 -19.64
N GLU A 342 1.47 54.33 -20.52
CA GLU A 342 0.29 54.36 -21.38
C GLU A 342 0.37 53.35 -22.51
N GLN A 343 1.56 53.15 -23.08
CA GLN A 343 1.70 52.20 -24.18
C GLN A 343 1.60 50.76 -23.69
N ALA A 344 2.14 50.49 -22.51
CA ALA A 344 2.08 49.12 -21.97
C ALA A 344 0.65 48.72 -21.65
N VAL A 345 -0.12 49.59 -21.02
CA VAL A 345 -1.52 49.28 -20.75
C VAL A 345 -2.33 49.26 -22.03
N SER A 346 -1.88 49.98 -23.06
CA SER A 346 -2.48 49.81 -24.39
C SER A 346 -2.06 48.50 -25.01
N GLN A 347 -0.86 48.01 -24.69
CA GLN A 347 -0.39 46.70 -25.12
C GLN A 347 -1.00 45.56 -24.31
N ILE A 348 -1.94 45.87 -23.42
CA ILE A 348 -2.66 44.87 -22.63
C ILE A 348 -4.15 45.06 -22.83
N TRP A 349 -4.86 43.95 -23.01
CA TRP A 349 -6.32 43.95 -23.01
C TRP A 349 -6.80 42.99 -21.94
N PRO A 350 -7.56 43.42 -20.93
CA PRO A 350 -8.15 42.44 -20.01
C PRO A 350 -9.51 41.97 -20.50
N ILE A 351 -9.79 40.69 -20.26
CA ILE A 351 -11.00 40.08 -20.77
C ILE A 351 -11.84 39.56 -19.62
N ASP A 352 -13.15 39.52 -19.84
CA ASP A 352 -14.09 38.93 -18.91
C ASP A 352 -15.23 38.32 -19.70
N ARG A 353 -16.02 37.49 -19.04
CA ARG A 353 -17.11 36.80 -19.74
C ARG A 353 -18.24 37.76 -20.12
N PRO A 354 -18.51 38.82 -19.33
CA PRO A 354 -19.30 39.92 -19.90
C PRO A 354 -18.66 40.54 -21.13
N GLY A 355 -17.34 40.56 -21.17
CA GLY A 355 -16.61 41.15 -22.28
C GLY A 355 -15.29 41.70 -21.78
N LEU A 356 -14.49 42.16 -22.73
CA LEU A 356 -13.26 42.85 -22.38
C LEU A 356 -13.61 44.11 -21.57
N LEU A 357 -12.89 44.33 -20.48
CA LEU A 357 -13.15 45.48 -19.63
C LEU A 357 -13.03 46.76 -20.45
N PHE A 358 -14.05 47.61 -20.37
CA PHE A 358 -14.19 48.74 -21.27
C PHE A 358 -14.30 50.04 -20.50
N ASP A 359 -13.98 51.13 -21.20
CA ASP A 359 -14.29 52.47 -20.71
C ASP A 359 -15.79 52.68 -20.69
N ASP A 360 -16.24 53.54 -19.78
CA ASP A 360 -17.64 53.88 -19.54
C ASP A 360 -18.45 52.71 -18.99
N MET A 361 -17.87 51.52 -18.87
CA MET A 361 -18.51 50.45 -18.10
C MET A 361 -18.62 50.90 -16.66
N ASP A 362 -19.86 50.98 -16.16
CA ASP A 362 -20.09 51.56 -14.83
C ASP A 362 -19.33 50.81 -13.75
N ASP A 363 -19.26 49.49 -13.85
CA ASP A 363 -18.59 48.67 -12.85
C ASP A 363 -17.22 48.26 -13.41
N LEU A 364 -16.26 49.19 -13.33
CA LEU A 364 -14.90 48.92 -13.74
C LEU A 364 -14.08 48.24 -12.64
N ARG A 365 -14.63 48.10 -11.44
CA ARG A 365 -14.03 47.34 -10.34
C ARG A 365 -12.67 47.92 -9.91
N ASP A 366 -12.50 49.24 -10.03
CA ASP A 366 -11.36 49.96 -9.46
C ASP A 366 -10.04 49.51 -10.09
N PHE A 367 -10.03 49.33 -11.41
CA PHE A 367 -8.81 49.11 -12.16
C PHE A 367 -8.99 49.74 -13.53
N GLN A 368 -7.93 50.38 -14.04
CA GLN A 368 -8.08 51.25 -15.20
C GLN A 368 -7.02 51.02 -16.28
N VAL A 369 -6.37 49.86 -16.30
CA VAL A 369 -5.53 49.53 -17.45
C VAL A 369 -6.37 49.15 -18.66
N PRO A 370 -7.62 48.71 -18.52
CA PRO A 370 -8.48 48.58 -19.71
C PRO A 370 -8.85 49.94 -20.30
N TYR A 371 -9.41 49.87 -21.49
CA TYR A 371 -9.95 51.04 -22.18
C TYR A 371 -10.86 50.62 -23.32
N GLY A 387 -16.69 40.60 -26.81
CA GLY A 387 -16.43 39.17 -26.79
C GLY A 387 -14.95 38.84 -26.88
N LEU A 388 -14.56 37.70 -26.32
CA LEU A 388 -13.16 37.31 -26.33
C LEU A 388 -12.68 37.00 -27.75
N SER A 389 -13.43 36.18 -28.49
CA SER A 389 -13.01 35.80 -29.82
C SER A 389 -12.82 37.01 -30.73
N ASP A 390 -13.61 38.07 -30.51
CA ASP A 390 -13.39 39.31 -31.24
C ASP A 390 -12.15 40.04 -30.74
N ALA A 391 -11.84 39.92 -29.45
CA ALA A 391 -10.65 40.58 -28.91
C ALA A 391 -9.38 40.03 -29.56
N ILE A 392 -9.20 38.71 -29.51
CA ILE A 392 -8.01 38.09 -30.10
C ILE A 392 -7.91 38.41 -31.60
N LYS A 393 -9.06 38.65 -32.24
CA LYS A 393 -9.05 38.88 -33.69
C LYS A 393 -8.29 40.14 -34.06
N ILE A 394 -8.55 41.25 -33.38
CA ILE A 394 -7.93 42.52 -33.74
C ILE A 394 -6.76 42.85 -32.82
N ALA A 395 -6.82 42.40 -31.56
CA ALA A 395 -5.69 42.62 -30.67
C ALA A 395 -4.45 41.90 -31.18
N SER A 396 -4.65 40.74 -31.80
CA SER A 396 -3.56 39.88 -32.27
C SER A 396 -2.49 39.69 -31.18
N PRO A 397 -2.88 39.21 -30.00
CA PRO A 397 -1.88 39.06 -28.93
C PRO A 397 -1.03 37.81 -29.15
N THR A 398 0.29 38.01 -29.10
CA THR A 398 1.22 36.92 -29.35
C THR A 398 1.34 35.97 -28.16
N ILE A 399 1.12 36.44 -26.94
CA ILE A 399 1.30 35.55 -25.79
C ILE A 399 0.30 35.90 -24.71
N LEU A 400 -0.76 35.10 -24.56
CA LEU A 400 -1.85 35.43 -23.66
C LEU A 400 -2.03 34.36 -22.60
N LEU A 401 -2.35 34.83 -21.39
CA LEU A 401 -2.50 34.02 -20.20
C LEU A 401 -3.83 34.33 -19.54
N GLY A 402 -4.28 33.39 -18.72
CA GLY A 402 -5.47 33.65 -17.94
C GLY A 402 -5.41 33.07 -16.55
N CYS A 403 -5.31 33.93 -15.54
CA CYS A 403 -5.48 33.39 -14.20
C CYS A 403 -6.95 33.38 -13.78
N SER A 404 -7.85 33.90 -14.62
CA SER A 404 -9.28 33.71 -14.39
C SER A 404 -9.61 32.24 -14.29
N THR A 405 -10.29 31.86 -13.22
CA THR A 405 -10.71 30.47 -13.04
C THR A 405 -12.04 30.28 -13.76
N VAL A 406 -11.97 29.71 -14.96
CA VAL A 406 -13.16 29.34 -15.73
C VAL A 406 -12.81 28.01 -16.39
N TYR A 407 -13.45 26.93 -15.93
CA TYR A 407 -13.07 25.60 -16.38
C TYR A 407 -13.25 25.47 -17.89
N GLY A 408 -12.14 25.23 -18.58
CA GLY A 408 -12.20 24.80 -19.98
C GLY A 408 -12.88 25.75 -20.93
N ALA A 409 -12.64 27.05 -20.79
CA ALA A 409 -13.20 28.02 -21.73
C ALA A 409 -12.34 28.20 -22.96
N PHE A 410 -11.17 27.57 -23.03
CA PHE A 410 -10.35 27.61 -24.23
C PHE A 410 -10.94 26.67 -25.26
N THR A 411 -11.40 27.23 -26.38
CA THR A 411 -12.02 26.45 -27.44
C THR A 411 -11.12 26.42 -28.67
N LYS A 412 -11.21 25.33 -29.41
CA LYS A 412 -10.37 25.12 -30.60
C LYS A 412 -10.43 26.31 -31.55
N GLU A 413 -11.56 27.01 -31.59
CA GLU A 413 -11.68 28.18 -32.44
C GLU A 413 -10.91 29.37 -31.87
N VAL A 414 -10.71 29.42 -30.56
CA VAL A 414 -10.00 30.54 -29.95
C VAL A 414 -8.51 30.43 -30.20
N VAL A 415 -7.93 29.26 -29.95
CA VAL A 415 -6.50 29.07 -30.16
C VAL A 415 -6.12 29.31 -31.62
N GLU A 416 -6.95 28.82 -32.54
CA GLU A 416 -6.64 28.91 -33.96
C GLU A 416 -6.50 30.36 -34.42
N ALA A 417 -7.32 31.26 -33.86
CA ALA A 417 -7.21 32.68 -34.21
C ALA A 417 -5.84 33.22 -33.80
N MET A 418 -5.41 32.91 -32.57
CA MET A 418 -4.07 33.26 -32.15
C MET A 418 -3.01 32.44 -32.91
N THR A 419 -3.32 31.17 -33.15
CA THR A 419 -2.38 30.30 -33.87
C THR A 419 -2.14 30.82 -35.29
N ALA A 420 -3.21 31.18 -35.99
CA ALA A 420 -3.06 31.69 -37.35
C ALA A 420 -2.43 33.07 -37.35
N SER A 421 -2.80 33.92 -36.38
CA SER A 421 -2.27 35.28 -36.34
C SER A 421 -0.78 35.28 -35.98
N CYS A 422 -0.42 34.61 -34.90
CA CYS A 422 0.95 34.57 -34.42
C CYS A 422 1.47 33.14 -34.49
N LYS A 423 2.69 32.98 -35.03
CA LYS A 423 3.22 31.65 -35.29
C LYS A 423 3.47 30.89 -33.99
N HIS A 424 4.14 31.53 -33.03
CA HIS A 424 4.51 30.89 -31.76
C HIS A 424 3.84 31.62 -30.61
N PRO A 425 2.55 31.42 -30.40
CA PRO A 425 1.90 32.00 -29.23
C PRO A 425 2.08 31.13 -27.99
N MET A 426 1.91 31.77 -26.84
CA MET A 426 2.17 31.15 -25.55
C MET A 426 0.88 31.09 -24.74
N ILE A 427 0.31 29.90 -24.63
CA ILE A 427 -0.84 29.67 -23.75
C ILE A 427 -0.34 29.58 -22.32
N PHE A 428 -1.13 30.09 -21.37
CA PHE A 428 -0.74 30.09 -19.96
C PHE A 428 -1.98 29.91 -19.10
N PRO A 429 -2.57 28.71 -19.09
CA PRO A 429 -3.61 28.44 -18.10
C PRO A 429 -3.03 28.35 -16.70
N LEU A 430 -2.80 29.51 -16.08
CA LEU A 430 -2.16 29.55 -14.76
C LEU A 430 -3.09 29.05 -13.65
N SER A 431 -4.29 28.59 -13.98
CA SER A 431 -5.25 28.16 -12.97
C SER A 431 -4.66 27.04 -12.12
N ASN A 432 -4.53 27.31 -10.82
CA ASN A 432 -3.91 26.38 -9.88
C ASN A 432 -4.72 25.08 -9.71
N PRO A 433 -6.05 25.11 -9.64
CA PRO A 433 -6.80 23.85 -9.52
C PRO A 433 -6.46 22.89 -10.65
N THR A 434 -6.30 21.61 -10.28
CA THR A 434 -5.75 20.63 -11.20
C THR A 434 -6.66 20.41 -12.41
N SER A 435 -7.95 20.23 -12.18
CA SER A 435 -8.90 19.94 -13.25
C SER A 435 -9.86 21.11 -13.50
N ARG A 436 -9.47 22.32 -13.13
CA ARG A 436 -10.27 23.52 -13.40
C ARG A 436 -9.48 24.54 -14.21
N MET A 437 -8.51 24.07 -14.98
CA MET A 437 -7.72 24.94 -15.84
C MET A 437 -8.50 25.29 -17.10
N GLU A 438 -7.92 26.18 -17.91
CA GLU A 438 -8.60 26.65 -19.11
C GLU A 438 -8.57 25.64 -20.25
N ALA A 439 -7.64 24.69 -20.23
CA ALA A 439 -7.55 23.72 -21.32
C ALA A 439 -6.58 22.61 -20.93
N ILE A 440 -6.71 21.48 -21.60
CA ILE A 440 -5.75 20.39 -21.51
C ILE A 440 -4.59 20.68 -22.45
N PRO A 441 -3.34 20.50 -22.02
CA PRO A 441 -2.20 20.80 -22.91
C PRO A 441 -2.17 19.95 -24.17
N ALA A 442 -2.47 18.65 -24.06
CA ALA A 442 -2.30 17.74 -25.19
C ALA A 442 -3.14 18.17 -26.39
N ASP A 443 -4.35 18.66 -26.14
CA ASP A 443 -5.20 19.11 -27.24
C ASP A 443 -4.76 20.47 -27.77
N VAL A 444 -4.27 21.36 -26.89
CA VAL A 444 -3.86 22.69 -27.31
C VAL A 444 -2.66 22.60 -28.25
N LEU A 445 -1.69 21.75 -27.92
CA LEU A 445 -0.57 21.54 -28.84
C LEU A 445 -1.05 20.92 -30.14
N ALA A 446 -2.02 20.02 -30.07
CA ALA A 446 -2.56 19.42 -31.28
C ALA A 446 -3.43 20.39 -32.07
N TRP A 447 -4.08 21.34 -31.38
CA TRP A 447 -4.91 22.31 -32.08
C TRP A 447 -4.07 23.32 -32.87
N SER A 448 -2.87 23.62 -32.38
CA SER A 448 -1.96 24.55 -33.04
C SER A 448 -0.83 23.81 -33.76
N ASN A 449 -0.88 22.48 -33.83
CA ASN A 449 0.19 21.66 -34.39
C ASN A 449 1.51 21.91 -33.65
N GLY A 450 1.43 21.90 -32.32
CA GLY A 450 2.60 22.08 -31.47
C GLY A 450 3.32 23.40 -31.60
N ARG A 451 2.86 24.30 -32.49
CA ARG A 451 3.49 25.59 -32.69
C ARG A 451 3.14 26.61 -31.61
N ALA A 452 2.57 26.16 -30.50
CA ALA A 452 2.22 27.03 -29.39
C ALA A 452 2.89 26.56 -28.11
N LEU A 453 2.95 27.45 -27.13
CA LEU A 453 3.63 27.21 -25.87
C LEU A 453 2.62 27.22 -24.73
N LEU A 454 2.85 26.38 -23.72
CA LEU A 454 1.93 26.25 -22.61
C LEU A 454 2.70 26.34 -21.29
N ALA A 455 1.96 26.68 -20.24
CA ALA A 455 2.46 26.65 -18.87
C ALA A 455 1.28 26.48 -17.94
N THR A 456 1.44 25.64 -16.93
CA THR A 456 0.34 25.24 -16.07
C THR A 456 0.68 25.55 -14.62
N GLY A 457 -0.33 26.00 -13.87
CA GLY A 457 -0.15 26.21 -12.45
C GLY A 457 -0.04 24.91 -11.67
N SER A 458 -0.90 23.93 -12.03
CA SER A 458 -0.99 22.58 -11.48
C SER A 458 -0.04 21.65 -12.22
N PRO A 459 0.47 20.60 -11.56
CA PRO A 459 1.40 19.69 -12.25
C PRO A 459 0.67 18.86 -13.31
N VAL A 460 1.35 18.65 -14.43
CA VAL A 460 0.78 17.96 -15.58
C VAL A 460 1.83 17.02 -16.16
N ALA A 461 1.36 16.03 -16.91
CA ALA A 461 2.22 15.12 -17.64
C ALA A 461 2.58 15.72 -19.00
N PRO A 462 3.61 15.21 -19.66
CA PRO A 462 3.97 15.73 -20.99
C PRO A 462 2.86 15.51 -22.00
N VAL A 463 2.97 16.22 -23.12
CA VAL A 463 1.90 16.25 -24.12
C VAL A 463 1.88 14.96 -24.94
N GLU A 464 3.05 14.56 -25.45
CA GLU A 464 3.19 13.33 -26.24
C GLU A 464 2.35 13.39 -27.52
N PHE A 465 2.32 14.57 -28.15
CA PHE A 465 1.76 14.68 -29.49
C PHE A 465 2.69 13.92 -30.43
N ASP A 466 2.16 12.87 -31.07
CA ASP A 466 2.95 11.75 -31.55
C ASP A 466 4.10 12.11 -32.48
N GLU A 467 4.20 13.37 -32.93
CA GLU A 467 5.37 13.76 -33.70
C GLU A 467 6.59 13.91 -32.80
N THR A 468 6.44 14.65 -31.70
CA THR A 468 7.52 14.83 -30.74
C THR A 468 6.93 15.07 -29.36
N THR A 469 7.64 14.63 -28.34
CA THR A 469 7.19 14.75 -26.95
C THR A 469 7.69 16.05 -26.34
N TYR A 470 6.77 16.82 -25.75
CA TYR A 470 7.12 18.10 -25.14
C TYR A 470 7.32 17.97 -23.64
N VAL A 471 7.15 19.07 -22.91
CA VAL A 471 7.55 19.16 -21.51
C VAL A 471 6.45 19.85 -20.71
N ILE A 472 6.68 19.96 -19.40
CA ILE A 472 5.63 20.19 -18.42
C ILE A 472 5.26 21.66 -18.28
N GLY A 473 6.22 22.53 -18.00
CA GLY A 473 5.90 23.92 -17.72
C GLY A 473 5.33 24.17 -16.35
N GLN A 474 5.70 23.36 -15.35
CA GLN A 474 5.35 23.64 -13.96
C GLN A 474 5.74 25.06 -13.60
N ALA A 475 4.79 25.82 -13.07
CA ALA A 475 5.02 27.23 -12.76
C ALA A 475 4.48 27.56 -11.37
N ASN A 476 4.97 26.84 -10.36
CA ASN A 476 4.57 27.13 -8.99
C ASN A 476 5.37 28.30 -8.46
N ASN A 477 5.14 28.62 -7.18
CA ASN A 477 5.87 29.69 -6.53
C ASN A 477 7.21 29.23 -5.98
N VAL A 478 7.42 27.91 -5.85
CA VAL A 478 8.63 27.36 -5.27
C VAL A 478 9.87 27.74 -6.08
N LEU A 479 9.69 28.11 -7.35
CA LEU A 479 10.83 28.52 -8.18
C LEU A 479 11.38 29.88 -7.80
N ALA A 480 10.67 30.66 -6.99
CA ALA A 480 11.05 32.05 -6.74
C ALA A 480 11.43 32.32 -5.28
N PHE A 481 10.50 32.18 -4.33
CA PHE A 481 10.70 32.75 -3.00
C PHE A 481 11.84 32.17 -2.17
N PRO A 482 12.28 30.90 -2.34
CA PRO A 482 13.41 30.44 -1.52
C PRO A 482 14.70 31.16 -1.86
N GLY A 483 15.00 31.27 -3.17
CA GLY A 483 16.19 31.99 -3.58
C GLY A 483 16.08 33.48 -3.32
N ILE A 484 14.90 34.06 -3.54
CA ILE A 484 14.68 35.45 -3.19
C ILE A 484 14.78 35.65 -1.68
N GLY A 485 14.64 34.59 -0.90
CA GLY A 485 14.89 34.66 0.53
C GLY A 485 16.37 34.54 0.85
N LEU A 486 17.07 33.65 0.15
CA LEU A 486 18.50 33.46 0.41
C LEU A 486 19.30 34.66 -0.05
N GLY A 487 19.05 35.14 -1.27
CA GLY A 487 19.79 36.28 -1.77
C GLY A 487 19.58 37.54 -0.96
N VAL A 488 18.35 37.75 -0.48
CA VAL A 488 18.08 38.92 0.35
C VAL A 488 18.62 38.74 1.77
N ILE A 489 18.77 37.50 2.24
CA ILE A 489 19.47 37.27 3.50
C ILE A 489 20.95 37.60 3.34
N VAL A 490 21.51 37.33 2.16
CA VAL A 490 22.91 37.67 1.90
C VAL A 490 23.08 39.16 1.75
N ALA A 491 22.23 39.80 0.95
CA ALA A 491 22.36 41.24 0.77
C ALA A 491 21.94 42.00 2.03
N GLY A 492 20.92 41.50 2.73
CA GLY A 492 20.36 42.22 3.85
C GLY A 492 19.69 43.49 3.36
N ALA A 493 18.84 43.33 2.36
CA ALA A 493 18.23 44.47 1.68
C ALA A 493 17.08 45.04 2.51
N ARG A 494 17.08 46.36 2.69
CA ARG A 494 15.96 47.01 3.36
C ARG A 494 14.72 47.06 2.48
N LEU A 495 14.89 46.92 1.17
CA LEU A 495 13.78 46.93 0.22
C LEU A 495 13.96 45.80 -0.77
N ILE A 496 12.84 45.18 -1.18
CA ILE A 496 12.85 44.15 -2.21
C ILE A 496 12.23 44.77 -3.45
N THR A 497 13.07 45.36 -4.31
CA THR A 497 12.57 46.23 -5.36
C THR A 497 12.10 45.43 -6.58
N ARG A 498 11.50 46.15 -7.52
CA ARG A 498 10.98 45.54 -8.75
C ARG A 498 12.10 44.90 -9.54
N ARG A 499 13.13 45.69 -9.86
CA ARG A 499 14.34 45.21 -10.52
C ARG A 499 14.86 43.95 -9.84
N MET A 500 14.91 43.96 -8.51
CA MET A 500 15.37 42.80 -7.76
C MET A 500 14.51 41.58 -8.06
N LEU A 501 13.19 41.77 -8.17
CA LEU A 501 12.30 40.67 -8.51
C LEU A 501 12.50 40.23 -9.96
N HIS A 502 12.71 41.18 -10.87
CA HIS A 502 12.80 40.85 -12.28
C HIS A 502 14.03 40.02 -12.59
N ALA A 503 15.18 40.38 -12.00
CA ALA A 503 16.40 39.61 -12.20
C ALA A 503 16.26 38.18 -11.70
N ALA A 504 15.31 37.93 -10.79
CA ALA A 504 15.07 36.57 -10.32
C ALA A 504 14.42 35.72 -11.41
N ALA A 505 13.33 36.22 -11.99
CA ALA A 505 12.63 35.48 -13.04
C ALA A 505 13.51 35.28 -14.26
N LYS A 506 14.23 36.31 -14.67
CA LYS A 506 15.09 36.19 -15.84
C LYS A 506 16.40 35.50 -15.52
N ALA A 507 16.67 35.21 -14.25
CA ALA A 507 17.70 34.23 -13.91
C ALA A 507 17.15 32.81 -14.03
N ILE A 508 15.84 32.64 -13.81
CA ILE A 508 15.21 31.34 -13.99
C ILE A 508 15.29 30.92 -15.45
N ALA A 509 15.17 31.90 -16.36
CA ALA A 509 15.14 31.58 -17.79
C ALA A 509 16.42 30.90 -18.24
N HIS A 510 17.58 31.38 -17.78
CA HIS A 510 18.84 30.73 -18.14
C HIS A 510 18.92 29.32 -17.57
N GLN A 511 18.37 29.12 -16.36
CA GLN A 511 18.51 27.82 -15.72
C GLN A 511 17.75 26.73 -16.47
N ALA A 512 16.66 27.10 -17.14
CA ALA A 512 15.92 26.17 -18.00
C ALA A 512 15.55 26.89 -19.27
N ASN A 513 16.21 26.52 -20.37
CA ASN A 513 16.02 27.19 -21.64
C ASN A 513 16.43 26.23 -22.75
N PRO A 514 15.98 26.47 -24.00
CA PRO A 514 16.44 25.66 -25.12
C PRO A 514 17.86 26.02 -25.56
N GLY A 518 13.56 18.70 -22.93
CA GLY A 518 12.51 18.98 -23.88
C GLY A 518 12.29 20.46 -24.13
N ASP A 519 11.08 20.81 -24.54
CA ASP A 519 10.71 22.21 -24.80
C ASP A 519 10.17 22.91 -23.57
N SER A 520 10.74 22.61 -22.40
CA SER A 520 10.22 23.16 -21.15
C SER A 520 10.50 24.65 -21.05
N LEU A 521 9.45 25.42 -20.73
CA LEU A 521 9.64 26.84 -20.48
C LEU A 521 10.21 27.09 -19.09
N LEU A 522 9.77 26.32 -18.10
CA LEU A 522 10.22 26.41 -16.72
C LEU A 522 10.88 25.10 -16.30
N PRO A 523 11.81 25.13 -15.33
CA PRO A 523 12.61 23.93 -15.05
C PRO A 523 11.84 22.80 -14.38
N ASP A 524 12.58 21.74 -14.04
CA ASP A 524 12.07 20.67 -13.23
C ASP A 524 12.31 20.97 -11.75
N VAL A 525 11.35 20.61 -10.91
CA VAL A 525 11.45 20.90 -9.48
C VAL A 525 12.50 20.04 -8.78
N GLN A 526 12.96 18.96 -9.42
CA GLN A 526 13.97 18.11 -8.80
C GLN A 526 15.26 18.86 -8.54
N ASN A 527 15.71 19.65 -9.51
CA ASN A 527 16.96 20.41 -9.38
C ASN A 527 16.63 21.81 -8.87
N LEU A 528 16.35 21.89 -7.57
CA LEU A 528 15.96 23.13 -6.93
C LEU A 528 17.08 23.80 -6.16
N ARG A 529 17.94 23.02 -5.50
CA ARG A 529 19.00 23.63 -4.71
C ARG A 529 20.07 24.30 -5.58
N ALA A 530 20.12 23.96 -6.86
CA ALA A 530 21.09 24.59 -7.76
C ALA A 530 20.54 25.89 -8.33
N ILE A 531 19.25 25.91 -8.69
CA ILE A 531 18.67 27.12 -9.27
C ILE A 531 18.51 28.20 -8.20
N SER A 532 18.32 27.81 -6.94
CA SER A 532 18.26 28.79 -5.87
C SER A 532 19.56 29.56 -5.73
N THR A 533 20.69 28.92 -6.02
CA THR A 533 21.95 29.65 -6.09
C THR A 533 21.98 30.56 -7.31
N THR A 534 21.47 30.07 -8.45
CA THR A 534 21.49 30.86 -9.68
C THR A 534 20.60 32.09 -9.58
N VAL A 535 19.54 32.03 -8.76
CA VAL A 535 18.68 33.20 -8.57
C VAL A 535 19.23 34.14 -7.51
N ALA A 536 19.96 33.62 -6.51
CA ALA A 536 20.55 34.49 -5.50
C ALA A 536 21.66 35.35 -6.09
N GLU A 537 22.39 34.84 -7.08
CA GLU A 537 23.41 35.63 -7.75
C GLU A 537 22.80 36.84 -8.44
N ALA A 538 21.62 36.67 -9.04
CA ALA A 538 20.94 37.77 -9.71
C ALA A 538 20.24 38.69 -8.71
N VAL A 539 19.83 38.17 -7.57
CA VAL A 539 19.27 39.00 -6.51
C VAL A 539 20.34 39.92 -5.94
N TYR A 540 21.49 39.35 -5.60
CA TYR A 540 22.63 40.16 -5.16
C TYR A 540 23.04 41.13 -6.26
N ARG A 541 23.06 40.68 -7.51
CA ARG A 541 23.39 41.56 -8.63
C ARG A 541 22.44 42.75 -8.69
N ALA A 542 21.16 42.53 -8.39
CA ALA A 542 20.17 43.60 -8.41
C ALA A 542 20.06 44.33 -7.08
N ALA A 543 20.43 43.69 -5.96
CA ALA A 543 20.44 44.39 -4.68
C ALA A 543 21.38 45.59 -4.72
N VAL A 544 22.54 45.46 -5.39
CA VAL A 544 23.55 46.54 -5.40
C VAL A 544 23.12 47.70 -6.32
N GLN A 545 22.22 47.48 -7.27
CA GLN A 545 21.64 48.60 -8.01
C GLN A 545 20.79 49.43 -7.05
N ASP A 546 20.99 50.74 -7.11
CA ASP A 546 20.42 51.71 -6.17
C ASP A 546 20.76 51.35 -4.71
N GLY A 547 21.99 50.92 -4.49
CA GLY A 547 22.58 50.75 -3.17
C GLY A 547 21.70 50.30 -2.01
N VAL A 548 21.29 49.04 -2.04
CA VAL A 548 20.39 48.47 -1.03
C VAL A 548 20.95 47.10 -0.70
N ALA A 549 21.76 47.04 0.34
CA ALA A 549 22.31 45.83 0.94
C ALA A 549 23.03 46.27 2.20
N SER A 550 22.74 45.64 3.33
CA SER A 550 23.62 45.79 4.48
C SER A 550 25.02 45.34 4.12
N ARG A 551 25.13 44.15 3.53
CA ARG A 551 26.41 43.51 3.29
C ARG A 551 26.97 43.85 1.91
N THR A 552 28.21 43.41 1.70
CA THR A 552 28.90 43.47 0.42
C THR A 552 29.88 42.31 0.39
N HIS A 553 30.11 41.74 -0.78
CA HIS A 553 30.98 40.58 -0.90
C HIS A 553 31.31 40.36 -2.38
N ASP A 554 32.29 39.50 -2.61
CA ASP A 554 32.73 39.16 -3.96
C ASP A 554 31.94 38.00 -4.54
N ASP A 555 31.06 37.39 -3.75
CA ASP A 555 30.12 36.34 -4.14
C ASP A 555 30.77 34.98 -4.29
N VAL A 556 31.70 34.64 -3.39
CA VAL A 556 32.09 33.27 -3.16
C VAL A 556 31.42 32.70 -1.90
N ARG A 557 30.47 33.44 -1.34
CA ARG A 557 29.89 33.12 -0.04
C ARG A 557 28.37 33.10 -0.08
N GLN A 558 27.79 32.73 -1.24
CA GLN A 558 26.39 32.33 -1.22
C GLN A 558 26.23 31.00 -0.49
N ALA A 559 27.16 30.07 -0.74
CA ALA A 559 27.08 28.74 -0.14
C ALA A 559 27.22 28.79 1.38
N ILE A 560 27.94 29.78 1.90
CA ILE A 560 28.10 29.88 3.35
C ILE A 560 26.83 30.42 4.00
N VAL A 561 26.08 31.26 3.29
CA VAL A 561 24.78 31.72 3.76
C VAL A 561 23.64 30.94 3.10
N ASP A 562 23.96 29.93 2.30
CA ASP A 562 22.98 28.96 1.82
C ASP A 562 23.09 27.71 2.70
N THR A 563 22.82 27.93 3.98
CA THR A 563 23.21 26.99 5.03
C THR A 563 22.08 26.00 5.29
N MET A 564 22.10 25.37 6.46
CA MET A 564 21.23 24.25 6.79
C MET A 564 21.19 23.23 5.66
N TRP A 565 22.37 22.91 5.14
CA TRP A 565 22.52 21.68 4.39
C TRP A 565 22.13 20.52 5.29
N LEU A 566 21.08 19.81 4.90
CA LEU A 566 20.35 18.87 5.75
C LEU A 566 21.18 17.84 6.51
N PRO A 567 22.36 17.44 6.06
CA PRO A 567 23.20 16.59 6.91
C PRO A 567 23.70 17.31 8.16
N ALA A 568 24.27 16.53 9.07
CA ALA A 568 24.83 17.02 10.31
C ALA A 568 26.36 16.97 10.25
N TYR A 569 27.00 17.87 10.99
CA TYR A 569 28.45 17.97 11.05
C TYR A 569 29.07 18.14 9.67
N TYR B 19 40.70 23.20 19.42
CA TYR B 19 40.73 21.87 18.83
C TYR B 19 39.68 20.98 19.49
N PHE B 20 39.78 20.86 20.82
CA PHE B 20 38.82 20.05 21.56
C PHE B 20 37.44 20.71 21.58
N GLN B 21 37.38 21.96 22.05
CA GLN B 21 36.12 22.63 22.33
C GLN B 21 35.72 23.52 21.16
N SER B 22 34.49 23.34 20.68
CA SER B 22 33.90 24.18 19.65
C SER B 22 32.59 24.76 20.20
N MET B 23 32.62 26.05 20.52
CA MET B 23 31.44 26.76 20.99
C MET B 23 31.29 28.05 20.19
N SER B 24 30.06 28.56 20.13
CA SER B 24 29.75 29.73 19.33
C SER B 24 28.90 30.70 20.13
N ASP B 25 28.83 31.93 19.63
CA ASP B 25 28.02 32.98 20.22
C ASP B 25 26.84 33.36 19.34
N ALA B 26 26.26 32.38 18.64
CA ALA B 26 25.28 32.72 17.61
C ALA B 26 24.17 31.68 17.44
N ARG B 27 24.28 30.51 18.06
CA ARG B 27 23.31 29.43 17.84
C ARG B 27 22.16 29.55 18.82
N VAL B 28 20.93 29.64 18.30
CA VAL B 28 19.74 29.84 19.11
C VAL B 28 18.62 28.90 18.67
N PRO B 29 17.96 28.21 19.61
CA PRO B 29 16.86 27.29 19.25
C PRO B 29 15.50 27.95 19.08
N ARG B 30 15.38 29.27 19.27
CA ARG B 30 14.09 29.94 19.37
C ARG B 30 13.20 29.21 20.38
N ILE B 31 13.65 29.30 21.64
CA ILE B 31 13.30 28.39 22.72
C ILE B 31 11.80 28.13 22.85
N PRO B 32 11.38 26.87 23.01
CA PRO B 32 10.04 26.57 23.53
C PRO B 32 10.08 26.43 25.05
N ALA B 33 9.02 26.91 25.69
CA ALA B 33 9.02 27.09 27.14
C ALA B 33 7.85 26.34 27.79
N ALA B 34 8.17 25.44 28.71
CA ALA B 34 7.24 24.88 29.68
C ALA B 34 6.08 24.12 29.04
N LEU B 35 6.19 23.75 27.76
CA LEU B 35 5.23 22.86 27.14
C LEU B 35 5.87 21.64 26.49
N SER B 36 7.21 21.60 26.39
CA SER B 36 7.87 20.42 25.86
C SER B 36 7.71 19.23 26.77
N ALA B 37 7.65 19.46 28.08
CA ALA B 37 7.39 18.37 29.01
C ALA B 37 5.94 17.93 28.89
N PRO B 38 5.67 16.63 28.76
CA PRO B 38 4.27 16.19 28.58
C PRO B 38 3.40 16.45 29.80
N SER B 39 3.93 16.20 31.00
CA SER B 39 3.14 16.35 32.22
C SER B 39 2.61 17.77 32.35
N LEU B 40 1.29 17.89 32.49
CA LEU B 40 0.58 19.15 32.67
C LEU B 40 0.68 20.08 31.46
N ASN B 41 0.95 19.54 30.27
CA ASN B 41 0.85 20.36 29.07
C ASN B 41 -0.60 20.77 28.83
N ARG B 42 -1.52 19.81 28.93
CA ARG B 42 -2.96 20.06 28.97
C ARG B 42 -3.46 20.86 27.78
N GLY B 43 -2.67 20.92 26.71
CA GLY B 43 -3.10 21.60 25.49
C GLY B 43 -3.56 23.02 25.75
N VAL B 44 -4.72 23.35 25.19
CA VAL B 44 -5.29 24.69 25.32
C VAL B 44 -5.97 24.89 26.67
N GLY B 45 -6.01 23.86 27.51
CA GLY B 45 -6.61 23.94 28.83
C GLY B 45 -6.03 25.04 29.72
N PHE B 46 -4.91 25.60 29.30
CA PHE B 46 -4.35 26.76 29.98
C PHE B 46 -5.25 27.97 29.77
N THR B 47 -5.61 28.66 30.84
CA THR B 47 -6.33 29.91 30.71
C THR B 47 -5.34 31.05 30.54
N HIS B 48 -5.87 32.26 30.33
CA HIS B 48 -5.01 33.42 30.12
C HIS B 48 -4.05 33.62 31.29
N ALA B 49 -4.52 33.38 32.51
CA ALA B 49 -3.66 33.54 33.68
C ALA B 49 -2.53 32.52 33.67
N GLN B 50 -2.79 31.30 33.20
CA GLN B 50 -1.76 30.26 33.23
C GLN B 50 -0.71 30.51 32.17
N ARG B 51 -1.12 30.79 30.93
CA ARG B 51 -0.15 31.02 29.85
C ARG B 51 0.74 32.22 30.17
N ARG B 52 0.13 33.35 30.52
CA ARG B 52 0.90 34.54 30.83
C ARG B 52 1.75 34.37 32.09
N ARG B 53 1.41 33.40 32.94
CA ARG B 53 2.30 33.00 34.03
C ARG B 53 3.47 32.18 33.48
N LEU B 54 3.19 31.21 32.62
CA LEU B 54 4.22 30.33 32.07
C LEU B 54 4.88 30.90 30.83
N GLY B 55 4.49 32.11 30.40
CA GLY B 55 5.10 32.70 29.22
C GLY B 55 4.75 31.96 27.94
N LEU B 56 3.46 31.67 27.76
CA LEU B 56 2.95 31.12 26.50
C LEU B 56 2.14 32.15 25.73
N THR B 57 2.26 33.43 26.09
CA THR B 57 1.49 34.51 25.47
C THR B 57 1.64 34.46 23.96
N GLY B 58 0.59 34.02 23.28
CA GLY B 58 0.59 33.99 21.84
C GLY B 58 1.08 32.72 21.20
N ARG B 59 1.46 31.71 21.98
CA ARG B 59 1.92 30.47 21.38
C ARG B 59 0.85 29.38 21.35
N LEU B 60 -0.10 29.44 22.24
CA LEU B 60 -1.25 28.56 22.13
C LEU B 60 -2.38 29.27 21.40
N PRO B 61 -3.33 28.52 20.81
CA PRO B 61 -4.15 29.09 19.73
C PRO B 61 -5.14 30.17 20.14
N SER B 62 -4.99 30.72 21.34
CA SER B 62 -5.84 31.80 21.85
C SER B 62 -7.28 31.35 22.07
N ALA B 63 -7.53 30.06 22.12
CA ALA B 63 -8.82 29.53 22.53
C ALA B 63 -8.76 29.13 23.99
N VAL B 64 -9.88 28.67 24.52
CA VAL B 64 -9.95 28.04 25.84
C VAL B 64 -10.89 26.85 25.73
N LEU B 65 -10.40 25.66 26.10
CA LEU B 65 -11.20 24.45 26.03
C LEU B 65 -11.10 23.69 27.34
N THR B 66 -12.24 23.37 27.93
CA THR B 66 -12.26 22.46 29.07
C THR B 66 -11.68 21.11 28.67
N LEU B 67 -11.24 20.35 29.69
CA LEU B 67 -10.55 19.10 29.42
C LEU B 67 -11.46 18.12 28.70
N ASP B 68 -12.69 17.94 29.19
CA ASP B 68 -13.60 16.98 28.59
C ASP B 68 -13.99 17.38 27.17
N GLN B 69 -14.13 18.69 26.92
CA GLN B 69 -14.36 19.14 25.55
C GLN B 69 -13.12 18.96 24.68
N GLN B 70 -11.93 19.11 25.27
CA GLN B 70 -10.70 18.92 24.53
C GLN B 70 -10.53 17.47 24.09
N ALA B 71 -10.83 16.53 24.99
CA ALA B 71 -10.72 15.12 24.64
C ALA B 71 -11.72 14.74 23.55
N GLU B 72 -12.95 15.24 23.65
CA GLU B 72 -13.94 15.00 22.62
C GLU B 72 -13.46 15.50 21.27
N ARG B 73 -12.75 16.64 21.27
CA ARG B 73 -12.17 17.15 20.04
C ARG B 73 -11.20 16.15 19.42
N VAL B 74 -10.47 15.42 20.27
CA VAL B 74 -9.62 14.34 19.78
C VAL B 74 -10.46 13.13 19.37
N TRP B 75 -11.56 12.90 20.07
CA TRP B 75 -12.42 11.75 19.76
C TRP B 75 -13.06 11.91 18.38
N HIS B 76 -13.76 13.03 18.18
CA HIS B 76 -14.31 13.31 16.85
C HIS B 76 -13.22 13.32 15.79
N GLN B 77 -12.03 13.79 16.14
CA GLN B 77 -10.86 13.60 15.30
C GLN B 77 -10.57 12.12 15.08
N LEU B 78 -10.70 11.32 16.14
CA LEU B 78 -10.24 9.93 16.08
C LEU B 78 -11.16 9.06 15.24
N GLN B 79 -12.47 9.36 15.23
CA GLN B 79 -13.38 8.61 14.38
C GLN B 79 -13.21 8.96 12.90
N SER B 80 -12.60 10.11 12.59
CA SER B 80 -12.36 10.47 11.19
C SER B 80 -11.40 9.52 10.51
N LEU B 81 -10.59 8.79 11.28
CA LEU B 81 -9.75 7.75 10.70
C LEU B 81 -10.55 6.47 10.53
N ALA B 82 -10.20 5.70 9.50
CA ALA B 82 -10.93 4.48 9.18
C ALA B 82 -10.32 3.25 9.85
N THR B 83 -9.03 3.02 9.62
CA THR B 83 -8.38 1.82 10.13
C THR B 83 -8.13 1.95 11.64
N GLU B 84 -7.57 0.89 12.21
CA GLU B 84 -7.21 0.86 13.63
C GLU B 84 -5.72 1.10 13.85
N LEU B 85 -4.93 1.22 12.79
CA LEU B 85 -3.49 1.45 12.90
C LEU B 85 -3.12 2.92 12.84
N GLY B 86 -3.71 3.69 11.93
CA GLY B 86 -3.45 5.11 11.90
C GLY B 86 -3.86 5.82 13.18
N ARG B 87 -4.82 5.24 13.90
CA ARG B 87 -5.21 5.80 15.19
C ARG B 87 -4.11 5.61 16.23
N ASN B 88 -3.42 4.47 16.19
CA ASN B 88 -2.30 4.24 17.09
C ASN B 88 -1.18 5.26 16.84
N LEU B 89 -0.96 5.61 15.57
CA LEU B 89 0.03 6.64 15.26
C LEU B 89 -0.39 8.00 15.82
N LEU B 90 -1.71 8.26 15.88
CA LEU B 90 -2.18 9.54 16.42
C LEU B 90 -2.01 9.59 17.93
N LEU B 91 -2.41 8.53 18.63
CA LEU B 91 -2.20 8.48 20.07
C LEU B 91 -0.71 8.44 20.42
N GLU B 92 0.11 7.88 19.54
CA GLU B 92 1.56 7.99 19.71
C GLU B 92 2.01 9.44 19.66
N GLN B 93 1.35 10.27 18.85
CA GLN B 93 1.67 11.69 18.81
C GLN B 93 1.25 12.40 20.09
N LEU B 94 0.22 11.90 20.77
CA LEU B 94 -0.29 12.54 21.97
C LEU B 94 0.19 11.90 23.26
N HIS B 95 1.07 10.90 23.19
CA HIS B 95 1.69 10.41 24.41
C HIS B 95 2.82 11.34 24.85
N TYR B 96 3.58 11.87 23.90
CA TYR B 96 4.69 12.76 24.22
C TYR B 96 4.25 14.19 24.52
N ARG B 97 3.09 14.61 24.02
CA ARG B 97 2.57 15.95 24.26
C ARG B 97 1.15 15.84 24.78
N HIS B 98 0.86 16.57 25.86
CA HIS B 98 -0.44 16.54 26.53
C HIS B 98 -0.82 15.11 26.91
N GLU B 99 -0.13 14.62 27.95
CA GLU B 99 -0.33 13.25 28.38
C GLU B 99 -1.74 13.00 28.89
N VAL B 100 -2.30 13.96 29.64
CA VAL B 100 -3.58 13.74 30.30
C VAL B 100 -4.69 13.48 29.28
N LEU B 101 -4.64 14.18 28.14
CA LEU B 101 -5.60 13.91 27.07
C LEU B 101 -5.58 12.44 26.67
N TYR B 102 -4.43 11.96 26.21
CA TYR B 102 -4.26 10.55 25.84
C TYR B 102 -4.84 9.63 26.90
N PHE B 103 -4.72 10.01 28.17
CA PHE B 103 -5.16 9.14 29.24
C PHE B 103 -6.61 9.39 29.65
N LYS B 104 -7.01 10.67 29.73
CA LYS B 104 -8.40 11.01 30.06
C LYS B 104 -9.32 10.94 28.85
N VAL B 105 -8.78 10.72 27.64
CA VAL B 105 -9.63 10.34 26.53
C VAL B 105 -10.26 8.98 26.78
N LEU B 106 -9.53 8.09 27.45
CA LEU B 106 -10.00 6.73 27.64
C LEU B 106 -11.29 6.67 28.43
N ALA B 107 -11.55 7.66 29.29
CA ALA B 107 -12.85 7.73 29.94
C ALA B 107 -13.97 7.87 28.92
N ASP B 108 -13.74 8.61 27.83
CA ASP B 108 -14.77 8.80 26.83
C ASP B 108 -15.09 7.50 26.11
N HIS B 109 -14.09 6.64 25.88
CA HIS B 109 -14.36 5.29 25.39
C HIS B 109 -13.13 4.44 25.69
N LEU B 110 -13.22 3.66 26.78
CA LEU B 110 -12.11 2.82 27.25
C LEU B 110 -12.18 1.40 26.70
N PRO B 111 -13.31 0.69 26.80
CA PRO B 111 -13.32 -0.72 26.36
C PRO B 111 -12.89 -0.91 24.91
N GLU B 112 -13.43 -0.10 24.01
CA GLU B 112 -13.03 -0.22 22.61
C GLU B 112 -11.56 0.15 22.43
N LEU B 113 -11.20 1.38 22.84
CA LEU B 113 -9.89 1.92 22.49
C LEU B 113 -8.75 1.15 23.18
N MET B 114 -8.85 0.95 24.50
CA MET B 114 -7.68 0.47 25.23
C MET B 114 -7.31 -0.97 24.89
N PRO B 115 -8.23 -1.95 24.90
CA PRO B 115 -7.89 -3.23 24.27
C PRO B 115 -7.40 -3.13 22.83
N VAL B 116 -8.03 -2.29 22.01
CA VAL B 116 -7.56 -2.11 20.63
C VAL B 116 -6.14 -1.56 20.62
N VAL B 117 -5.79 -0.71 21.59
CA VAL B 117 -4.41 -0.23 21.69
C VAL B 117 -3.45 -1.40 21.89
N TYR B 118 -3.90 -2.43 22.62
CA TYR B 118 -3.00 -3.46 23.12
C TYR B 118 -2.74 -4.56 22.09
N THR B 119 -3.79 -5.33 21.74
CA THR B 119 -3.51 -6.58 21.05
C THR B 119 -3.68 -6.52 19.54
N PRO B 120 -4.78 -6.01 18.98
CA PRO B 120 -4.89 -6.03 17.51
C PRO B 120 -3.96 -5.06 16.82
N THR B 121 -3.78 -3.86 17.37
CA THR B 121 -3.11 -2.79 16.64
C THR B 121 -1.59 -2.86 16.76
N VAL B 122 -1.05 -3.30 17.91
CA VAL B 122 0.39 -3.27 18.11
C VAL B 122 1.10 -4.15 17.09
N GLY B 123 0.55 -5.34 16.80
CA GLY B 123 1.16 -6.21 15.81
C GLY B 123 1.39 -5.53 14.48
N GLU B 124 0.42 -4.70 14.05
CA GLU B 124 0.62 -3.90 12.85
C GLU B 124 1.47 -2.67 13.13
N ALA B 125 1.43 -2.14 14.36
CA ALA B 125 2.25 -1.01 14.72
C ALA B 125 3.70 -1.41 14.95
N ILE B 126 3.93 -2.53 15.64
CA ILE B 126 5.29 -2.95 15.96
C ILE B 126 6.01 -3.42 14.70
N GLN B 127 5.33 -4.21 13.86
CA GLN B 127 5.98 -4.75 12.67
C GLN B 127 6.22 -3.66 11.63
N ARG B 128 5.18 -2.88 11.32
CA ARG B 128 5.28 -1.91 10.23
C ARG B 128 5.84 -0.56 10.67
N PHE B 129 5.59 -0.14 11.91
CA PHE B 129 5.89 1.23 12.30
C PHE B 129 6.73 1.39 13.56
N SER B 130 7.12 0.31 14.24
CA SER B 130 7.92 0.49 15.45
C SER B 130 9.36 0.84 15.11
N ASP B 131 9.55 1.78 14.18
CA ASP B 131 10.85 2.37 13.92
C ASP B 131 11.06 3.64 14.73
N GLU B 132 10.14 3.96 15.64
CA GLU B 132 10.30 5.11 16.51
C GLU B 132 11.42 4.86 17.51
N TYR B 133 12.28 5.86 17.70
CA TYR B 133 13.32 5.80 18.71
C TYR B 133 12.89 6.51 19.99
N ARG B 134 11.59 6.53 20.28
CA ARG B 134 11.05 7.36 21.36
C ARG B 134 10.17 6.53 22.28
N GLY B 135 10.76 5.51 22.89
CA GLY B 135 10.26 5.01 24.15
C GLY B 135 10.93 5.84 25.22
N GLN B 136 10.41 7.04 25.46
CA GLN B 136 11.11 8.00 26.32
C GLN B 136 11.37 7.42 27.70
N ARG B 137 10.30 7.04 28.40
CA ARG B 137 10.46 6.34 29.67
C ARG B 137 11.12 4.99 29.50
N GLY B 138 11.24 4.51 28.26
CA GLY B 138 11.85 3.22 28.01
C GLY B 138 13.37 3.28 28.14
N LEU B 139 13.93 2.22 28.71
CA LEU B 139 15.37 1.99 28.74
C LEU B 139 15.65 0.80 27.83
N PHE B 140 15.88 1.10 26.55
CA PHE B 140 16.17 0.07 25.55
C PHE B 140 17.63 -0.39 25.71
N LEU B 141 17.85 -1.14 26.78
CA LEU B 141 19.20 -1.53 27.18
C LEU B 141 19.63 -2.80 26.45
N SER B 142 20.86 -2.79 25.95
CA SER B 142 21.45 -3.96 25.32
C SER B 142 22.21 -4.77 26.36
N ILE B 143 22.47 -6.03 26.04
CA ILE B 143 23.18 -6.94 26.94
C ILE B 143 24.54 -7.34 26.40
N ASP B 144 24.92 -6.87 25.20
CA ASP B 144 26.22 -7.21 24.64
C ASP B 144 27.31 -6.28 25.16
N GLU B 145 27.21 -5.00 24.83
CA GLU B 145 28.15 -3.99 25.33
C GLU B 145 27.80 -3.55 26.75
N PRO B 146 26.52 -3.20 27.05
CA PRO B 146 26.22 -2.71 28.40
C PRO B 146 26.30 -3.78 29.48
N ASP B 147 27.39 -3.78 30.25
CA ASP B 147 27.42 -4.49 31.52
C ASP B 147 26.95 -3.60 32.66
N GLU B 148 27.21 -2.29 32.57
CA GLU B 148 26.71 -1.31 33.52
C GLU B 148 25.37 -0.79 33.02
N ILE B 149 24.30 -1.16 33.70
CA ILE B 149 22.96 -0.79 33.29
C ILE B 149 22.29 0.19 34.26
N GLU B 150 22.68 0.20 35.53
CA GLU B 150 22.07 1.09 36.49
C GLU B 150 22.36 2.55 36.19
N GLU B 151 23.41 2.84 35.43
CA GLU B 151 23.70 4.22 35.04
C GLU B 151 22.61 4.82 34.16
N ALA B 152 21.77 3.98 33.56
CA ALA B 152 20.65 4.50 32.76
C ALA B 152 19.61 5.16 33.66
N PHE B 153 19.37 4.58 34.84
CA PHE B 153 18.40 5.17 35.77
C PHE B 153 18.85 6.52 36.29
N ASN B 154 20.15 6.83 36.21
CA ASN B 154 20.63 8.16 36.58
C ASN B 154 19.97 9.24 35.74
N THR B 155 19.61 8.91 34.49
CA THR B 155 18.87 9.86 33.67
C THR B 155 17.42 9.98 34.12
N LEU B 156 16.88 8.94 34.74
CA LEU B 156 15.50 8.95 35.22
C LEU B 156 15.41 9.61 36.59
N GLY B 159 13.04 9.09 42.62
CA GLY B 159 13.77 8.17 43.48
C GLY B 159 12.99 6.92 43.82
N PRO B 160 13.45 6.18 44.82
CA PRO B 160 12.71 4.98 45.25
C PRO B 160 11.30 5.30 45.71
N GLU B 161 11.06 6.49 46.24
CA GLU B 161 9.70 6.94 46.51
C GLU B 161 9.03 7.38 45.22
N ASP B 162 7.70 7.24 45.18
CA ASP B 162 6.90 7.61 44.01
C ASP B 162 7.23 6.73 42.80
N VAL B 163 7.41 5.43 43.05
CA VAL B 163 7.60 4.44 41.99
C VAL B 163 6.84 3.18 42.41
N ASP B 164 5.87 2.77 41.60
CA ASP B 164 4.94 1.70 41.98
C ASP B 164 5.09 0.44 41.13
N LEU B 165 5.11 0.57 39.80
CA LEU B 165 5.18 -0.60 38.93
C LEU B 165 6.14 -0.31 37.78
N ILE B 166 6.71 -1.38 37.23
CA ILE B 166 7.66 -1.28 36.12
C ILE B 166 7.53 -2.54 35.27
N VAL B 167 7.58 -2.37 33.95
CA VAL B 167 7.44 -3.47 33.01
C VAL B 167 8.74 -3.60 32.22
N CYS B 168 9.20 -4.85 32.05
CA CYS B 168 10.47 -5.12 31.38
C CYS B 168 10.36 -6.38 30.53
N THR B 169 9.64 -6.27 29.40
CA THR B 169 9.50 -7.40 28.50
C THR B 169 10.81 -7.66 27.77
N ASP B 170 11.16 -8.93 27.61
CA ASP B 170 12.22 -9.30 26.70
C ASP B 170 11.75 -9.37 25.25
N ALA B 171 10.47 -9.10 25.02
CA ALA B 171 9.88 -8.99 23.68
C ALA B 171 9.94 -10.31 22.92
N GLU B 172 9.82 -11.42 23.62
CA GLU B 172 10.09 -12.71 23.01
C GLU B 172 8.87 -13.34 22.36
N ALA B 173 7.67 -13.14 22.91
CA ALA B 173 6.47 -13.74 22.31
C ALA B 173 5.30 -12.77 22.49
N ILE B 174 5.15 -11.84 21.54
CA ILE B 174 3.94 -11.04 21.45
C ILE B 174 2.79 -11.93 21.01
N LEU B 175 1.56 -11.48 21.30
CA LEU B 175 0.38 -12.31 21.04
C LEU B 175 0.26 -12.66 19.55
N GLY B 176 0.10 -11.64 18.71
CA GLY B 176 0.02 -11.92 17.28
C GLY B 176 1.21 -12.69 16.76
N ILE B 177 2.40 -12.26 17.17
CA ILE B 177 3.66 -12.77 16.63
C ILE B 177 4.74 -12.61 17.70
N GLY B 178 5.53 -13.66 17.88
CA GLY B 178 6.64 -13.54 18.81
C GLY B 178 7.85 -12.85 18.21
N ASP B 179 8.75 -12.46 19.11
CA ASP B 179 10.17 -12.30 18.79
C ASP B 179 10.43 -11.29 17.67
N TRP B 180 10.03 -10.04 17.91
CA TRP B 180 10.47 -8.97 17.04
C TRP B 180 11.64 -8.19 17.63
N GLY B 181 11.65 -7.99 18.94
CA GLY B 181 12.82 -7.49 19.62
C GLY B 181 12.74 -6.05 20.08
N VAL B 182 13.46 -5.17 19.39
CA VAL B 182 13.59 -3.77 19.80
C VAL B 182 12.24 -3.07 19.88
N GLY B 183 11.24 -3.55 19.14
CA GLY B 183 9.91 -2.99 19.20
C GLY B 183 9.08 -3.40 20.38
N GLY B 184 9.66 -4.10 21.35
CA GLY B 184 8.92 -4.57 22.50
C GLY B 184 8.49 -3.50 23.48
N ILE B 185 8.96 -2.26 23.30
CA ILE B 185 8.61 -1.18 24.21
C ILE B 185 7.13 -0.83 24.09
N GLN B 186 6.67 -0.65 22.85
CA GLN B 186 5.26 -0.34 22.59
C GLN B 186 4.33 -1.30 23.33
N ILE B 187 4.79 -2.54 23.51
CA ILE B 187 4.05 -3.51 24.32
C ILE B 187 4.14 -3.15 25.79
N ALA B 188 5.37 -3.05 26.30
CA ALA B 188 5.59 -2.69 27.69
C ALA B 188 4.90 -1.39 28.04
N VAL B 189 4.95 -0.42 27.13
CA VAL B 189 4.18 0.81 27.31
C VAL B 189 2.68 0.51 27.26
N GLY B 190 2.27 -0.42 26.39
CA GLY B 190 0.86 -0.76 26.30
C GLY B 190 0.32 -1.34 27.59
N LYS B 191 1.09 -2.22 28.23
CA LYS B 191 0.70 -2.74 29.54
C LYS B 191 0.61 -1.61 30.56
N LEU B 192 1.63 -0.75 30.59
CA LEU B 192 1.60 0.41 31.50
C LEU B 192 0.44 1.33 31.17
N ALA B 193 0.25 1.65 29.89
CA ALA B 193 -0.84 2.53 29.50
C ALA B 193 -2.19 1.93 29.87
N LEU B 194 -2.34 0.62 29.72
CA LEU B 194 -3.57 -0.04 30.16
C LEU B 194 -3.59 -0.23 31.67
N TYR B 195 -2.41 -0.39 32.29
CA TYR B 195 -2.33 -0.50 33.74
C TYR B 195 -3.00 0.68 34.43
N THR B 196 -2.58 1.90 34.08
CA THR B 196 -3.07 3.07 34.78
C THR B 196 -4.55 3.31 34.49
N ALA B 197 -4.94 3.24 33.22
CA ALA B 197 -6.35 3.45 32.88
C ALA B 197 -7.24 2.47 33.61
N GLY B 198 -6.77 1.25 33.84
CA GLY B 198 -7.53 0.27 34.59
C GLY B 198 -7.35 0.37 36.09
N GLY B 199 -6.13 0.68 36.52
CA GLY B 199 -5.81 0.65 37.94
C GLY B 199 -5.54 2.00 38.59
N GLY B 200 -5.54 3.07 37.80
CA GLY B 200 -5.35 4.40 38.35
C GLY B 200 -3.96 4.71 38.84
N VAL B 201 -2.96 3.89 38.52
CA VAL B 201 -1.60 4.13 38.97
C VAL B 201 -1.03 5.33 38.22
N ASP B 202 -0.54 6.32 38.95
CA ASP B 202 -0.07 7.54 38.32
C ASP B 202 1.01 7.24 37.29
N PRO B 203 0.90 7.78 36.07
CA PRO B 203 1.91 7.47 35.03
C PRO B 203 3.31 7.90 35.43
N ARG B 204 3.44 8.95 36.23
CA ARG B 204 4.75 9.37 36.73
C ARG B 204 5.39 8.32 37.62
N ARG B 205 4.59 7.43 38.21
CA ARG B 205 5.08 6.41 39.13
C ARG B 205 5.38 5.09 38.43
N CYS B 206 5.44 5.07 37.10
CA CYS B 206 5.73 3.87 36.35
C CYS B 206 6.78 4.15 35.29
N LEU B 207 7.63 3.15 35.05
CA LEU B 207 8.64 3.21 34.00
C LEU B 207 8.48 2.01 33.09
N ALA B 208 8.69 2.23 31.80
CA ALA B 208 8.66 1.16 30.81
C ALA B 208 10.09 0.81 30.41
N VAL B 209 10.30 -0.46 30.07
CA VAL B 209 11.62 -0.92 29.66
C VAL B 209 11.44 -2.22 28.89
N SER B 210 12.35 -2.47 27.95
CA SER B 210 12.36 -3.71 27.19
C SER B 210 13.78 -3.95 26.70
N LEU B 211 14.31 -5.13 27.00
CA LEU B 211 15.69 -5.48 26.69
C LEU B 211 15.75 -6.13 25.32
N ASP B 212 16.52 -5.52 24.41
CA ASP B 212 16.77 -6.11 23.10
C ASP B 212 17.82 -7.19 23.26
N VAL B 213 17.39 -8.33 23.82
CA VAL B 213 18.29 -9.46 24.08
C VAL B 213 18.60 -10.24 22.84
N GLY B 214 18.00 -9.87 21.71
CA GLY B 214 17.91 -10.72 20.55
C GLY B 214 16.49 -11.22 20.38
N THR B 215 16.30 -12.55 20.46
CA THR B 215 15.01 -13.18 20.21
C THR B 215 14.42 -12.62 18.92
N ASP B 216 15.16 -12.80 17.84
CA ASP B 216 14.90 -12.13 16.58
C ASP B 216 14.49 -13.14 15.53
N ASN B 217 13.29 -12.97 14.97
CA ASN B 217 12.93 -13.68 13.75
C ASN B 217 13.82 -13.20 12.62
N GLU B 218 14.36 -14.14 11.84
CA GLU B 218 15.30 -13.80 10.77
C GLU B 218 14.74 -12.72 9.84
N GLN B 219 13.40 -12.64 9.72
CA GLN B 219 12.79 -11.55 8.98
C GLN B 219 13.13 -10.20 9.61
N LEU B 220 13.00 -10.10 10.94
CA LEU B 220 13.32 -8.85 11.61
C LEU B 220 14.81 -8.53 11.51
N LEU B 221 15.66 -9.53 11.65
CA LEU B 221 17.09 -9.32 11.55
C LEU B 221 17.49 -8.88 10.14
N ALA B 222 16.88 -9.49 9.12
CA ALA B 222 17.24 -9.17 7.74
C ALA B 222 16.89 -7.74 7.37
N ASP B 223 15.99 -7.10 8.11
CA ASP B 223 15.63 -5.72 7.82
C ASP B 223 16.83 -4.80 8.06
N PRO B 224 17.21 -3.97 7.09
CA PRO B 224 18.36 -3.09 7.31
C PRO B 224 18.10 -2.02 8.37
N PHE B 225 16.86 -1.54 8.46
CA PHE B 225 16.50 -0.48 9.40
C PHE B 225 15.85 -1.07 10.65
N TYR B 226 16.51 -2.06 11.26
CA TYR B 226 15.91 -2.75 12.39
C TYR B 226 16.02 -1.92 13.67
N LEU B 227 17.15 -1.26 13.89
CA LEU B 227 17.40 -0.45 15.08
C LEU B 227 17.23 -1.27 16.36
N GLY B 228 18.08 -2.28 16.48
CA GLY B 228 18.07 -3.14 17.65
C GLY B 228 19.34 -3.95 17.74
N ASN B 229 19.32 -4.94 18.63
CA ASN B 229 20.48 -5.81 18.82
C ASN B 229 20.75 -6.60 17.53
N ARG B 230 21.98 -6.53 17.06
CA ARG B 230 22.36 -7.12 15.78
C ARG B 230 22.65 -8.60 15.95
N HIS B 231 21.79 -9.44 15.38
CA HIS B 231 22.03 -10.88 15.24
C HIS B 231 22.38 -11.53 16.57
N ALA B 232 21.61 -11.21 17.61
CA ALA B 232 21.95 -11.63 18.96
C ALA B 232 20.81 -12.40 19.61
N ARG B 233 20.07 -13.19 18.83
CA ARG B 233 19.11 -14.13 19.41
C ARG B 233 19.90 -15.20 20.16
N ARG B 234 20.31 -14.84 21.38
CA ARG B 234 21.32 -15.57 22.12
C ARG B 234 20.73 -16.18 23.38
N ARG B 235 21.08 -17.44 23.63
CA ARG B 235 20.54 -18.18 24.76
C ARG B 235 21.64 -19.04 25.35
N GLY B 236 21.25 -19.94 26.27
CA GLY B 236 22.20 -20.77 26.97
C GLY B 236 22.16 -20.52 28.47
N ARG B 237 23.19 -20.95 29.18
CA ARG B 237 23.27 -20.69 30.62
C ARG B 237 23.53 -19.22 30.92
N GLU B 238 24.11 -18.48 29.97
CA GLU B 238 24.40 -17.07 30.19
C GLU B 238 23.14 -16.24 30.34
N TYR B 239 22.02 -16.70 29.78
CA TYR B 239 20.81 -15.89 29.70
C TYR B 239 20.32 -15.46 31.08
N ASP B 240 20.07 -16.42 31.97
CA ASP B 240 19.34 -16.14 33.19
C ASP B 240 20.07 -15.13 34.07
N GLU B 241 21.38 -15.30 34.26
CA GLU B 241 22.12 -14.40 35.13
C GLU B 241 22.23 -13.00 34.54
N PHE B 242 22.19 -12.88 33.21
CA PHE B 242 22.09 -11.55 32.60
C PHE B 242 20.78 -10.89 32.98
N VAL B 243 19.68 -11.64 32.91
CA VAL B 243 18.40 -11.14 33.40
C VAL B 243 18.43 -11.03 34.92
N SER B 244 19.07 -11.99 35.60
CA SER B 244 19.14 -11.94 37.05
C SER B 244 19.96 -10.73 37.52
N ARG B 245 20.99 -10.36 36.75
CA ARG B 245 21.70 -9.13 37.06
C ARG B 245 20.77 -7.93 37.02
N TYR B 246 19.86 -7.90 36.04
CA TYR B 246 18.93 -6.79 35.96
C TYR B 246 17.86 -6.88 37.05
N ILE B 247 17.42 -8.10 37.39
CA ILE B 247 16.35 -8.21 38.38
C ILE B 247 16.87 -7.90 39.77
N GLU B 248 18.16 -8.14 40.03
CA GLU B 248 18.71 -7.81 41.34
C GLU B 248 19.16 -6.36 41.43
N THR B 249 19.43 -5.70 40.30
CA THR B 249 19.74 -4.28 40.31
C THR B 249 18.47 -3.43 40.28
N ALA B 250 17.30 -4.05 40.18
CA ALA B 250 16.04 -3.35 40.34
C ALA B 250 15.59 -3.36 41.80
N GLN B 251 15.68 -4.53 42.45
CA GLN B 251 15.33 -4.61 43.86
C GLN B 251 16.40 -3.98 44.74
N ARG B 252 17.64 -3.90 44.26
CA ARG B 252 18.63 -3.08 44.95
C ARG B 252 18.18 -1.64 45.01
N LEU B 253 17.55 -1.15 43.93
CA LEU B 253 16.95 0.17 43.95
C LEU B 253 15.68 0.19 44.79
N PHE B 254 14.72 -0.68 44.46
CA PHE B 254 13.46 -0.71 45.20
C PHE B 254 12.75 -2.04 45.09
N PRO B 255 12.64 -2.80 46.19
CA PRO B 255 11.69 -3.91 46.23
C PRO B 255 10.25 -3.46 46.42
N ARG B 256 10.02 -2.15 46.51
CA ARG B 256 8.68 -1.57 46.64
C ARG B 256 8.09 -1.22 45.28
N ALA B 257 8.45 -1.94 44.23
CA ALA B 257 7.93 -1.70 42.89
C ALA B 257 7.71 -3.04 42.20
N ILE B 258 6.57 -3.17 41.53
CA ILE B 258 6.18 -4.42 40.89
C ILE B 258 6.83 -4.47 39.51
N LEU B 259 7.77 -5.41 39.34
CA LEU B 259 8.40 -5.65 38.03
C LEU B 259 7.48 -6.59 37.26
N HIS B 260 6.43 -6.02 36.70
CA HIS B 260 5.38 -6.77 35.99
C HIS B 260 5.69 -6.73 34.50
N PHE B 261 6.39 -7.75 34.01
CA PHE B 261 6.79 -7.84 32.62
C PHE B 261 6.08 -8.98 31.92
N GLU B 262 6.34 -9.09 30.62
CA GLU B 262 5.71 -10.10 29.76
C GLU B 262 6.78 -10.76 28.90
N ASP B 263 6.90 -12.08 29.01
CA ASP B 263 7.82 -12.88 28.22
C ASP B 263 7.05 -14.08 27.68
N PHE B 264 7.73 -14.98 26.98
CA PHE B 264 7.05 -16.20 26.58
C PHE B 264 6.80 -17.05 27.82
N GLY B 265 5.64 -17.73 27.84
CA GLY B 265 5.25 -18.50 28.99
C GLY B 265 5.99 -19.81 29.10
N PRO B 266 6.76 -20.16 28.06
CA PRO B 266 7.34 -21.50 27.98
C PRO B 266 8.31 -21.84 29.11
N ALA B 267 9.41 -21.11 29.23
CA ALA B 267 10.47 -21.51 30.15
C ALA B 267 10.86 -20.42 31.14
N ASN B 268 11.04 -19.19 30.66
CA ASN B 268 11.53 -18.12 31.53
C ASN B 268 10.52 -17.78 32.62
N ALA B 269 9.22 -17.76 32.27
CA ALA B 269 8.19 -17.30 33.19
C ALA B 269 8.27 -18.04 34.53
N ARG B 270 8.12 -19.37 34.49
CA ARG B 270 8.19 -20.15 35.72
C ARG B 270 9.58 -20.11 36.33
N LYS B 271 10.62 -20.20 35.48
CA LYS B 271 11.99 -20.19 35.99
C LYS B 271 12.30 -18.87 36.69
N ILE B 272 11.89 -17.74 36.10
CA ILE B 272 12.07 -16.45 36.76
C ILE B 272 11.17 -16.36 37.99
N LEU B 273 9.91 -16.79 37.86
CA LEU B 273 8.99 -16.75 38.99
C LEU B 273 9.46 -17.63 40.12
N ASP B 274 9.96 -18.84 39.81
CA ASP B 274 10.54 -19.67 40.84
C ASP B 274 11.80 -19.04 41.43
N THR B 275 12.53 -18.28 40.62
CA THR B 275 13.77 -17.66 41.10
C THR B 275 13.47 -16.46 42.00
N TYR B 276 12.46 -15.67 41.66
CA TYR B 276 12.24 -14.39 42.32
C TYR B 276 10.81 -14.19 42.82
N GLY B 277 9.97 -15.22 42.79
CA GLY B 277 8.59 -15.05 43.23
C GLY B 277 8.45 -14.92 44.73
N THR B 278 9.36 -15.53 45.49
CA THR B 278 9.26 -15.50 46.95
C THR B 278 9.88 -14.24 47.52
N ASP B 279 11.07 -13.86 47.04
CA ASP B 279 11.80 -12.74 47.63
C ASP B 279 11.40 -11.39 47.06
N TYR B 280 10.77 -11.35 45.89
CA TYR B 280 10.45 -10.10 45.22
C TYR B 280 9.00 -10.11 44.76
N CYS B 281 8.48 -8.91 44.47
CA CYS B 281 7.11 -8.75 44.00
C CYS B 281 7.12 -8.67 42.47
N VAL B 282 7.21 -9.84 41.85
CA VAL B 282 7.20 -9.96 40.40
C VAL B 282 6.19 -11.01 39.99
N PHE B 283 5.56 -10.80 38.84
CA PHE B 283 4.61 -11.76 38.30
C PHE B 283 4.41 -11.46 36.82
N ASN B 284 3.79 -12.41 36.13
CA ASN B 284 3.40 -12.23 34.73
C ASN B 284 1.90 -12.51 34.62
N ASP B 285 1.22 -11.69 33.81
CA ASP B 285 -0.23 -11.78 33.73
C ASP B 285 -0.68 -13.04 33.00
N ASP B 286 0.04 -13.42 31.94
CA ASP B 286 -0.42 -14.52 31.08
C ASP B 286 -0.52 -15.83 31.87
N MET B 287 0.47 -16.12 32.70
CA MET B 287 0.47 -17.37 33.46
C MET B 287 -0.23 -17.26 34.80
N GLN B 288 -0.31 -16.06 35.38
CA GLN B 288 -0.91 -15.86 36.70
C GLN B 288 -2.25 -15.14 36.64
N GLY B 289 -2.34 -14.03 35.91
CA GLY B 289 -3.57 -13.26 35.89
C GLY B 289 -4.70 -13.94 35.13
N THR B 290 -4.37 -14.70 34.08
CA THR B 290 -5.41 -15.32 33.27
C THR B 290 -6.20 -16.35 34.07
N GLY B 291 -5.50 -17.25 34.75
CA GLY B 291 -6.19 -18.27 35.54
C GLY B 291 -7.08 -17.70 36.61
N ALA B 292 -6.75 -16.48 37.10
CA ALA B 292 -7.62 -15.82 38.06
C ALA B 292 -8.98 -15.51 37.45
N VAL B 293 -8.98 -14.88 36.27
CA VAL B 293 -10.24 -14.58 35.59
C VAL B 293 -11.01 -15.85 35.29
N VAL B 294 -10.31 -16.96 35.02
CA VAL B 294 -10.99 -18.23 34.83
C VAL B 294 -11.66 -18.68 36.13
N LEU B 295 -10.97 -18.50 37.26
CA LEU B 295 -11.58 -18.83 38.55
C LEU B 295 -12.78 -17.94 38.83
N ALA B 296 -12.73 -16.68 38.37
CA ALA B 296 -13.88 -15.79 38.52
C ALA B 296 -15.06 -16.30 37.70
N ALA B 297 -14.79 -16.85 36.52
CA ALA B 297 -15.86 -17.41 35.70
C ALA B 297 -16.45 -18.67 36.32
N VAL B 298 -15.61 -19.47 37.00
CA VAL B 298 -16.10 -20.68 37.65
C VAL B 298 -17.04 -20.33 38.80
N TYR B 299 -16.63 -19.38 39.64
CA TYR B 299 -17.49 -18.95 40.74
C TYR B 299 -18.75 -18.27 40.22
N SER B 300 -18.63 -17.53 39.11
CA SER B 300 -19.80 -16.91 38.51
C SER B 300 -20.79 -17.94 38.02
N GLY B 301 -20.31 -19.11 37.58
CA GLY B 301 -21.19 -20.18 37.17
C GLY B 301 -21.74 -20.97 38.34
N LEU B 302 -20.91 -21.17 39.37
CA LEU B 302 -21.37 -21.87 40.56
C LEU B 302 -22.44 -21.09 41.33
N LYS B 303 -22.47 -19.77 41.18
CA LYS B 303 -23.47 -18.97 41.86
C LYS B 303 -24.88 -19.33 41.39
N VAL B 304 -25.07 -19.42 40.08
CA VAL B 304 -26.37 -19.80 39.56
C VAL B 304 -26.57 -21.31 39.63
N THR B 305 -25.49 -22.09 39.46
CA THR B 305 -25.62 -23.54 39.47
C THR B 305 -25.86 -24.07 40.88
N GLY B 306 -25.23 -23.47 41.87
CA GLY B 306 -25.34 -23.96 43.23
C GLY B 306 -24.54 -25.21 43.52
N ILE B 307 -23.66 -25.60 42.61
CA ILE B 307 -22.80 -26.78 42.80
C ILE B 307 -21.42 -26.29 43.15
N PRO B 308 -20.91 -26.53 44.37
CA PRO B 308 -19.58 -26.07 44.73
C PRO B 308 -18.50 -26.93 44.09
N LEU B 309 -17.26 -26.45 44.17
CA LEU B 309 -16.15 -27.12 43.52
C LEU B 309 -15.85 -28.48 44.13
N ARG B 310 -16.36 -28.78 45.32
CA ARG B 310 -16.14 -30.09 45.93
C ARG B 310 -16.79 -31.19 45.10
N ASP B 311 -18.06 -31.01 44.76
CA ASP B 311 -18.77 -31.94 43.90
C ASP B 311 -18.67 -31.56 42.42
N GLN B 312 -17.88 -30.55 42.09
CA GLN B 312 -17.68 -30.11 40.72
C GLN B 312 -16.29 -30.52 40.26
N THR B 313 -16.23 -31.33 39.20
CA THR B 313 -14.96 -31.78 38.65
C THR B 313 -14.69 -31.09 37.32
N ILE B 314 -13.41 -30.92 37.02
CA ILE B 314 -12.99 -30.10 35.89
C ILE B 314 -12.19 -30.94 34.91
N VAL B 315 -12.13 -30.45 33.67
CA VAL B 315 -11.30 -31.01 32.62
C VAL B 315 -10.34 -29.92 32.17
N VAL B 316 -9.15 -30.32 31.73
CA VAL B 316 -8.18 -29.35 31.22
C VAL B 316 -7.67 -29.80 29.86
N PHE B 317 -8.44 -29.48 28.82
CA PHE B 317 -8.09 -29.90 27.47
C PHE B 317 -6.83 -29.19 26.99
N GLY B 318 -5.90 -29.95 26.42
CA GLY B 318 -4.66 -29.38 25.93
C GLY B 318 -3.50 -29.59 26.87
N ALA B 319 -3.76 -29.47 28.17
CA ALA B 319 -2.73 -29.61 29.20
C ALA B 319 -1.55 -28.67 28.93
N GLY B 320 -1.86 -27.45 28.51
CA GLY B 320 -0.83 -26.48 28.20
C GLY B 320 -0.17 -25.92 29.43
N THR B 321 0.88 -25.13 29.20
CA THR B 321 1.62 -24.53 30.31
C THR B 321 0.71 -23.67 31.17
N ALA B 322 -0.12 -22.85 30.54
CA ALA B 322 -1.13 -22.11 31.28
C ALA B 322 -2.32 -23.00 31.64
N GLY B 323 -2.64 -23.98 30.79
CA GLY B 323 -3.73 -24.89 31.05
C GLY B 323 -3.43 -25.85 32.17
N MET B 324 -2.36 -26.64 32.04
CA MET B 324 -1.97 -27.55 33.12
C MET B 324 -1.46 -26.78 34.33
N GLY B 325 -0.94 -25.57 34.13
CA GLY B 325 -0.60 -24.72 35.26
C GLY B 325 -1.81 -24.32 36.07
N ILE B 326 -2.98 -24.23 35.42
CA ILE B 326 -4.22 -23.94 36.12
C ILE B 326 -4.68 -25.09 36.99
N ALA B 327 -4.09 -26.28 36.83
CA ALA B 327 -4.39 -27.38 37.74
C ALA B 327 -3.99 -27.04 39.16
N ASP B 328 -2.82 -26.41 39.32
CA ASP B 328 -2.45 -25.89 40.64
C ASP B 328 -3.36 -24.73 41.05
N GLN B 329 -3.89 -23.99 40.07
CA GLN B 329 -4.80 -22.89 40.40
C GLN B 329 -6.14 -23.43 40.89
N ILE B 330 -6.72 -24.38 40.16
CA ILE B 330 -8.03 -24.91 40.55
C ILE B 330 -7.92 -25.74 41.82
N ARG B 331 -6.80 -26.46 41.99
CA ARG B 331 -6.62 -27.27 43.19
C ARG B 331 -6.50 -26.38 44.43
N ASP B 332 -5.57 -25.42 44.40
CA ASP B 332 -5.40 -24.51 45.53
C ASP B 332 -6.63 -23.62 45.72
N ALA B 333 -7.41 -23.39 44.67
CA ALA B 333 -8.69 -22.71 44.87
C ALA B 333 -9.69 -23.62 45.58
N MET B 334 -9.67 -24.92 45.25
CA MET B 334 -10.51 -25.88 45.95
C MET B 334 -10.04 -26.13 47.38
N VAL B 335 -8.82 -25.70 47.73
CA VAL B 335 -8.34 -25.89 49.10
C VAL B 335 -9.25 -25.18 50.09
N ALA B 336 -9.88 -24.07 49.68
CA ALA B 336 -10.81 -23.38 50.56
C ALA B 336 -12.02 -24.25 50.88
N ASP B 337 -12.60 -24.91 49.86
CA ASP B 337 -13.75 -25.79 50.03
C ASP B 337 -13.49 -27.06 49.22
N GLY B 338 -12.62 -27.92 49.75
CA GLY B 338 -12.26 -29.15 49.07
C GLY B 338 -11.13 -29.85 49.80
N ALA B 339 -10.73 -30.99 49.25
CA ALA B 339 -9.84 -31.90 49.94
C ALA B 339 -8.38 -31.67 49.51
N THR B 340 -7.52 -32.63 49.86
CA THR B 340 -6.07 -32.47 49.81
C THR B 340 -5.56 -32.42 48.37
N LEU B 341 -4.23 -32.41 48.23
CA LEU B 341 -3.60 -32.34 46.91
C LEU B 341 -3.98 -33.54 46.05
N GLU B 342 -4.09 -34.73 46.65
CA GLU B 342 -4.44 -35.92 45.90
C GLU B 342 -5.86 -35.86 45.36
N GLN B 343 -6.75 -35.07 45.97
CA GLN B 343 -8.13 -35.01 45.51
C GLN B 343 -8.26 -34.27 44.18
N ALA B 344 -7.33 -33.35 43.88
CA ALA B 344 -7.45 -32.58 42.65
C ALA B 344 -7.31 -33.46 41.42
N VAL B 345 -6.37 -34.41 41.45
CA VAL B 345 -6.17 -35.30 40.30
C VAL B 345 -7.41 -36.15 40.05
N SER B 346 -8.16 -36.46 41.11
CA SER B 346 -9.41 -37.19 40.93
C SER B 346 -10.54 -36.27 40.46
N GLN B 347 -10.48 -34.99 40.82
CA GLN B 347 -11.48 -34.02 40.40
C GLN B 347 -11.09 -33.26 39.14
N ILE B 348 -9.86 -33.44 38.64
CA ILE B 348 -9.43 -32.82 37.40
C ILE B 348 -9.09 -33.91 36.40
N TRP B 349 -9.28 -33.60 35.13
CA TRP B 349 -9.04 -34.55 34.04
C TRP B 349 -8.25 -33.89 32.93
N PRO B 350 -6.95 -34.20 32.79
CA PRO B 350 -6.20 -33.71 31.63
C PRO B 350 -6.36 -34.60 30.41
N ILE B 351 -6.30 -33.97 29.23
CA ILE B 351 -6.45 -34.67 27.97
C ILE B 351 -5.85 -33.87 26.83
N ASP B 352 -5.68 -34.51 25.68
CA ASP B 352 -5.39 -33.91 24.37
C ASP B 352 -3.95 -33.42 24.22
N ARG B 353 -3.05 -33.74 25.15
CA ARG B 353 -1.67 -33.31 24.92
C ARG B 353 -0.95 -34.31 24.02
N PRO B 354 -0.99 -35.63 24.31
CA PRO B 354 -0.41 -36.59 23.35
C PRO B 354 -1.49 -37.29 22.54
N GLY B 355 -2.69 -36.72 22.53
CA GLY B 355 -3.84 -37.43 22.02
C GLY B 355 -4.34 -38.42 23.04
N LEU B 356 -4.48 -37.95 24.28
CA LEU B 356 -4.89 -38.82 25.38
C LEU B 356 -6.31 -39.35 25.15
N LEU B 357 -6.54 -40.58 25.61
CA LEU B 357 -7.79 -41.30 25.37
C LEU B 357 -8.08 -41.39 23.88
N PHE B 358 -7.17 -42.04 23.17
CA PHE B 358 -7.23 -42.21 21.71
C PHE B 358 -7.31 -40.86 21.00
N ILE B 392 -15.28 -38.46 25.80
CA ILE B 392 -14.05 -38.59 26.58
C ILE B 392 -14.35 -38.42 28.06
N LYS B 393 -15.58 -37.98 28.37
CA LYS B 393 -16.01 -37.72 29.75
C LYS B 393 -17.30 -38.49 30.00
N ILE B 394 -17.20 -39.60 30.74
CA ILE B 394 -18.39 -40.36 31.11
C ILE B 394 -18.95 -39.94 32.46
N ALA B 395 -18.26 -39.09 33.20
CA ALA B 395 -18.72 -38.68 34.51
C ALA B 395 -18.02 -37.38 34.91
N SER B 396 -18.55 -36.75 35.96
CA SER B 396 -17.96 -35.58 36.60
C SER B 396 -17.80 -34.40 35.65
N PRO B 397 -18.89 -33.90 35.04
CA PRO B 397 -18.74 -32.85 34.02
C PRO B 397 -19.21 -31.48 34.47
N THR B 398 -19.16 -31.22 35.79
CA THR B 398 -19.81 -30.03 36.34
C THR B 398 -19.14 -28.74 35.86
N ILE B 399 -17.85 -28.78 35.54
CA ILE B 399 -17.17 -27.59 35.05
C ILE B 399 -16.13 -28.01 34.02
N LEU B 400 -16.29 -27.59 32.78
CA LEU B 400 -15.41 -27.99 31.70
C LEU B 400 -14.58 -26.79 31.24
N LEU B 401 -13.26 -26.99 31.15
CA LEU B 401 -12.39 -25.99 30.54
C LEU B 401 -12.42 -26.18 29.03
N GLY B 402 -11.44 -25.63 28.33
CA GLY B 402 -11.36 -25.79 26.89
C GLY B 402 -9.95 -25.87 26.36
N CYS B 403 -9.81 -25.73 25.05
CA CYS B 403 -8.56 -26.05 24.37
C CYS B 403 -7.49 -25.04 24.73
N SER B 404 -6.44 -25.53 25.41
CA SER B 404 -5.17 -24.81 25.45
C SER B 404 -4.43 -24.90 24.13
N THR B 405 -5.00 -25.58 23.14
CA THR B 405 -4.42 -25.76 21.82
C THR B 405 -5.33 -25.17 20.76
N VAL B 406 -4.72 -24.82 19.62
CA VAL B 406 -5.44 -24.18 18.53
C VAL B 406 -6.51 -25.09 17.93
N TYR B 407 -6.42 -26.40 18.17
CA TYR B 407 -7.30 -27.36 17.51
C TYR B 407 -8.77 -27.13 17.83
N GLY B 408 -9.56 -26.76 16.82
CA GLY B 408 -10.97 -26.54 16.99
C GLY B 408 -11.80 -27.78 16.74
N ALA B 409 -12.59 -28.19 17.73
CA ALA B 409 -13.43 -29.37 17.60
C ALA B 409 -14.90 -28.98 17.43
N GLU B 413 -19.55 -30.68 13.67
CA GLU B 413 -18.91 -31.78 14.38
C GLU B 413 -18.88 -31.51 15.89
N VAL B 414 -20.07 -31.28 16.46
CA VAL B 414 -20.19 -30.94 17.87
C VAL B 414 -20.35 -32.21 18.69
N VAL B 415 -19.90 -32.14 19.94
CA VAL B 415 -20.04 -33.25 20.88
C VAL B 415 -21.11 -32.87 21.89
N GLU B 416 -22.35 -33.28 21.63
CA GLU B 416 -23.48 -33.01 22.52
C GLU B 416 -23.48 -33.90 23.76
N ALA B 417 -22.34 -34.51 24.10
CA ALA B 417 -22.29 -35.39 25.27
C ALA B 417 -22.49 -34.61 26.56
N MET B 418 -21.73 -33.52 26.73
CA MET B 418 -21.92 -32.67 27.91
C MET B 418 -23.32 -32.07 27.94
N THR B 419 -23.93 -31.88 26.76
CA THR B 419 -25.28 -31.35 26.69
C THR B 419 -26.29 -32.33 27.28
N ALA B 420 -26.08 -33.63 27.07
CA ALA B 420 -27.06 -34.64 27.45
C ALA B 420 -26.92 -35.07 28.91
N SER B 421 -25.70 -35.24 29.40
CA SER B 421 -25.49 -35.84 30.70
C SER B 421 -25.90 -34.90 31.83
N CYS B 422 -26.22 -35.49 32.98
CA CYS B 422 -26.58 -34.72 34.17
C CYS B 422 -25.37 -33.95 34.68
N LYS B 423 -25.50 -32.62 34.75
CA LYS B 423 -24.38 -31.77 35.14
C LYS B 423 -24.88 -30.35 35.38
N HIS B 424 -24.01 -29.55 35.99
CA HIS B 424 -24.16 -28.10 35.97
C HIS B 424 -23.45 -27.55 34.74
N PRO B 425 -24.15 -26.85 33.85
CA PRO B 425 -23.57 -26.49 32.54
C PRO B 425 -22.52 -25.38 32.67
N MET B 426 -21.28 -25.70 32.32
CA MET B 426 -20.19 -24.72 32.43
C MET B 426 -19.00 -25.26 31.62
N ILE B 427 -18.89 -24.83 30.36
CA ILE B 427 -17.80 -25.23 29.48
C ILE B 427 -17.31 -23.99 28.75
N PHE B 428 -16.01 -23.76 28.74
CA PHE B 428 -15.50 -22.64 27.95
C PHE B 428 -14.23 -22.98 27.18
N PRO B 429 -14.10 -22.49 25.94
CA PRO B 429 -13.01 -22.90 25.05
C PRO B 429 -11.67 -22.28 25.42
N LEU B 430 -11.66 -20.95 25.51
CA LEU B 430 -10.55 -20.17 26.07
C LEU B 430 -9.32 -20.13 25.15
N SER B 431 -9.54 -19.76 23.89
CA SER B 431 -8.41 -19.58 22.97
C SER B 431 -8.79 -18.58 21.88
N ASN B 432 -7.97 -17.54 21.74
CA ASN B 432 -8.14 -16.45 20.80
C ASN B 432 -7.69 -16.74 19.36
N PRO B 433 -6.54 -17.40 19.12
CA PRO B 433 -5.97 -17.37 17.75
C PRO B 433 -6.88 -17.93 16.67
N THR B 434 -7.42 -19.15 16.84
CA THR B 434 -8.29 -19.74 15.81
C THR B 434 -9.71 -19.18 15.88
N SER B 435 -10.05 -18.46 16.93
CA SER B 435 -11.42 -18.06 17.22
C SER B 435 -12.32 -19.28 17.32
N ARG B 436 -11.80 -20.36 17.90
CA ARG B 436 -12.55 -21.59 18.13
C ARG B 436 -11.67 -22.51 18.98
N MET B 437 -12.28 -23.55 19.53
CA MET B 437 -11.52 -24.53 20.31
C MET B 437 -12.34 -25.83 20.36
N GLU B 438 -12.19 -26.59 21.45
CA GLU B 438 -12.95 -27.83 21.59
C GLU B 438 -14.45 -27.60 21.45
N ALA B 439 -14.91 -26.40 21.79
CA ALA B 439 -16.26 -25.96 21.51
C ALA B 439 -16.24 -24.93 20.40
N ILE B 440 -17.32 -24.89 19.63
CA ILE B 440 -17.51 -23.92 18.56
C ILE B 440 -17.98 -22.61 19.19
N PRO B 441 -18.29 -21.54 18.42
CA PRO B 441 -18.96 -20.38 19.02
C PRO B 441 -20.19 -20.76 19.85
N ALA B 442 -20.54 -19.90 20.80
CA ALA B 442 -21.55 -20.26 21.80
C ALA B 442 -22.88 -20.62 21.17
N ASP B 443 -23.23 -20.02 20.03
CA ASP B 443 -24.50 -20.33 19.37
C ASP B 443 -24.55 -21.79 18.96
N VAL B 444 -23.54 -22.24 18.21
CA VAL B 444 -23.45 -23.65 17.86
C VAL B 444 -23.16 -24.49 19.10
N LEU B 445 -22.37 -23.94 20.03
CA LEU B 445 -22.10 -24.63 21.29
C LEU B 445 -23.35 -24.80 22.14
N ALA B 446 -24.36 -23.95 21.94
CA ALA B 446 -25.62 -24.10 22.66
C ALA B 446 -26.50 -25.15 22.00
N TRP B 447 -25.92 -26.31 21.69
CA TRP B 447 -26.70 -27.40 21.12
C TRP B 447 -27.79 -27.87 22.06
N SER B 448 -27.54 -27.78 23.37
CA SER B 448 -28.59 -28.07 24.34
C SER B 448 -29.50 -26.87 24.55
N ASN B 449 -28.93 -25.67 24.52
CA ASN B 449 -29.66 -24.42 24.77
C ASN B 449 -30.33 -24.43 26.14
N ALA B 452 -28.94 -22.43 31.81
CA ALA B 452 -27.66 -22.83 31.23
C ALA B 452 -27.01 -21.66 30.49
N LEU B 453 -25.69 -21.55 30.59
CA LEU B 453 -24.96 -20.49 29.94
C LEU B 453 -23.47 -20.82 29.95
N LEU B 454 -22.74 -20.20 29.03
CA LEU B 454 -21.29 -20.35 28.96
C LEU B 454 -20.72 -19.14 28.25
N ALA B 455 -19.59 -18.64 28.74
CA ALA B 455 -18.90 -17.50 28.17
C ALA B 455 -17.56 -17.95 27.62
N THR B 456 -17.00 -17.13 26.72
CA THR B 456 -15.80 -17.49 25.98
C THR B 456 -14.65 -16.55 26.33
N GLY B 457 -13.45 -17.12 26.44
CA GLY B 457 -12.25 -16.31 26.48
C GLY B 457 -11.96 -15.61 25.18
N SER B 458 -12.45 -16.15 24.07
CA SER B 458 -12.37 -15.45 22.80
C SER B 458 -13.36 -14.29 22.80
N PRO B 459 -12.95 -13.10 22.37
CA PRO B 459 -13.90 -11.99 22.23
C PRO B 459 -15.04 -12.34 21.28
N VAL B 460 -16.26 -12.48 21.82
CA VAL B 460 -17.39 -12.96 21.05
C VAL B 460 -18.57 -12.02 21.22
N ALA B 461 -19.51 -12.13 20.28
CA ALA B 461 -20.75 -11.39 20.20
C ALA B 461 -21.87 -12.14 20.92
N PRO B 462 -22.95 -11.46 21.31
CA PRO B 462 -24.04 -12.17 21.98
C PRO B 462 -24.84 -13.02 21.02
N VAL B 463 -25.58 -13.98 21.59
CA VAL B 463 -26.28 -14.97 20.78
C VAL B 463 -27.59 -14.42 20.25
N GLU B 464 -28.53 -14.12 21.15
CA GLU B 464 -29.86 -13.65 20.79
C GLU B 464 -30.57 -14.65 19.86
N THR B 469 -31.04 -11.44 25.84
CA THR B 469 -31.34 -12.86 25.71
C THR B 469 -30.15 -13.61 25.15
N TYR B 470 -29.63 -14.56 25.93
CA TYR B 470 -28.48 -15.38 25.55
C TYR B 470 -27.26 -14.51 25.28
N VAL B 471 -26.93 -13.65 26.23
CA VAL B 471 -25.85 -12.68 26.07
C VAL B 471 -24.78 -12.99 27.11
N ILE B 472 -23.55 -13.21 26.65
CA ILE B 472 -22.40 -13.34 27.53
C ILE B 472 -21.37 -12.29 27.12
N GLY B 473 -20.38 -12.10 27.99
CA GLY B 473 -19.29 -11.20 27.69
C GLY B 473 -17.96 -11.91 27.57
N GLN B 474 -17.01 -11.30 26.89
CA GLN B 474 -15.70 -11.91 26.71
C GLN B 474 -14.93 -11.91 28.02
N ALA B 475 -14.13 -12.97 28.22
CA ALA B 475 -13.25 -13.09 29.37
C ALA B 475 -11.84 -12.71 28.95
N ASN B 476 -11.22 -11.82 29.72
CA ASN B 476 -9.86 -11.38 29.44
C ASN B 476 -9.12 -11.19 30.76
N ASN B 477 -7.80 -11.45 30.72
CA ASN B 477 -6.96 -11.23 31.87
C ASN B 477 -6.68 -9.75 32.14
N VAL B 478 -7.21 -8.87 31.30
CA VAL B 478 -7.10 -7.42 31.52
C VAL B 478 -7.78 -7.01 32.82
N LEU B 479 -8.74 -7.80 33.29
CA LEU B 479 -9.46 -7.45 34.51
C LEU B 479 -8.63 -7.67 35.78
N ALA B 480 -7.57 -8.48 35.70
CA ALA B 480 -6.88 -8.94 36.90
C ALA B 480 -5.68 -8.07 37.26
N PHE B 481 -4.73 -7.90 36.34
CA PHE B 481 -3.46 -7.30 36.72
C PHE B 481 -3.52 -5.83 37.11
N PRO B 482 -4.55 -5.05 36.71
CA PRO B 482 -4.67 -3.72 37.33
C PRO B 482 -4.95 -3.78 38.82
N GLY B 483 -5.99 -4.51 39.22
CA GLY B 483 -6.28 -4.65 40.64
C GLY B 483 -5.22 -5.42 41.40
N ILE B 484 -4.50 -6.31 40.71
CA ILE B 484 -3.41 -7.03 41.36
C ILE B 484 -2.29 -6.08 41.74
N GLY B 485 -1.80 -5.29 40.79
CA GLY B 485 -0.74 -4.36 41.07
C GLY B 485 -1.16 -3.12 41.82
N LEU B 486 -2.45 -2.75 41.74
CA LEU B 486 -2.92 -1.59 42.47
C LEU B 486 -2.84 -1.83 43.98
N GLY B 487 -3.33 -2.97 44.43
CA GLY B 487 -3.19 -3.32 45.84
C GLY B 487 -1.75 -3.41 46.29
N VAL B 488 -0.86 -3.81 45.38
CA VAL B 488 0.57 -3.82 45.70
C VAL B 488 1.13 -2.41 45.73
N ILE B 489 0.62 -1.53 44.85
CA ILE B 489 1.01 -0.13 44.91
C ILE B 489 0.42 0.53 46.15
N VAL B 490 -0.72 0.04 46.63
CA VAL B 490 -1.32 0.57 47.84
C VAL B 490 -0.58 0.05 49.07
N ALA B 491 -0.56 -1.27 49.25
CA ALA B 491 0.02 -1.86 50.44
C ALA B 491 1.54 -1.82 50.45
N GLY B 492 2.18 -1.69 49.29
CA GLY B 492 3.63 -1.72 49.22
C GLY B 492 4.18 -3.09 49.57
N ALA B 493 3.69 -4.12 48.86
CA ALA B 493 4.08 -5.49 49.16
C ALA B 493 5.46 -5.79 48.58
N ARG B 494 6.27 -6.50 49.37
CA ARG B 494 7.59 -6.92 48.90
C ARG B 494 7.50 -8.12 47.96
N LEU B 495 6.47 -8.94 48.11
CA LEU B 495 6.29 -10.10 47.24
C LEU B 495 4.80 -10.37 47.00
N ARG B 498 1.76 -16.01 46.27
CA ARG B 498 1.01 -17.24 46.53
C ARG B 498 -0.38 -17.17 45.95
N ARG B 499 -1.08 -18.30 45.93
CA ARG B 499 -2.46 -18.31 45.45
C ARG B 499 -3.37 -17.51 46.36
N MET B 500 -3.19 -17.64 47.68
CA MET B 500 -3.95 -16.82 48.62
C MET B 500 -3.59 -15.35 48.47
N LEU B 501 -2.34 -15.05 48.13
CA LEU B 501 -2.00 -13.69 47.71
C LEU B 501 -2.79 -13.30 46.46
N HIS B 502 -2.71 -14.14 45.42
CA HIS B 502 -3.32 -13.82 44.13
C HIS B 502 -4.82 -14.01 44.12
N ALA B 503 -5.42 -14.55 45.18
CA ALA B 503 -6.86 -14.80 45.21
C ALA B 503 -7.65 -13.50 45.35
N ALA B 504 -7.57 -12.63 44.34
CA ALA B 504 -8.38 -11.43 44.29
C ALA B 504 -9.49 -11.52 43.24
N ALA B 505 -9.48 -12.56 42.41
CA ALA B 505 -10.47 -12.69 41.35
C ALA B 505 -11.87 -12.90 41.88
N LYS B 506 -12.02 -13.30 43.14
CA LYS B 506 -13.35 -13.44 43.74
C LYS B 506 -14.08 -12.12 43.77
N ALA B 507 -13.34 -11.00 43.79
CA ALA B 507 -13.98 -9.69 43.77
C ALA B 507 -14.69 -9.42 42.46
N ILE B 508 -14.27 -10.08 41.37
CA ILE B 508 -14.98 -9.95 40.11
C ILE B 508 -16.41 -10.45 40.26
N ALA B 509 -16.60 -11.51 41.06
CA ALA B 509 -17.95 -11.98 41.34
C ALA B 509 -18.73 -10.97 42.18
N HIS B 510 -18.03 -10.26 43.09
CA HIS B 510 -18.69 -9.23 43.88
C HIS B 510 -19.26 -8.13 43.00
N GLN B 511 -18.64 -7.87 41.86
CA GLN B 511 -19.12 -6.87 40.91
C GLN B 511 -19.79 -7.50 39.69
N ALA B 512 -19.88 -8.82 39.63
CA ALA B 512 -20.46 -9.49 38.48
C ALA B 512 -21.98 -9.42 38.50
N ASN B 513 -22.58 -9.75 39.65
CA ASN B 513 -24.02 -9.90 39.79
C ASN B 513 -24.65 -10.75 38.68
N PRO B 514 -24.25 -12.04 38.55
CA PRO B 514 -24.90 -12.90 37.57
C PRO B 514 -26.26 -13.39 38.04
N THR B 515 -26.79 -12.73 39.08
CA THR B 515 -28.02 -13.20 39.72
C THR B 515 -29.17 -13.29 38.75
N ASN B 516 -29.23 -12.39 37.77
CA ASN B 516 -30.24 -12.48 36.72
C ASN B 516 -30.09 -13.80 35.97
N PRO B 517 -31.16 -14.57 35.79
CA PRO B 517 -30.99 -15.93 35.24
C PRO B 517 -30.48 -15.95 33.81
N GLY B 518 -30.88 -15.00 32.97
CA GLY B 518 -30.58 -15.09 31.56
C GLY B 518 -29.59 -14.08 31.02
N ASP B 519 -29.74 -12.82 31.41
CA ASP B 519 -28.99 -11.73 30.78
C ASP B 519 -27.49 -11.80 31.06
N SER B 520 -27.08 -11.45 32.27
CA SER B 520 -25.67 -11.25 32.59
C SER B 520 -25.08 -12.53 33.19
N LEU B 521 -24.10 -13.10 32.50
CA LEU B 521 -23.33 -14.22 33.01
C LEU B 521 -21.84 -14.01 32.91
N LEU B 522 -21.39 -12.85 32.43
CA LEU B 522 -19.99 -12.57 32.21
C LEU B 522 -19.31 -12.11 33.50
N PRO B 523 -17.98 -12.17 33.55
CA PRO B 523 -17.24 -11.61 34.69
C PRO B 523 -17.67 -10.20 35.07
N ASP B 524 -17.43 -9.23 34.20
CA ASP B 524 -17.79 -7.85 34.50
C ASP B 524 -17.79 -7.04 33.21
N VAL B 525 -18.61 -6.00 33.19
CA VAL B 525 -18.66 -5.10 32.04
C VAL B 525 -17.33 -4.37 31.93
N GLN B 526 -16.95 -4.04 30.69
CA GLN B 526 -15.62 -3.49 30.43
C GLN B 526 -15.51 -2.01 30.72
N ASN B 527 -16.62 -1.28 30.72
CA ASN B 527 -16.58 0.18 30.82
C ASN B 527 -16.41 0.69 32.25
N LEU B 528 -16.17 -0.19 33.22
CA LEU B 528 -16.10 0.20 34.62
C LEU B 528 -14.70 -0.08 35.16
N ARG B 529 -14.10 0.94 35.77
CA ARG B 529 -12.88 0.77 36.55
C ARG B 529 -13.17 0.54 38.03
N ALA B 530 -14.43 0.72 38.46
CA ALA B 530 -14.79 0.51 39.86
C ALA B 530 -14.67 -0.94 40.28
N ILE B 531 -14.65 -1.88 39.32
CA ILE B 531 -14.38 -3.27 39.67
C ILE B 531 -12.94 -3.42 40.14
N SER B 532 -12.01 -2.65 39.56
CA SER B 532 -10.63 -2.68 40.03
C SER B 532 -10.52 -2.11 41.44
N THR B 533 -11.32 -1.09 41.75
CA THR B 533 -11.37 -0.58 43.11
C THR B 533 -11.93 -1.63 44.07
N THR B 534 -12.95 -2.37 43.63
CA THR B 534 -13.47 -3.46 44.45
C THR B 534 -12.46 -4.59 44.61
N VAL B 535 -11.58 -4.77 43.63
CA VAL B 535 -10.49 -5.73 43.77
C VAL B 535 -9.48 -5.23 44.80
N ALA B 536 -9.25 -3.92 44.83
CA ALA B 536 -8.36 -3.34 45.83
C ALA B 536 -8.86 -3.62 47.24
N GLU B 537 -10.17 -3.46 47.47
CA GLU B 537 -10.74 -3.79 48.77
C GLU B 537 -10.52 -5.25 49.11
N ALA B 538 -10.46 -6.12 48.10
CA ALA B 538 -10.15 -7.53 48.34
C ALA B 538 -8.65 -7.78 48.40
N VAL B 539 -7.85 -6.92 47.75
CA VAL B 539 -6.41 -7.15 47.70
C VAL B 539 -5.73 -6.59 48.94
N TYR B 540 -6.22 -5.46 49.45
CA TYR B 540 -5.58 -4.84 50.63
C TYR B 540 -5.60 -5.77 51.84
N ARG B 541 -6.55 -6.70 51.88
CA ARG B 541 -6.63 -7.67 52.97
C ARG B 541 -5.48 -8.68 52.96
N ALA B 542 -4.59 -8.62 51.96
CA ALA B 542 -3.44 -9.52 51.93
C ALA B 542 -2.44 -9.21 53.04
N ALA B 543 -2.46 -7.99 53.59
CA ALA B 543 -1.54 -7.64 54.65
C ALA B 543 -1.86 -8.39 55.94
N VAL B 544 -3.08 -8.21 56.44
CA VAL B 544 -3.44 -8.82 57.72
C VAL B 544 -3.72 -10.31 57.57
N GLN B 545 -4.40 -10.69 56.49
CA GLN B 545 -4.88 -12.06 56.35
C GLN B 545 -3.90 -12.99 55.66
N ASP B 546 -3.08 -12.49 54.74
CA ASP B 546 -2.30 -13.37 53.86
C ASP B 546 -0.81 -13.40 54.15
N GLY B 547 -0.23 -12.34 54.67
CA GLY B 547 1.19 -12.41 55.00
C GLY B 547 1.84 -11.04 54.97
N VAL B 548 3.11 -11.03 54.56
CA VAL B 548 3.94 -9.85 54.66
C VAL B 548 3.40 -8.74 53.76
N ALA B 549 3.52 -7.50 54.23
CA ALA B 549 3.13 -6.30 53.49
C ALA B 549 3.58 -5.09 54.29
N SER B 550 3.11 -3.91 53.89
CA SER B 550 3.39 -2.65 54.58
C SER B 550 2.14 -1.78 54.58
N ARG B 551 0.99 -2.38 54.85
CA ARG B 551 -0.30 -1.71 54.76
C ARG B 551 -0.76 -1.28 56.15
N THR B 552 -1.12 0.00 56.28
CA THR B 552 -1.61 0.56 57.53
C THR B 552 -2.85 1.42 57.32
N HIS B 553 -3.48 1.36 56.15
CA HIS B 553 -4.49 2.32 55.76
C HIS B 553 -5.88 1.91 56.25
N ASP B 554 -6.80 2.86 56.19
CA ASP B 554 -8.20 2.61 56.49
C ASP B 554 -8.88 1.91 55.31
N ASP B 555 -10.11 1.46 55.55
CA ASP B 555 -10.82 0.66 54.55
C ASP B 555 -11.15 1.47 53.29
N VAL B 556 -11.40 2.76 53.44
CA VAL B 556 -11.78 3.61 52.31
C VAL B 556 -10.63 3.69 51.31
N ARG B 557 -9.56 4.39 51.69
CA ARG B 557 -8.39 4.58 50.82
C ARG B 557 -8.82 5.08 49.45
N GLN B 558 -9.55 6.19 49.45
CA GLN B 558 -10.30 6.61 48.26
C GLN B 558 -9.38 7.09 47.14
N ALA B 559 -8.19 7.61 47.46
CA ALA B 559 -7.30 8.19 46.48
C ALA B 559 -5.88 7.67 46.69
N ILE B 560 -5.69 6.38 46.42
CA ILE B 560 -4.37 5.77 46.53
C ILE B 560 -3.76 5.62 45.14
N VAL C 28 -21.89 -25.60 -21.64
CA VAL C 28 -20.60 -25.96 -21.05
C VAL C 28 -19.53 -26.02 -22.13
N PRO C 29 -18.89 -24.89 -22.42
CA PRO C 29 -17.89 -24.86 -23.48
C PRO C 29 -16.69 -25.74 -23.16
N ARG C 30 -16.16 -26.39 -24.18
CA ARG C 30 -15.04 -27.32 -24.04
C ARG C 30 -13.73 -26.60 -24.37
N ILE C 31 -12.68 -26.97 -23.64
CA ILE C 31 -11.36 -26.38 -23.82
C ILE C 31 -10.49 -27.33 -24.63
N PRO C 32 -9.53 -26.83 -25.39
CA PRO C 32 -8.54 -27.72 -26.01
C PRO C 32 -7.46 -28.10 -25.03
N ALA C 33 -6.94 -29.32 -25.17
CA ALA C 33 -5.85 -29.77 -24.33
C ALA C 33 -4.59 -28.95 -24.52
N ALA C 34 -4.48 -28.25 -25.66
CA ALA C 34 -3.33 -27.37 -25.88
C ALA C 34 -3.36 -26.19 -24.94
N LEU C 35 -4.51 -25.51 -24.84
CA LEU C 35 -4.66 -24.44 -23.87
C LEU C 35 -4.95 -24.94 -22.47
N SER C 36 -5.36 -26.21 -22.34
CA SER C 36 -5.55 -26.79 -21.01
C SER C 36 -4.22 -27.20 -20.40
N ALA C 37 -3.55 -28.18 -21.01
CA ALA C 37 -2.24 -28.60 -20.53
C ALA C 37 -1.21 -27.50 -20.83
N PRO C 38 -0.32 -27.21 -19.90
CA PRO C 38 0.60 -26.07 -20.09
C PRO C 38 1.80 -26.40 -20.97
N SER C 39 2.31 -27.63 -20.87
CA SER C 39 3.55 -27.99 -21.55
C SER C 39 3.41 -27.82 -23.06
N LEU C 40 2.35 -28.35 -23.64
CA LEU C 40 2.17 -28.27 -25.09
C LEU C 40 1.84 -26.86 -25.56
N ASN C 41 1.39 -25.99 -24.66
CA ASN C 41 1.00 -24.64 -25.06
C ASN C 41 2.19 -23.86 -25.58
N ARG C 42 2.00 -23.19 -26.72
CA ARG C 42 2.98 -22.26 -27.25
C ARG C 42 2.32 -20.96 -27.69
N GLY C 43 1.02 -20.81 -27.46
CA GLY C 43 0.35 -19.56 -27.80
C GLY C 43 0.37 -19.33 -29.29
N VAL C 44 0.65 -18.07 -29.68
CA VAL C 44 0.60 -17.68 -31.08
C VAL C 44 1.77 -18.22 -31.89
N GLY C 45 2.70 -18.94 -31.26
CA GLY C 45 3.71 -19.64 -32.01
C GLY C 45 3.15 -20.74 -32.89
N PHE C 46 1.94 -21.21 -32.59
CA PHE C 46 1.25 -22.17 -33.43
C PHE C 46 1.01 -21.57 -34.80
N THR C 47 1.51 -22.24 -35.84
CA THR C 47 1.15 -21.85 -37.19
C THR C 47 -0.30 -22.24 -37.48
N HIS C 48 -0.85 -21.69 -38.56
CA HIS C 48 -2.22 -22.02 -38.92
C HIS C 48 -2.37 -23.51 -39.19
N ALA C 49 -1.29 -24.17 -39.63
CA ALA C 49 -1.35 -25.61 -39.88
C ALA C 49 -1.70 -26.38 -38.62
N GLN C 50 -0.96 -26.13 -37.54
CA GLN C 50 -1.18 -26.87 -36.30
C GLN C 50 -2.25 -26.24 -35.41
N ARG C 51 -2.63 -24.99 -35.67
CA ARG C 51 -3.85 -24.47 -35.05
C ARG C 51 -5.07 -25.20 -35.59
N ARG C 52 -5.12 -25.37 -36.91
CA ARG C 52 -6.17 -26.19 -37.51
C ARG C 52 -6.03 -27.65 -37.11
N ARG C 53 -4.81 -28.11 -36.86
CA ARG C 53 -4.58 -29.53 -36.56
C ARG C 53 -5.19 -29.92 -35.22
N LEU C 54 -5.32 -28.98 -34.29
CA LEU C 54 -6.02 -29.24 -33.03
C LEU C 54 -7.22 -28.31 -32.88
N GLY C 55 -7.65 -27.69 -33.97
CA GLY C 55 -8.84 -26.87 -33.97
C GLY C 55 -8.80 -25.76 -32.94
N LEU C 56 -7.82 -24.87 -33.06
CA LEU C 56 -7.79 -23.65 -32.27
C LEU C 56 -8.25 -22.45 -33.09
N THR C 57 -8.94 -22.72 -34.21
CA THR C 57 -9.31 -21.69 -35.16
C THR C 57 -10.11 -20.59 -34.48
N GLY C 58 -9.55 -19.38 -34.47
CA GLY C 58 -10.20 -18.25 -33.86
C GLY C 58 -10.07 -18.15 -32.36
N ARG C 59 -9.68 -19.23 -31.68
CA ARG C 59 -9.50 -19.17 -30.24
C ARG C 59 -8.14 -18.61 -29.85
N LEU C 60 -7.30 -18.30 -30.84
CA LEU C 60 -6.00 -17.69 -30.68
C LEU C 60 -5.89 -16.65 -31.79
N PRO C 61 -5.24 -15.51 -31.55
CA PRO C 61 -5.26 -14.42 -32.53
C PRO C 61 -4.68 -14.85 -33.87
N SER C 62 -5.08 -14.13 -34.91
CA SER C 62 -4.64 -14.42 -36.28
C SER C 62 -3.24 -13.90 -36.53
N ALA C 63 -2.30 -14.21 -35.64
CA ALA C 63 -0.95 -13.72 -35.76
C ALA C 63 0.02 -14.89 -35.85
N VAL C 64 1.24 -14.58 -36.26
CA VAL C 64 2.36 -15.50 -36.23
C VAL C 64 3.50 -14.83 -35.47
N LEU C 65 4.01 -15.50 -34.44
CA LEU C 65 5.02 -14.92 -33.56
C LEU C 65 6.17 -15.91 -33.41
N THR C 66 7.37 -15.48 -33.75
CA THR C 66 8.56 -16.25 -33.43
C THR C 66 8.67 -16.41 -31.92
N LEU C 67 9.34 -17.49 -31.49
CA LEU C 67 9.52 -17.71 -30.07
C LEU C 67 10.33 -16.58 -29.45
N ASP C 68 11.41 -16.14 -30.12
CA ASP C 68 12.13 -14.97 -29.66
C ASP C 68 11.27 -13.72 -29.74
N GLN C 69 10.32 -13.68 -30.68
CA GLN C 69 9.38 -12.57 -30.74
C GLN C 69 8.42 -12.62 -29.55
N GLN C 70 8.00 -13.82 -29.15
CA GLN C 70 7.18 -13.96 -27.95
C GLN C 70 7.97 -13.59 -26.70
N ALA C 71 9.24 -14.01 -26.64
CA ALA C 71 10.05 -13.71 -25.47
C ALA C 71 10.27 -12.20 -25.30
N GLU C 72 10.59 -11.51 -26.40
CA GLU C 72 10.67 -10.06 -26.35
C GLU C 72 9.33 -9.45 -25.99
N ARG C 73 8.24 -10.11 -26.39
CA ARG C 73 6.91 -9.63 -26.08
C ARG C 73 6.62 -9.66 -24.58
N VAL C 74 7.10 -10.71 -23.89
CA VAL C 74 7.01 -10.72 -22.43
C VAL C 74 8.07 -9.81 -21.82
N TRP C 75 9.23 -9.66 -22.48
CA TRP C 75 10.32 -8.88 -21.92
C TRP C 75 9.95 -7.42 -21.77
N HIS C 76 9.61 -6.76 -22.90
CA HIS C 76 9.15 -5.38 -22.85
C HIS C 76 8.00 -5.22 -21.86
N GLN C 77 7.05 -6.16 -21.89
CA GLN C 77 5.95 -6.14 -20.93
C GLN C 77 6.44 -6.28 -19.51
N LEU C 78 7.49 -7.09 -19.31
CA LEU C 78 8.08 -7.20 -17.98
C LEU C 78 8.74 -5.91 -17.53
N GLN C 79 9.09 -5.03 -18.48
CA GLN C 79 9.68 -3.75 -18.15
C GLN C 79 8.64 -2.66 -17.91
N SER C 80 7.40 -2.87 -18.35
CA SER C 80 6.38 -1.84 -18.25
C SER C 80 6.06 -1.50 -16.80
N LEU C 81 5.89 -2.52 -15.96
CA LEU C 81 5.64 -2.27 -14.55
C LEU C 81 6.95 -2.01 -13.82
N ALA C 82 6.91 -1.08 -12.87
CA ALA C 82 8.11 -0.69 -12.13
C ALA C 82 8.29 -1.47 -10.84
N THR C 83 7.24 -2.12 -10.35
CA THR C 83 7.34 -2.89 -9.11
C THR C 83 8.33 -4.03 -9.26
N GLU C 84 9.28 -4.10 -8.33
CA GLU C 84 10.19 -5.25 -8.31
C GLU C 84 9.43 -6.53 -8.01
N LEU C 85 8.45 -6.45 -7.12
CA LEU C 85 7.60 -7.61 -6.81
C LEU C 85 6.78 -8.02 -8.03
N GLY C 86 6.05 -7.08 -8.62
CA GLY C 86 5.07 -7.36 -9.66
C GLY C 86 5.54 -8.28 -10.78
N ARG C 87 6.84 -8.32 -11.02
CA ARG C 87 7.38 -9.21 -12.06
C ARG C 87 7.15 -10.66 -11.69
N ASN C 88 7.30 -11.01 -10.42
CA ASN C 88 7.17 -12.41 -10.00
C ASN C 88 5.76 -12.93 -10.25
N LEU C 89 4.75 -12.09 -10.06
CA LEU C 89 3.37 -12.51 -10.29
C LEU C 89 3.14 -12.85 -11.76
N LEU C 90 3.72 -12.05 -12.66
CA LEU C 90 3.54 -12.29 -14.09
C LEU C 90 4.20 -13.58 -14.54
N LEU C 91 5.13 -14.12 -13.76
CA LEU C 91 5.75 -15.39 -14.11
C LEU C 91 4.94 -16.59 -13.61
N GLU C 92 4.28 -16.45 -12.45
CA GLU C 92 3.36 -17.48 -12.01
C GLU C 92 2.23 -17.68 -13.01
N GLN C 93 1.68 -16.58 -13.53
CA GLN C 93 0.64 -16.68 -14.55
C GLN C 93 1.17 -17.28 -15.85
N LEU C 94 2.45 -17.04 -16.15
CA LEU C 94 3.04 -17.64 -17.34
C LEU C 94 3.39 -19.10 -17.13
N HIS C 95 3.84 -19.46 -15.92
CA HIS C 95 4.10 -20.86 -15.61
C HIS C 95 2.86 -21.72 -15.79
N TYR C 96 1.69 -21.18 -15.42
CA TYR C 96 0.46 -21.92 -15.61
C TYR C 96 0.02 -21.93 -17.07
N ARG C 97 0.30 -20.86 -17.81
CA ARG C 97 -0.10 -20.79 -19.20
C ARG C 97 0.74 -21.73 -20.06
N HIS C 98 2.05 -21.47 -20.14
CA HIS C 98 2.95 -22.34 -20.89
C HIS C 98 4.36 -22.18 -20.33
N GLU C 99 4.98 -23.32 -19.97
CA GLU C 99 6.29 -23.29 -19.33
C GLU C 99 7.36 -22.73 -20.26
N VAL C 100 7.17 -22.89 -21.58
CA VAL C 100 8.28 -22.69 -22.52
C VAL C 100 8.82 -21.27 -22.44
N LEU C 101 7.93 -20.27 -22.54
CA LEU C 101 8.38 -18.89 -22.47
C LEU C 101 8.98 -18.57 -21.11
N TYR C 102 8.37 -19.07 -20.04
CA TYR C 102 8.92 -18.88 -18.70
C TYR C 102 10.39 -19.26 -18.65
N PHE C 103 10.75 -20.40 -19.24
CA PHE C 103 12.11 -20.88 -19.20
C PHE C 103 12.99 -20.32 -20.31
N LYS C 104 12.41 -19.96 -21.45
CA LYS C 104 13.21 -19.34 -22.50
C LYS C 104 13.55 -17.88 -22.18
N VAL C 105 12.56 -17.12 -21.70
CA VAL C 105 12.85 -15.78 -21.22
C VAL C 105 13.76 -15.84 -19.99
N LEU C 106 13.73 -16.96 -19.26
CA LEU C 106 14.61 -17.14 -18.12
C LEU C 106 16.01 -17.55 -18.53
N ALA C 107 16.17 -18.03 -19.77
CA ALA C 107 17.51 -18.23 -20.32
C ALA C 107 18.24 -16.90 -20.48
N ASP C 108 17.53 -15.84 -20.88
CA ASP C 108 18.10 -14.50 -21.02
C ASP C 108 17.98 -13.80 -19.66
N HIS C 109 18.88 -14.16 -18.74
CA HIS C 109 18.73 -13.62 -17.41
C HIS C 109 20.05 -13.61 -16.67
N LEU C 110 20.43 -12.38 -16.25
CA LEU C 110 21.18 -11.96 -15.09
C LEU C 110 20.21 -11.17 -14.21
N PRO C 111 19.25 -10.37 -14.74
CA PRO C 111 18.32 -9.71 -13.81
C PRO C 111 17.32 -10.66 -13.20
N GLU C 112 16.97 -11.77 -13.85
CA GLU C 112 15.74 -12.45 -13.46
C GLU C 112 15.95 -13.49 -12.36
N LEU C 113 17.19 -13.80 -12.05
CA LEU C 113 17.47 -14.78 -11.01
C LEU C 113 17.14 -14.21 -9.63
N MET C 114 17.37 -12.92 -9.42
CA MET C 114 17.02 -12.31 -8.15
C MET C 114 15.53 -12.36 -7.85
N PRO C 115 14.61 -11.93 -8.74
CA PRO C 115 13.18 -12.04 -8.38
C PRO C 115 12.73 -13.47 -8.20
N VAL C 116 13.21 -14.36 -9.06
CA VAL C 116 12.79 -15.77 -9.04
C VAL C 116 13.15 -16.40 -7.70
N VAL C 117 14.36 -16.15 -7.19
CA VAL C 117 14.75 -16.83 -5.96
C VAL C 117 15.73 -16.07 -5.05
N TYR C 118 16.44 -15.06 -5.56
CA TYR C 118 17.38 -14.39 -4.66
C TYR C 118 16.65 -13.66 -3.54
N THR C 119 15.60 -12.90 -3.86
CA THR C 119 14.97 -12.16 -2.77
C THR C 119 13.44 -12.26 -2.71
N PRO C 120 12.68 -11.90 -3.76
CA PRO C 120 11.21 -11.82 -3.59
C PRO C 120 10.56 -13.11 -3.14
N THR C 121 10.87 -14.23 -3.79
CA THR C 121 10.19 -15.50 -3.50
C THR C 121 10.15 -15.80 -2.01
N VAL C 122 11.21 -15.46 -1.29
CA VAL C 122 11.34 -15.87 0.10
C VAL C 122 10.48 -15.00 1.03
N GLY C 123 10.32 -13.72 0.72
CA GLY C 123 9.64 -12.81 1.64
C GLY C 123 8.28 -12.35 1.14
N GLU C 124 8.21 -11.95 -0.13
CA GLU C 124 6.95 -11.50 -0.70
C GLU C 124 6.07 -12.68 -1.10
N ALA C 125 6.52 -13.48 -2.08
CA ALA C 125 5.72 -14.59 -2.58
C ALA C 125 5.36 -15.58 -1.48
N ILE C 126 6.33 -15.94 -0.64
CA ILE C 126 6.09 -16.93 0.41
C ILE C 126 5.06 -16.42 1.41
N GLN C 127 5.09 -15.12 1.71
CA GLN C 127 4.15 -14.56 2.66
C GLN C 127 2.79 -14.31 1.98
N ARG C 128 1.85 -13.77 2.75
CA ARG C 128 0.45 -13.70 2.33
C ARG C 128 0.24 -12.87 1.07
N PHE C 129 1.23 -12.05 0.68
CA PHE C 129 1.07 -11.18 -0.47
C PHE C 129 0.77 -11.95 -1.75
N SER C 130 1.19 -13.21 -1.83
CA SER C 130 0.95 -14.01 -3.04
C SER C 130 0.90 -15.50 -2.72
N ASP C 131 0.07 -15.88 -1.75
CA ASP C 131 -0.21 -17.29 -1.49
C ASP C 131 -1.47 -17.70 -2.25
N GLU C 132 -1.32 -17.79 -3.56
CA GLU C 132 -2.43 -18.01 -4.48
C GLU C 132 -2.89 -19.46 -4.55
N TYR C 133 -2.50 -20.29 -3.57
CA TYR C 133 -2.95 -21.68 -3.44
C TYR C 133 -2.85 -22.46 -4.75
N ARG C 134 -1.88 -22.11 -5.60
CA ARG C 134 -1.68 -22.75 -6.90
C ARG C 134 -0.33 -23.45 -6.91
N GLY C 135 -0.34 -24.77 -6.78
CA GLY C 135 0.86 -25.57 -6.92
C GLY C 135 0.68 -26.65 -7.97
N GLN C 136 1.44 -26.57 -9.06
CA GLN C 136 1.23 -27.48 -10.19
C GLN C 136 1.46 -28.94 -9.77
N ARG C 137 2.68 -29.26 -9.35
CA ARG C 137 3.02 -30.59 -8.87
C ARG C 137 3.57 -30.51 -7.44
N GLY C 138 3.11 -29.54 -6.67
CA GLY C 138 3.67 -29.33 -5.34
C GLY C 138 3.52 -30.53 -4.44
N LEU C 139 2.34 -31.16 -4.46
CA LEU C 139 2.05 -32.33 -3.64
C LEU C 139 2.30 -32.05 -2.16
N PHE C 140 1.45 -31.17 -1.63
CA PHE C 140 1.51 -30.82 -0.22
C PHE C 140 1.17 -32.03 0.64
N LEU C 141 2.09 -32.43 1.51
CA LEU C 141 1.93 -33.61 2.35
C LEU C 141 1.71 -33.19 3.79
N SER C 142 0.58 -33.61 4.36
CA SER C 142 0.26 -33.29 5.74
C SER C 142 0.75 -34.41 6.65
N ILE C 143 1.68 -34.08 7.53
CA ILE C 143 2.27 -35.08 8.42
C ILE C 143 1.28 -35.50 9.50
N ASP C 144 0.73 -34.54 10.22
CA ASP C 144 -0.12 -34.84 11.38
C ASP C 144 -1.07 -33.68 11.67
N PRO C 146 -1.60 -38.66 8.49
CA PRO C 146 -2.01 -39.07 7.14
C PRO C 146 -1.01 -39.99 6.46
N ASP C 147 -1.39 -41.26 6.29
CA ASP C 147 -0.58 -42.24 5.58
C ASP C 147 -0.91 -42.31 4.10
N GLU C 148 -1.46 -41.23 3.53
CA GLU C 148 -1.89 -41.18 2.13
C GLU C 148 -0.79 -40.65 1.21
N ILE C 149 0.47 -40.98 1.49
CA ILE C 149 1.57 -40.42 0.70
C ILE C 149 1.62 -41.08 -0.68
N GLU C 150 1.51 -42.41 -0.72
CA GLU C 150 1.58 -43.12 -2.00
C GLU C 150 0.44 -42.73 -2.92
N GLU C 151 -0.70 -42.31 -2.36
CA GLU C 151 -1.81 -41.86 -3.19
C GLU C 151 -1.44 -40.61 -3.97
N ALA C 152 -0.64 -39.72 -3.36
CA ALA C 152 -0.16 -38.55 -4.07
C ALA C 152 0.96 -38.88 -5.04
N PHE C 153 1.77 -39.90 -4.73
CA PHE C 153 2.85 -40.28 -5.63
C PHE C 153 2.31 -40.87 -6.93
N ASN C 154 1.19 -41.60 -6.87
CA ASN C 154 0.65 -42.24 -8.06
C ASN C 154 0.11 -41.23 -9.05
N THR C 155 -0.72 -40.29 -8.59
CA THR C 155 -1.26 -39.29 -9.49
C THR C 155 -0.13 -38.48 -10.10
N LEU C 156 -0.37 -37.97 -11.32
CA LEU C 156 0.63 -37.37 -12.18
C LEU C 156 1.62 -38.39 -12.74
N GLY C 157 1.23 -39.66 -12.80
CA GLY C 157 2.02 -40.66 -13.49
C GLY C 157 3.14 -41.26 -12.66
N LEU C 158 4.04 -41.94 -13.35
CA LEU C 158 5.19 -42.59 -12.73
C LEU C 158 6.27 -42.76 -13.79
N GLY C 159 7.38 -43.36 -13.39
CA GLY C 159 8.50 -43.58 -14.28
C GLY C 159 9.59 -44.46 -13.69
N ASP C 164 12.36 -37.52 -11.99
CA ASP C 164 13.76 -37.70 -11.63
C ASP C 164 14.12 -36.90 -10.39
N LEU C 165 14.25 -35.59 -10.54
CA LEU C 165 14.66 -34.72 -9.45
C LEU C 165 13.45 -34.25 -8.66
N ILE C 166 13.56 -34.24 -7.34
CA ILE C 166 12.53 -33.73 -6.46
C ILE C 166 13.17 -32.80 -5.44
N VAL C 167 12.49 -31.70 -5.14
CA VAL C 167 12.93 -30.73 -4.14
C VAL C 167 11.92 -30.75 -3.00
N CYS C 168 12.41 -31.00 -1.79
CA CYS C 168 11.57 -31.13 -0.61
C CYS C 168 11.93 -30.05 0.40
N THR C 169 10.93 -29.27 0.82
CA THR C 169 11.16 -28.19 1.75
C THR C 169 10.06 -28.15 2.80
N ASP C 170 10.41 -27.59 3.96
CA ASP C 170 9.46 -27.30 5.02
C ASP C 170 9.42 -25.82 5.36
N ALA C 171 10.21 -24.99 4.67
CA ALA C 171 10.21 -23.53 4.81
C ALA C 171 10.77 -23.08 6.16
N GLU C 172 11.62 -23.88 6.78
CA GLU C 172 12.30 -23.48 8.02
C GLU C 172 13.59 -22.75 7.67
N ALA C 173 13.81 -21.62 8.36
CA ALA C 173 15.01 -20.81 8.20
C ALA C 173 15.29 -20.49 6.73
N ILE C 174 14.35 -19.80 6.11
CA ILE C 174 14.55 -19.28 4.77
C ILE C 174 15.48 -18.07 4.83
N LEU C 175 16.20 -17.84 3.74
CA LEU C 175 17.12 -16.70 3.70
C LEU C 175 16.38 -15.39 3.91
N GLY C 176 15.08 -15.35 3.60
CA GLY C 176 14.28 -14.17 3.81
C GLY C 176 13.59 -14.13 5.16
N ILE C 177 12.88 -15.21 5.51
CA ILE C 177 12.11 -15.30 6.75
C ILE C 177 12.34 -16.67 7.36
N GLY C 178 11.71 -16.91 8.50
CA GLY C 178 11.85 -18.18 9.18
C GLY C 178 10.74 -19.15 8.83
N ASP C 179 10.19 -19.81 9.84
CA ASP C 179 9.10 -20.75 9.62
C ASP C 179 7.86 -20.02 9.10
N TRP C 180 7.59 -20.17 7.80
CA TRP C 180 6.30 -19.86 7.20
C TRP C 180 5.75 -21.18 6.65
N GLY C 181 5.45 -22.10 7.56
CA GLY C 181 5.31 -23.50 7.18
C GLY C 181 4.22 -23.74 6.16
N VAL C 182 3.09 -23.04 6.28
CA VAL C 182 1.98 -23.26 5.36
C VAL C 182 2.43 -22.90 3.95
N GLY C 183 2.11 -23.75 2.99
CA GLY C 183 2.64 -23.55 1.66
C GLY C 183 4.15 -23.58 1.68
N GLY C 184 4.77 -22.54 1.13
CA GLY C 184 6.21 -22.48 1.05
C GLY C 184 6.82 -23.23 -0.12
N ILE C 185 6.03 -23.53 -1.15
CA ILE C 185 6.56 -24.23 -2.32
C ILE C 185 7.20 -23.29 -3.33
N GLN C 186 6.93 -21.99 -3.23
CA GLN C 186 7.37 -21.05 -4.26
C GLN C 186 8.88 -21.06 -4.42
N ILE C 187 9.62 -21.30 -3.34
CA ILE C 187 11.06 -21.43 -3.44
C ILE C 187 11.45 -22.79 -4.02
N ALA C 188 10.64 -23.81 -3.81
CA ALA C 188 10.93 -25.14 -4.36
C ALA C 188 10.84 -25.12 -5.88
N VAL C 189 9.77 -24.52 -6.42
CA VAL C 189 9.68 -24.34 -7.86
C VAL C 189 10.75 -23.39 -8.35
N GLY C 190 11.14 -22.42 -7.52
CA GLY C 190 12.24 -21.54 -7.89
C GLY C 190 13.54 -22.28 -8.06
N LYS C 191 13.82 -23.23 -7.16
CA LYS C 191 15.01 -24.06 -7.31
C LYS C 191 14.96 -24.86 -8.60
N LEU C 192 13.84 -25.55 -8.85
CA LEU C 192 13.71 -26.37 -10.05
C LEU C 192 13.86 -25.55 -11.31
N ALA C 193 13.31 -24.33 -11.32
CA ALA C 193 13.49 -23.46 -12.48
C ALA C 193 14.93 -23.00 -12.60
N LEU C 194 15.61 -22.77 -11.48
CA LEU C 194 17.03 -22.42 -11.52
C LEU C 194 17.85 -23.57 -12.08
N TYR C 195 17.48 -24.81 -11.73
CA TYR C 195 18.05 -25.97 -12.41
C TYR C 195 17.88 -25.85 -13.92
N THR C 196 16.67 -25.53 -14.36
CA THR C 196 16.32 -25.67 -15.78
C THR C 196 16.98 -24.60 -16.63
N ALA C 197 17.03 -23.36 -16.14
CA ALA C 197 17.55 -22.26 -16.96
C ALA C 197 19.06 -22.30 -17.09
N GLY C 198 19.76 -22.60 -16.01
CA GLY C 198 21.22 -22.63 -16.03
C GLY C 198 21.77 -23.78 -16.85
N GLY C 199 21.51 -25.00 -16.41
CA GLY C 199 21.91 -26.19 -17.14
C GLY C 199 20.72 -27.06 -17.49
N GLY C 200 20.62 -27.47 -18.75
CA GLY C 200 19.44 -28.18 -19.23
C GLY C 200 18.96 -29.33 -18.37
N VAL C 201 17.64 -29.43 -18.24
CA VAL C 201 16.98 -30.50 -17.50
C VAL C 201 15.50 -30.45 -17.87
N ASP C 202 14.86 -31.59 -17.97
CA ASP C 202 13.46 -31.58 -18.39
C ASP C 202 12.58 -31.17 -17.21
N PRO C 203 11.74 -30.15 -17.36
CA PRO C 203 10.88 -29.73 -16.25
C PRO C 203 9.92 -30.80 -15.79
N ARG C 204 9.27 -31.49 -16.74
CA ARG C 204 8.35 -32.56 -16.40
C ARG C 204 9.06 -33.78 -15.83
N ARG C 205 10.39 -33.88 -15.96
CA ARG C 205 11.14 -34.95 -15.33
C ARG C 205 11.42 -34.67 -13.86
N CYS C 206 11.04 -33.50 -13.36
CA CYS C 206 11.26 -33.12 -11.97
C CYS C 206 9.97 -32.53 -11.39
N LEU C 207 9.86 -32.60 -10.07
CA LEU C 207 8.67 -32.12 -9.38
C LEU C 207 9.06 -31.43 -8.08
N ALA C 208 8.09 -30.74 -7.50
CA ALA C 208 8.27 -30.07 -6.21
C ALA C 208 7.60 -30.87 -5.11
N VAL C 209 8.14 -30.74 -3.90
CA VAL C 209 7.62 -31.44 -2.73
C VAL C 209 7.70 -30.49 -1.55
N SER C 210 6.60 -30.36 -0.81
CA SER C 210 6.56 -29.49 0.36
C SER C 210 5.89 -30.23 1.51
N LEU C 211 6.54 -30.23 2.66
CA LEU C 211 6.04 -30.91 3.85
C LEU C 211 5.40 -29.88 4.76
N ASP C 212 4.07 -29.87 4.79
CA ASP C 212 3.33 -28.99 5.71
C ASP C 212 3.45 -29.63 7.10
N VAL C 213 4.63 -29.47 7.70
CA VAL C 213 4.84 -29.96 9.05
C VAL C 213 4.15 -29.05 10.05
N GLY C 214 3.96 -27.79 9.69
CA GLY C 214 3.29 -26.79 10.50
C GLY C 214 4.13 -25.53 10.57
N THR C 215 3.88 -24.75 11.62
CA THR C 215 4.65 -23.53 11.86
C THR C 215 4.66 -23.23 13.35
N ASP C 216 5.81 -22.77 13.85
CA ASP C 216 5.90 -22.25 15.20
C ASP C 216 5.56 -20.76 15.26
N ASN C 217 5.65 -20.05 14.14
CA ASN C 217 5.35 -18.64 14.10
C ASN C 217 3.85 -18.41 14.31
N GLU C 218 3.52 -17.49 15.23
CA GLU C 218 2.14 -17.24 15.58
C GLU C 218 1.42 -16.35 14.57
N GLN C 219 2.16 -15.60 13.73
CA GLN C 219 1.51 -14.85 12.64
C GLN C 219 0.65 -15.77 11.80
N LEU C 220 1.16 -16.94 11.49
CA LEU C 220 0.45 -17.82 10.57
C LEU C 220 -0.84 -18.31 11.20
N LEU C 221 -0.81 -18.58 12.51
CA LEU C 221 -2.01 -19.02 13.21
C LEU C 221 -3.05 -17.90 13.27
N ALA C 222 -2.62 -16.68 13.61
CA ALA C 222 -3.54 -15.57 13.73
C ALA C 222 -4.18 -15.19 12.40
N ASP C 223 -3.56 -15.54 11.29
CA ASP C 223 -4.14 -15.29 9.98
C ASP C 223 -5.35 -16.20 9.78
N PRO C 224 -6.53 -15.65 9.49
CA PRO C 224 -7.68 -16.51 9.17
C PRO C 224 -7.48 -17.35 7.91
N PHE C 225 -6.38 -17.15 7.19
CA PHE C 225 -6.15 -17.77 5.89
C PHE C 225 -4.77 -18.39 5.84
N TYR C 226 -4.47 -19.26 6.81
CA TYR C 226 -3.13 -19.85 6.86
C TYR C 226 -2.93 -20.87 5.73
N LEU C 227 -3.92 -21.74 5.50
CA LEU C 227 -3.89 -22.76 4.45
C LEU C 227 -2.94 -23.91 4.77
N GLY C 228 -2.79 -24.23 6.06
CA GLY C 228 -2.01 -25.38 6.45
C GLY C 228 -2.39 -25.81 7.85
N ASN C 229 -1.57 -26.70 8.41
CA ASN C 229 -1.83 -27.20 9.75
C ASN C 229 -1.74 -26.07 10.76
N ARG C 230 -2.88 -25.70 11.37
CA ARG C 230 -2.85 -24.82 12.52
C ARG C 230 -2.02 -25.40 13.65
N HIS C 231 -1.85 -26.73 13.66
CA HIS C 231 -0.85 -27.41 14.46
C HIS C 231 0.49 -26.68 14.41
N ALA C 232 1.00 -26.34 15.59
CA ALA C 232 2.37 -25.84 15.67
C ALA C 232 3.33 -26.91 15.16
N ARG C 233 4.29 -26.48 14.35
CA ARG C 233 5.20 -27.42 13.72
C ARG C 233 5.98 -28.19 14.78
N ARG C 234 5.83 -29.50 14.78
CA ARG C 234 6.17 -30.33 15.92
C ARG C 234 7.64 -30.75 15.90
N ARG C 235 8.08 -31.30 17.03
CA ARG C 235 9.39 -31.89 17.18
C ARG C 235 9.26 -33.16 18.01
N GLY C 236 10.15 -34.10 17.76
CA GLY C 236 10.15 -35.36 18.46
C GLY C 236 10.45 -36.50 17.51
N ARG C 237 10.23 -37.72 17.98
CA ARG C 237 10.47 -38.91 17.17
C ARG C 237 9.52 -39.00 15.97
N GLU C 238 8.37 -38.33 16.04
CA GLU C 238 7.43 -38.37 14.93
C GLU C 238 8.02 -37.76 13.66
N TYR C 239 8.89 -36.76 13.80
CA TYR C 239 9.55 -36.19 12.63
C TYR C 239 10.43 -37.22 11.94
N ASP C 240 11.18 -37.99 12.71
CA ASP C 240 11.99 -39.06 12.13
C ASP C 240 11.11 -40.11 11.46
N GLU C 241 9.99 -40.45 12.09
CA GLU C 241 9.03 -41.36 11.47
C GLU C 241 8.52 -40.81 10.14
N PHE C 242 8.18 -39.51 10.11
CA PHE C 242 7.57 -38.93 8.92
C PHE C 242 8.59 -38.75 7.81
N VAL C 243 9.74 -38.13 8.13
CA VAL C 243 10.76 -37.89 7.10
C VAL C 243 11.23 -39.21 6.50
N SER C 244 11.46 -40.22 7.34
CA SER C 244 11.84 -41.53 6.84
C SER C 244 10.72 -42.13 5.99
N ARG C 245 9.48 -42.07 6.48
CA ARG C 245 8.35 -42.55 5.70
C ARG C 245 8.21 -41.79 4.39
N TYR C 246 8.62 -40.53 4.36
CA TYR C 246 8.64 -39.78 3.11
C TYR C 246 9.88 -40.10 2.29
N ILE C 247 11.03 -40.27 2.96
CA ILE C 247 12.29 -40.42 2.24
C ILE C 247 12.30 -41.72 1.44
N GLU C 248 11.80 -42.81 2.04
CA GLU C 248 11.89 -44.10 1.37
C GLU C 248 10.88 -44.25 0.24
N THR C 249 9.68 -43.68 0.37
CA THR C 249 8.67 -43.87 -0.68
C THR C 249 9.04 -43.14 -1.96
N ALA C 250 9.78 -42.03 -1.86
CA ALA C 250 10.25 -41.35 -3.06
C ALA C 250 11.31 -42.17 -3.77
N GLN C 251 12.23 -42.77 -3.02
CA GLN C 251 13.26 -43.61 -3.61
C GLN C 251 12.72 -44.97 -4.03
N ARG C 252 11.76 -45.52 -3.29
CA ARG C 252 11.12 -46.77 -3.69
C ARG C 252 10.40 -46.59 -5.02
N LEU C 253 9.59 -45.55 -5.13
CA LEU C 253 8.83 -45.33 -6.37
C LEU C 253 9.72 -44.81 -7.48
N PHE C 254 10.65 -43.91 -7.17
CA PHE C 254 11.48 -43.26 -8.17
C PHE C 254 12.94 -43.54 -7.89
N PRO C 255 13.69 -44.11 -8.84
CA PRO C 255 15.10 -44.45 -8.59
C PRO C 255 16.00 -43.24 -8.46
N ARG C 256 16.01 -42.38 -9.47
CA ARG C 256 16.86 -41.19 -9.45
C ARG C 256 16.02 -39.93 -9.23
N ILE C 258 16.91 -38.20 -6.67
CA ILE C 258 17.62 -36.96 -6.42
C ILE C 258 16.83 -36.07 -5.47
N LEU C 259 16.86 -36.41 -4.18
CA LEU C 259 16.17 -35.63 -3.17
C LEU C 259 16.93 -34.34 -2.88
N HIS C 260 16.19 -33.27 -2.65
CA HIS C 260 16.78 -31.94 -2.51
C HIS C 260 16.02 -31.18 -1.42
N PHE C 261 16.73 -30.81 -0.35
CA PHE C 261 16.18 -29.94 0.68
C PHE C 261 16.26 -28.51 0.18
N GLU C 262 15.12 -27.98 -0.30
CA GLU C 262 15.10 -26.65 -0.89
C GLU C 262 15.56 -25.61 0.12
N ASP C 263 15.03 -25.66 1.34
CA ASP C 263 15.46 -24.74 2.38
C ASP C 263 15.04 -25.33 3.72
N PHE C 264 16.00 -25.97 4.41
CA PHE C 264 15.75 -26.68 5.66
C PHE C 264 16.78 -26.27 6.69
N GLY C 265 16.58 -26.77 7.92
CA GLY C 265 17.39 -26.36 9.04
C GLY C 265 18.77 -26.98 9.03
N PRO C 266 19.64 -26.48 9.90
CA PRO C 266 21.04 -26.95 9.90
C PRO C 266 21.18 -28.33 10.51
N ALA C 267 20.62 -28.51 11.72
CA ALA C 267 20.72 -29.80 12.38
C ALA C 267 19.96 -30.88 11.61
N ASN C 268 18.79 -30.54 11.07
CA ASN C 268 18.03 -31.51 10.29
C ASN C 268 18.79 -31.93 9.04
N ALA C 269 19.32 -30.95 8.29
CA ALA C 269 20.03 -31.25 7.06
C ALA C 269 21.18 -32.22 7.30
N ARG C 270 22.01 -31.94 8.30
CA ARG C 270 23.07 -32.87 8.66
C ARG C 270 22.49 -34.20 9.15
N LYS C 271 21.39 -34.14 9.89
CA LYS C 271 20.74 -35.37 10.33
C LYS C 271 20.17 -36.15 9.15
N ILE C 272 19.71 -35.45 8.11
CA ILE C 272 19.24 -36.13 6.91
C ILE C 272 20.37 -36.94 6.28
N LEU C 273 21.53 -36.31 6.08
CA LEU C 273 22.63 -36.97 5.40
C LEU C 273 23.26 -38.07 6.24
N ASP C 274 23.15 -38.00 7.57
CA ASP C 274 23.61 -39.09 8.40
C ASP C 274 22.70 -40.32 8.24
N THR C 275 21.41 -40.09 8.03
CA THR C 275 20.45 -41.19 7.99
C THR C 275 20.38 -41.83 6.60
N TYR C 276 20.18 -41.02 5.56
CA TYR C 276 19.98 -41.52 4.21
C TYR C 276 21.02 -41.04 3.22
N GLY C 277 22.09 -40.39 3.68
CA GLY C 277 23.09 -39.87 2.76
C GLY C 277 23.85 -40.94 2.01
N THR C 278 24.09 -42.08 2.66
CA THR C 278 24.89 -43.14 2.04
C THR C 278 24.05 -44.01 1.12
N ASP C 279 22.80 -44.28 1.47
CA ASP C 279 21.99 -45.22 0.70
C ASP C 279 21.43 -44.60 -0.57
N TYR C 280 20.99 -43.34 -0.50
CA TYR C 280 20.35 -42.69 -1.63
C TYR C 280 21.09 -41.41 -2.01
N CYS C 281 20.88 -40.99 -3.25
CA CYS C 281 21.35 -39.69 -3.70
C CYS C 281 20.56 -38.60 -2.98
N VAL C 282 21.25 -37.76 -2.22
CA VAL C 282 20.64 -36.66 -1.50
C VAL C 282 21.44 -35.39 -1.79
N PHE C 283 20.81 -34.25 -1.53
CA PHE C 283 21.46 -32.98 -1.80
C PHE C 283 20.96 -31.93 -0.80
N ASN C 284 21.76 -30.87 -0.65
CA ASN C 284 21.41 -29.76 0.23
C ASN C 284 22.08 -28.52 -0.36
N ASP C 285 21.32 -27.75 -1.14
CA ASP C 285 21.90 -26.62 -1.88
C ASP C 285 22.53 -25.60 -0.93
N ASP C 286 21.92 -25.41 0.24
CA ASP C 286 22.39 -24.36 1.15
C ASP C 286 23.77 -24.67 1.70
N MET C 287 24.00 -25.93 2.11
CA MET C 287 25.23 -26.28 2.80
C MET C 287 26.17 -27.19 2.02
N GLN C 288 25.70 -27.82 0.94
CA GLN C 288 26.56 -28.67 0.12
C GLN C 288 26.97 -27.98 -1.18
N GLY C 289 26.02 -27.38 -1.89
CA GLY C 289 26.36 -26.76 -3.17
C GLY C 289 27.24 -25.54 -3.03
N THR C 290 26.92 -24.66 -2.07
CA THR C 290 27.68 -23.43 -1.94
C THR C 290 29.07 -23.69 -1.37
N GLY C 291 29.22 -24.72 -0.53
CA GLY C 291 30.54 -25.09 -0.08
C GLY C 291 31.46 -25.50 -1.21
N ALA C 292 30.86 -26.00 -2.30
CA ALA C 292 31.64 -26.31 -3.49
C ALA C 292 32.15 -25.03 -4.15
N VAL C 293 31.33 -23.98 -4.16
CA VAL C 293 31.72 -22.73 -4.82
C VAL C 293 32.91 -22.10 -4.11
N VAL C 294 32.98 -22.21 -2.78
CA VAL C 294 34.10 -21.64 -2.04
C VAL C 294 35.40 -22.31 -2.46
N LEU C 295 35.38 -23.63 -2.69
CA LEU C 295 36.57 -24.32 -3.17
C LEU C 295 36.97 -23.83 -4.54
N ALA C 296 36.00 -23.44 -5.38
CA ALA C 296 36.34 -22.86 -6.67
C ALA C 296 37.06 -21.52 -6.51
N ALA C 297 36.63 -20.72 -5.53
CA ALA C 297 37.34 -19.48 -5.23
C ALA C 297 38.73 -19.77 -4.67
N VAL C 298 38.89 -20.89 -3.96
CA VAL C 298 40.22 -21.30 -3.50
C VAL C 298 41.13 -21.54 -4.70
N TYR C 299 40.65 -22.28 -5.69
CA TYR C 299 41.41 -22.47 -6.92
C TYR C 299 41.67 -21.16 -7.62
N SER C 300 40.67 -20.26 -7.64
CA SER C 300 40.87 -18.96 -8.27
C SER C 300 41.97 -18.17 -7.59
N GLY C 301 42.14 -18.35 -6.27
CA GLY C 301 43.28 -17.77 -5.60
C GLY C 301 44.56 -18.54 -5.84
N LEU C 302 44.46 -19.87 -5.98
CA LEU C 302 45.65 -20.66 -6.30
C LEU C 302 46.23 -20.28 -7.64
N LYS C 303 45.38 -19.88 -8.59
CA LYS C 303 45.88 -19.39 -9.87
C LYS C 303 46.69 -18.11 -9.71
N VAL C 304 46.51 -17.40 -8.60
CA VAL C 304 47.30 -16.19 -8.33
C VAL C 304 48.53 -16.52 -7.49
N THR C 305 48.39 -17.41 -6.50
CA THR C 305 49.51 -17.74 -5.62
C THR C 305 50.35 -18.89 -6.16
N GLY C 306 49.72 -19.88 -6.80
CA GLY C 306 50.41 -21.09 -7.19
C GLY C 306 50.73 -22.03 -6.04
N ILE C 307 50.46 -21.63 -4.80
CA ILE C 307 50.78 -22.45 -3.64
C ILE C 307 49.82 -23.64 -3.60
N PRO C 308 50.30 -24.87 -3.46
CA PRO C 308 49.40 -26.01 -3.36
C PRO C 308 48.52 -25.93 -2.11
N LEU C 309 47.45 -26.72 -2.12
CA LEU C 309 46.48 -26.69 -1.04
C LEU C 309 47.03 -27.21 0.29
N ARG C 310 48.17 -27.90 0.27
CA ARG C 310 48.74 -28.39 1.52
C ARG C 310 49.16 -27.23 2.43
N ASP C 311 49.85 -26.24 1.86
CA ASP C 311 50.21 -25.03 2.59
C ASP C 311 49.05 -24.04 2.43
N GLN C 312 48.14 -24.04 3.40
CA GLN C 312 46.92 -23.28 3.31
C GLN C 312 46.75 -22.37 4.51
N THR C 313 46.03 -21.27 4.31
CA THR C 313 45.77 -20.26 5.33
C THR C 313 44.27 -20.25 5.62
N ILE C 314 43.78 -21.33 6.21
CA ILE C 314 42.34 -21.53 6.40
C ILE C 314 41.96 -20.99 7.77
N VAL C 315 41.28 -19.84 7.78
CA VAL C 315 40.78 -19.25 9.03
C VAL C 315 39.37 -18.74 8.78
N VAL C 316 38.51 -18.90 9.78
CA VAL C 316 37.11 -18.49 9.66
C VAL C 316 36.85 -17.28 10.55
N ALA C 319 31.55 -18.35 11.77
CA ALA C 319 32.39 -19.43 12.28
C ALA C 319 31.55 -20.44 13.04
N GLY C 320 30.24 -20.43 12.82
CA GLY C 320 29.35 -21.36 13.46
C GLY C 320 29.16 -22.64 12.66
N THR C 321 27.92 -23.13 12.60
CA THR C 321 27.64 -24.35 11.86
C THR C 321 27.87 -24.16 10.37
N ALA C 322 27.53 -22.98 9.84
CA ALA C 322 27.74 -22.73 8.42
C ALA C 322 29.22 -22.72 8.07
N GLY C 323 30.06 -22.23 8.98
CA GLY C 323 31.49 -22.24 8.73
C GLY C 323 32.09 -23.63 8.77
N MET C 324 31.58 -24.48 9.66
CA MET C 324 32.07 -25.86 9.74
C MET C 324 31.71 -26.64 8.48
N GLY C 325 30.53 -26.38 7.91
CA GLY C 325 30.15 -27.08 6.69
C GLY C 325 31.06 -26.78 5.52
N ILE C 326 31.45 -25.51 5.38
CA ILE C 326 32.39 -25.14 4.32
C ILE C 326 33.77 -25.72 4.61
N ALA C 327 34.20 -25.67 5.88
CA ALA C 327 35.52 -26.19 6.23
C ALA C 327 35.56 -27.70 6.12
N ASP C 328 34.49 -28.39 6.54
CA ASP C 328 34.45 -29.85 6.43
C ASP C 328 34.48 -30.28 4.97
N GLN C 329 33.81 -29.53 4.09
CA GLN C 329 33.97 -29.80 2.67
C GLN C 329 35.38 -29.47 2.20
N ILE C 330 35.91 -28.33 2.63
CA ILE C 330 37.24 -27.91 2.19
C ILE C 330 38.30 -28.90 2.68
N ARG C 331 38.10 -29.48 3.85
CA ARG C 331 39.10 -30.39 4.40
C ARG C 331 39.19 -31.68 3.58
N ASP C 332 38.05 -32.25 3.18
CA ASP C 332 38.09 -33.38 2.27
C ASP C 332 38.68 -32.99 0.92
N ALA C 333 38.39 -31.77 0.47
CA ALA C 333 38.97 -31.29 -0.78
C ALA C 333 40.46 -31.02 -0.63
N MET C 334 40.92 -30.73 0.59
CA MET C 334 42.34 -30.50 0.82
C MET C 334 43.15 -31.80 0.85
N VAL C 335 42.50 -32.94 1.16
CA VAL C 335 43.22 -34.20 1.24
C VAL C 335 43.70 -34.65 -0.13
N ALA C 336 42.86 -34.43 -1.16
CA ALA C 336 43.18 -34.94 -2.50
C ALA C 336 44.46 -34.35 -3.08
N ASP C 337 45.04 -33.33 -2.45
CA ASP C 337 46.26 -32.71 -2.94
C ASP C 337 47.47 -33.07 -2.07
N GLY C 338 47.47 -34.26 -1.49
CA GLY C 338 48.65 -34.78 -0.81
C GLY C 338 48.91 -34.25 0.58
N ALA C 339 48.01 -33.43 1.13
CA ALA C 339 48.20 -32.93 2.49
C ALA C 339 47.75 -33.97 3.51
N THR C 340 48.43 -33.97 4.66
CA THR C 340 48.07 -34.89 5.73
C THR C 340 46.69 -34.53 6.28
N LEU C 341 45.96 -35.56 6.70
CA LEU C 341 44.62 -35.35 7.25
C LEU C 341 44.68 -34.55 8.54
N GLU C 342 45.66 -34.85 9.40
CA GLU C 342 45.76 -34.16 10.68
C GLU C 342 46.11 -32.69 10.51
N GLN C 343 46.87 -32.35 9.46
CA GLN C 343 47.23 -30.96 9.25
C GLN C 343 46.04 -30.11 8.84
N ALA C 344 45.06 -30.71 8.15
CA ALA C 344 43.88 -29.96 7.74
C ALA C 344 43.15 -29.39 8.95
N VAL C 345 43.09 -30.15 10.05
CA VAL C 345 42.53 -29.61 11.29
C VAL C 345 43.41 -28.50 11.82
N SER C 346 44.73 -28.71 11.84
CA SER C 346 45.64 -27.67 12.33
C SER C 346 45.62 -26.44 11.45
N GLN C 347 45.41 -26.61 10.14
CA GLN C 347 45.36 -25.48 9.22
C GLN C 347 44.05 -24.70 9.31
N ILE C 348 43.05 -25.23 10.03
CA ILE C 348 41.77 -24.55 10.21
C ILE C 348 41.83 -23.72 11.49
N TRP C 349 41.32 -22.49 11.42
CA TRP C 349 41.30 -21.57 12.56
C TRP C 349 39.92 -20.94 12.68
N PRO C 350 39.06 -21.46 13.57
CA PRO C 350 37.80 -20.78 13.86
C PRO C 350 37.94 -19.73 14.95
N ILE C 351 37.13 -18.68 14.83
CA ILE C 351 37.15 -17.56 15.76
C ILE C 351 35.73 -17.33 16.25
N ASP C 352 35.53 -17.42 17.56
CA ASP C 352 34.22 -17.21 18.15
C ASP C 352 34.35 -16.66 19.58
N ASP C 359 34.93 -27.91 30.74
CA ASP C 359 34.70 -28.41 29.38
C ASP C 359 33.84 -27.44 28.58
N ASP C 360 34.41 -26.93 27.49
CA ASP C 360 33.70 -25.98 26.64
C ASP C 360 32.68 -26.73 25.79
N MET C 361 31.41 -26.34 25.89
CA MET C 361 30.34 -26.92 25.07
C MET C 361 30.44 -26.35 23.66
N ASP C 362 31.50 -26.76 22.97
CA ASP C 362 31.79 -26.27 21.63
C ASP C 362 30.94 -27.03 20.62
N ASP C 363 31.23 -26.83 19.34
CA ASP C 363 30.44 -27.46 18.28
C ASP C 363 30.55 -28.98 18.33
N LEU C 364 29.48 -29.65 17.92
CA LEU C 364 29.51 -31.11 17.82
C LEU C 364 30.64 -31.56 16.91
N ARG C 365 30.77 -30.92 15.74
CA ARG C 365 31.94 -31.11 14.91
C ARG C 365 33.16 -30.52 15.61
N ASP C 366 33.89 -31.37 16.34
CA ASP C 366 35.03 -30.93 17.14
C ASP C 366 36.31 -31.24 16.36
N PHE C 367 36.84 -30.22 15.70
CA PHE C 367 38.10 -30.32 14.99
C PHE C 367 38.82 -28.98 15.08
N GLN C 368 40.15 -29.04 15.14
CA GLN C 368 40.96 -27.84 15.27
C GLN C 368 40.73 -26.88 14.10
N GLY C 383 33.37 -8.88 26.31
CA GLY C 383 34.79 -8.68 26.36
C GLY C 383 35.49 -9.04 25.06
N ASP C 384 36.20 -8.05 24.49
CA ASP C 384 36.92 -8.30 23.24
C ASP C 384 38.04 -9.31 23.42
N ARG C 385 38.60 -9.40 24.63
CA ARG C 385 39.63 -10.40 24.94
C ARG C 385 38.98 -11.77 25.16
N VAL C 386 38.37 -12.27 24.11
CA VAL C 386 37.68 -13.56 24.13
C VAL C 386 37.50 -14.06 22.71
N GLY C 387 37.92 -15.29 22.45
CA GLY C 387 37.81 -15.88 21.13
C GLY C 387 39.14 -16.35 20.56
N ALA C 391 45.37 -16.35 15.63
CA ALA C 391 44.85 -15.17 14.96
C ALA C 391 45.67 -14.85 13.71
N ILE C 392 45.79 -13.56 13.40
CA ILE C 392 46.46 -13.13 12.17
C ILE C 392 47.98 -13.23 12.33
N LYS C 393 48.54 -12.49 13.28
CA LYS C 393 49.99 -12.45 13.41
C LYS C 393 50.54 -13.75 14.02
N ILE C 394 49.79 -14.37 14.93
CA ILE C 394 50.31 -15.54 15.63
C ILE C 394 50.33 -16.76 14.72
N ALA C 395 49.20 -17.03 14.04
CA ALA C 395 49.13 -18.17 13.13
C ALA C 395 49.76 -17.88 11.77
N SER C 396 50.00 -16.61 11.46
CA SER C 396 50.59 -16.19 10.19
C SER C 396 49.90 -16.83 8.97
N PRO C 397 48.58 -16.68 8.82
CA PRO C 397 47.96 -17.23 7.62
C PRO C 397 48.32 -16.46 6.36
N ILE C 399 43.52 -18.19 2.91
CA ILE C 399 42.12 -18.47 2.62
C ILE C 399 41.26 -18.12 3.83
N LEU C 400 41.09 -16.82 4.06
CA LEU C 400 40.28 -16.35 5.17
C LEU C 400 38.81 -16.34 4.78
N LEU C 401 37.96 -16.79 5.69
CA LEU C 401 36.52 -16.85 5.47
C LEU C 401 35.80 -16.03 6.54
N GLY C 402 34.63 -15.51 6.16
CA GLY C 402 33.89 -14.64 7.05
C GLY C 402 32.56 -15.19 7.51
N CYS C 403 32.40 -15.31 8.83
CA CYS C 403 31.15 -15.78 9.46
C CYS C 403 30.70 -17.12 8.89
N TYR C 407 29.78 -11.96 12.55
CA TYR C 407 29.08 -11.15 11.56
C TYR C 407 29.44 -9.67 11.72
N GLY C 408 29.90 -9.06 10.63
CA GLY C 408 30.19 -7.64 10.60
C GLY C 408 31.24 -7.19 11.60
N ALA C 409 32.38 -7.89 11.64
CA ALA C 409 33.43 -7.59 12.62
C ALA C 409 34.80 -7.73 11.95
N PHE C 410 35.02 -6.97 10.89
CA PHE C 410 36.29 -6.95 10.17
C PHE C 410 36.77 -5.52 10.02
N THR C 411 38.08 -5.34 9.99
CA THR C 411 38.65 -4.00 9.96
C THR C 411 40.02 -4.03 9.30
N LYS C 412 40.41 -2.87 8.76
CA LYS C 412 41.75 -2.71 8.21
C LYS C 412 42.81 -2.92 9.28
N GLU C 413 42.51 -2.55 10.52
CA GLU C 413 43.39 -2.86 11.64
C GLU C 413 43.25 -4.30 12.10
N VAL C 414 42.11 -4.93 11.83
CA VAL C 414 41.89 -6.30 12.29
C VAL C 414 42.50 -7.32 11.34
N VAL C 415 42.50 -7.03 10.04
CA VAL C 415 43.10 -7.94 9.07
C VAL C 415 44.53 -7.48 8.78
N GLU C 416 45.21 -6.99 9.82
CA GLU C 416 46.48 -6.30 9.64
C GLU C 416 47.55 -7.23 9.08
N ALA C 417 47.81 -8.34 9.78
CA ALA C 417 48.91 -9.22 9.39
C ALA C 417 48.72 -9.77 7.98
N MET C 418 47.49 -10.17 7.65
CA MET C 418 47.22 -10.62 6.28
C MET C 418 47.31 -9.47 5.29
N THR C 419 46.93 -8.25 5.71
CA THR C 419 47.01 -7.11 4.81
C THR C 419 48.45 -6.74 4.47
N ALA C 420 49.37 -6.94 5.41
CA ALA C 420 50.74 -6.41 5.27
C ALA C 420 51.67 -7.41 4.60
N SER C 421 51.96 -8.52 5.28
CA SER C 421 53.15 -9.32 4.98
C SER C 421 52.88 -10.54 4.12
N CYS C 422 51.67 -10.74 3.64
CA CYS C 422 51.37 -11.88 2.77
C CYS C 422 51.38 -11.45 1.31
N LYS C 423 51.95 -12.29 0.46
CA LYS C 423 52.06 -11.98 -0.96
C LYS C 423 50.68 -11.73 -1.57
N HIS C 424 49.81 -12.74 -1.54
CA HIS C 424 48.43 -12.61 -2.00
C HIS C 424 47.52 -13.12 -0.90
N PRO C 425 47.06 -12.25 -0.01
CA PRO C 425 46.20 -12.70 1.09
C PRO C 425 44.80 -13.05 0.58
N MET C 426 44.32 -14.21 1.02
CA MET C 426 43.04 -14.75 0.53
C MET C 426 41.96 -14.53 1.58
N ILE C 427 40.95 -13.73 1.23
CA ILE C 427 39.86 -13.38 2.13
C ILE C 427 38.54 -13.65 1.43
N PHE C 428 37.51 -13.96 2.22
CA PHE C 428 36.18 -14.20 1.66
C PHE C 428 35.09 -13.93 2.70
N PRO C 429 34.50 -12.74 2.70
CA PRO C 429 33.32 -12.50 3.54
C PRO C 429 32.06 -13.09 2.91
N LEU C 430 31.21 -13.67 3.76
CA LEU C 430 30.02 -14.35 3.25
C LEU C 430 28.95 -14.42 4.34
N SER C 431 27.81 -13.80 4.08
CA SER C 431 26.60 -14.01 4.87
C SER C 431 25.41 -13.69 3.97
N ASN C 432 24.41 -14.56 4.01
CA ASN C 432 23.25 -14.40 3.13
C ASN C 432 22.52 -13.08 3.36
N PRO C 433 22.34 -12.58 4.58
CA PRO C 433 21.90 -11.19 4.74
C PRO C 433 22.88 -10.24 4.07
N THR C 434 22.33 -9.23 3.39
CA THR C 434 23.12 -8.42 2.46
C THR C 434 24.32 -7.78 3.16
N SER C 435 24.07 -7.00 4.21
CA SER C 435 25.13 -6.23 4.87
C SER C 435 25.09 -6.45 6.38
N ARG C 436 25.26 -7.72 6.77
CA ARG C 436 25.60 -8.07 8.14
C ARG C 436 26.95 -8.75 8.23
N MET C 437 27.65 -8.91 7.11
CA MET C 437 28.90 -9.65 7.07
C MET C 437 30.09 -8.69 7.22
N GLU C 438 31.28 -9.18 6.90
CA GLU C 438 32.54 -8.49 7.18
C GLU C 438 32.70 -7.18 6.42
N ALA C 439 33.89 -6.58 6.52
CA ALA C 439 34.13 -5.27 5.96
C ALA C 439 33.97 -5.29 4.44
N ILE C 440 33.68 -4.12 3.89
CA ILE C 440 33.43 -3.96 2.45
C ILE C 440 34.72 -4.25 1.68
N PRO C 441 34.66 -4.92 0.52
CA PRO C 441 35.89 -5.08 -0.28
C PRO C 441 36.47 -3.78 -0.76
N ALA C 442 35.62 -2.80 -1.12
CA ALA C 442 36.14 -1.49 -1.51
C ALA C 442 37.02 -0.89 -0.42
N ASP C 443 36.60 -1.02 0.83
CA ASP C 443 37.47 -0.65 1.94
C ASP C 443 38.67 -1.58 2.03
N VAL C 444 38.47 -2.88 1.80
CA VAL C 444 39.54 -3.85 1.97
C VAL C 444 40.64 -3.64 0.93
N LEU C 445 40.26 -3.40 -0.33
CA LEU C 445 41.26 -3.21 -1.36
C LEU C 445 42.02 -1.90 -1.17
N ALA C 446 41.32 -0.83 -0.75
CA ALA C 446 41.96 0.46 -0.62
C ALA C 446 42.72 0.59 0.70
N TRP C 447 42.03 0.37 1.82
CA TRP C 447 42.65 0.56 3.12
C TRP C 447 43.77 -0.44 3.37
N SER C 448 43.54 -1.71 3.04
CA SER C 448 44.55 -2.74 3.25
C SER C 448 45.43 -2.89 2.02
N ASN C 449 45.91 -4.10 1.75
CA ASN C 449 46.73 -4.35 0.58
C ASN C 449 45.95 -4.01 -0.69
N GLY C 450 46.61 -3.29 -1.61
CA GLY C 450 45.99 -2.85 -2.83
C GLY C 450 45.29 -3.95 -3.59
N ARG C 451 46.03 -4.99 -3.98
CA ARG C 451 45.45 -6.18 -4.58
C ARG C 451 45.36 -7.28 -3.53
N ALA C 452 44.24 -7.99 -3.53
CA ALA C 452 44.02 -9.04 -2.56
C ALA C 452 43.14 -10.11 -3.18
N LEU C 453 43.25 -11.32 -2.62
CA LEU C 453 42.35 -12.42 -3.00
C LEU C 453 41.10 -12.27 -2.14
N LEU C 454 40.08 -11.64 -2.71
CA LEU C 454 38.86 -11.34 -2.00
C LEU C 454 37.66 -11.72 -2.86
N ALA C 455 36.64 -12.27 -2.20
CA ALA C 455 35.36 -12.55 -2.82
C ALA C 455 34.28 -11.79 -2.05
N THR C 456 33.04 -11.91 -2.52
CA THR C 456 31.90 -11.27 -1.89
C THR C 456 30.97 -12.33 -1.33
N GLY C 457 29.96 -11.86 -0.59
CA GLY C 457 28.92 -12.75 -0.12
C GLY C 457 27.90 -13.02 -1.21
N SER C 458 26.61 -12.87 -0.88
CA SER C 458 25.59 -12.99 -1.92
C SER C 458 25.57 -11.78 -2.84
N PRO C 459 25.53 -10.54 -2.36
CA PRO C 459 25.55 -9.39 -3.27
C PRO C 459 26.98 -8.97 -3.61
N VAL C 460 27.09 -8.25 -4.73
CA VAL C 460 28.37 -7.78 -5.24
C VAL C 460 28.17 -6.48 -6.00
N ALA C 461 29.24 -5.68 -6.06
CA ALA C 461 29.26 -4.43 -6.79
C ALA C 461 30.71 -4.07 -7.07
N PRO C 462 30.99 -3.35 -8.16
CA PRO C 462 32.38 -3.08 -8.52
C PRO C 462 33.08 -2.19 -7.50
N VAL C 463 34.40 -2.23 -7.53
CA VAL C 463 35.25 -1.46 -6.63
C VAL C 463 36.31 -0.76 -7.47
N GLU C 464 36.28 0.58 -7.49
CA GLU C 464 37.26 1.34 -8.25
C GLU C 464 38.62 1.30 -7.55
N PHE C 465 39.67 1.36 -8.35
CA PHE C 465 41.03 1.28 -7.84
C PHE C 465 41.96 2.10 -8.74
N ASP C 466 43.24 2.05 -8.44
CA ASP C 466 44.25 2.79 -9.21
C ASP C 466 44.65 2.01 -10.45
N THR C 468 43.45 -0.59 -11.92
CA THR C 468 42.41 -0.69 -12.95
C THR C 468 41.06 -1.01 -12.34
N THR C 469 40.12 -1.46 -13.17
CA THR C 469 38.79 -1.83 -12.71
C THR C 469 38.84 -3.24 -12.13
N TYR C 470 38.51 -3.36 -10.84
CA TYR C 470 38.54 -4.63 -10.12
C TYR C 470 37.11 -5.04 -9.80
N VAL C 471 36.72 -6.23 -10.26
CA VAL C 471 35.40 -6.78 -9.99
C VAL C 471 35.57 -8.13 -9.31
N ILE C 472 34.47 -8.60 -8.70
CA ILE C 472 34.46 -9.86 -7.97
C ILE C 472 33.18 -10.62 -8.29
N GLY C 473 33.22 -11.93 -8.07
CA GLY C 473 32.11 -12.81 -8.39
C GLY C 473 31.31 -13.16 -7.15
N GLN C 474 30.00 -13.11 -7.28
CA GLN C 474 29.11 -13.46 -6.19
C GLN C 474 29.21 -14.96 -5.89
N ALA C 475 29.52 -15.29 -4.64
CA ALA C 475 29.57 -16.69 -4.22
C ALA C 475 28.16 -17.25 -4.15
N ASN C 476 27.54 -17.44 -5.31
CA ASN C 476 26.18 -17.95 -5.41
C ASN C 476 26.21 -19.46 -5.64
N ASN C 477 25.39 -20.18 -4.89
CA ASN C 477 25.27 -21.63 -5.07
C ASN C 477 24.32 -22.00 -6.19
N VAL C 478 23.77 -21.02 -6.91
CA VAL C 478 23.00 -21.30 -8.12
C VAL C 478 23.89 -21.64 -9.31
N LEU C 479 25.21 -21.69 -9.11
CA LEU C 479 26.15 -22.09 -10.14
C LEU C 479 26.62 -23.53 -9.97
N ALA C 480 26.29 -24.17 -8.86
CA ALA C 480 26.74 -25.54 -8.58
C ALA C 480 25.67 -26.59 -8.85
N PHE C 481 24.46 -26.41 -8.30
CA PHE C 481 23.47 -27.48 -8.41
C PHE C 481 22.84 -27.63 -9.80
N PRO C 482 23.03 -26.71 -10.75
CA PRO C 482 22.63 -27.07 -12.13
C PRO C 482 23.46 -28.20 -12.71
N GLY C 483 24.79 -28.11 -12.59
CA GLY C 483 25.65 -29.11 -13.20
C GLY C 483 25.52 -30.48 -12.56
N ILE C 484 25.45 -30.53 -11.23
CA ILE C 484 25.25 -31.81 -10.56
C ILE C 484 23.89 -32.39 -10.94
N GLY C 485 22.90 -31.54 -11.20
CA GLY C 485 21.63 -32.03 -11.69
C GLY C 485 21.76 -32.69 -13.05
N LEU C 486 22.42 -32.02 -13.99
CA LEU C 486 22.73 -32.64 -15.27
C LEU C 486 23.67 -33.81 -15.10
N GLY C 487 24.67 -33.68 -14.23
CA GLY C 487 25.64 -34.75 -14.04
C GLY C 487 25.01 -36.03 -13.56
N VAL C 488 24.05 -35.94 -12.63
CA VAL C 488 23.42 -37.15 -12.10
C VAL C 488 22.34 -37.70 -13.03
N ILE C 489 21.73 -36.89 -13.89
CA ILE C 489 20.72 -37.46 -14.77
C ILE C 489 21.37 -38.19 -15.95
N VAL C 490 22.54 -37.73 -16.40
CA VAL C 490 23.23 -38.48 -17.44
C VAL C 490 23.92 -39.69 -16.85
N ALA C 491 24.51 -39.54 -15.65
CA ALA C 491 25.15 -40.67 -15.00
C ALA C 491 24.12 -41.64 -14.45
N GLY C 492 23.06 -41.13 -13.83
CA GLY C 492 22.08 -41.98 -13.19
C GLY C 492 22.62 -42.56 -11.90
N ALA C 493 23.16 -41.70 -11.04
CA ALA C 493 23.84 -42.16 -9.85
C ALA C 493 22.85 -42.65 -8.80
N ARG C 494 23.17 -43.78 -8.17
CA ARG C 494 22.38 -44.29 -7.06
C ARG C 494 22.78 -43.66 -5.73
N LEU C 495 23.87 -42.90 -5.69
CA LEU C 495 24.34 -42.24 -4.48
C LEU C 495 24.64 -40.78 -4.79
N ILE C 496 24.96 -40.03 -3.73
CA ILE C 496 25.04 -38.57 -3.80
C ILE C 496 26.31 -38.11 -4.49
N THR C 497 27.14 -39.05 -4.94
CA THR C 497 28.42 -38.80 -5.61
C THR C 497 29.20 -37.68 -4.91
N ARG C 498 29.50 -37.93 -3.62
CA ARG C 498 30.17 -36.94 -2.78
C ARG C 498 31.53 -36.55 -3.35
N ARG C 499 32.18 -37.43 -4.11
CA ARG C 499 33.48 -37.13 -4.68
C ARG C 499 33.41 -36.15 -5.85
N MET C 500 32.25 -36.01 -6.48
CA MET C 500 32.14 -35.19 -7.68
C MET C 500 32.43 -33.72 -7.38
N LEU C 501 31.87 -33.19 -6.29
CA LEU C 501 32.00 -31.76 -5.99
C LEU C 501 33.45 -31.36 -5.79
N HIS C 502 34.26 -32.25 -5.21
CA HIS C 502 35.64 -31.92 -4.92
C HIS C 502 36.45 -31.69 -6.20
N ALA C 503 36.13 -32.44 -7.25
CA ALA C 503 36.73 -32.21 -8.56
C ALA C 503 35.84 -31.36 -9.47
N ALA C 504 34.60 -31.08 -9.04
CA ALA C 504 33.73 -30.19 -9.81
C ALA C 504 34.15 -28.74 -9.64
N ALA C 505 34.66 -28.38 -8.46
CA ALA C 505 35.06 -27.00 -8.21
C ALA C 505 36.21 -26.56 -9.12
N LYS C 506 37.02 -27.53 -9.58
CA LYS C 506 38.11 -27.20 -10.49
C LYS C 506 37.58 -26.57 -11.77
N ALA C 507 36.68 -27.26 -12.46
CA ALA C 507 36.10 -26.73 -13.68
C ALA C 507 35.20 -25.53 -13.39
N ILE C 508 34.48 -25.54 -12.27
CA ILE C 508 33.72 -24.37 -11.86
C ILE C 508 34.64 -23.16 -11.75
N ALA C 509 35.84 -23.37 -11.21
CA ALA C 509 36.85 -22.32 -11.23
C ALA C 509 37.47 -22.19 -12.62
N HIS C 510 37.73 -23.30 -13.30
CA HIS C 510 38.54 -23.26 -14.52
C HIS C 510 37.86 -22.51 -15.65
N GLN C 511 36.52 -22.53 -15.72
CA GLN C 511 35.83 -21.71 -16.71
C GLN C 511 36.00 -20.23 -16.41
N ALA C 512 35.95 -19.84 -15.14
CA ALA C 512 36.52 -18.56 -14.76
C ALA C 512 38.02 -18.61 -15.03
N ASN C 513 38.59 -17.57 -15.65
CA ASN C 513 39.99 -17.59 -16.05
C ASN C 513 40.62 -16.28 -15.61
N PRO C 514 40.83 -16.10 -14.30
CA PRO C 514 41.32 -14.79 -13.81
C PRO C 514 42.69 -14.39 -14.32
N THR C 515 43.73 -15.21 -14.13
CA THR C 515 45.13 -14.85 -14.39
C THR C 515 45.43 -13.60 -13.55
N ASN C 516 46.04 -12.56 -14.11
CA ASN C 516 46.13 -11.33 -13.34
C ASN C 516 44.77 -10.64 -13.19
N PRO C 517 43.88 -10.55 -14.24
CA PRO C 517 42.58 -9.91 -13.95
C PRO C 517 41.57 -10.84 -13.33
N GLY C 518 40.31 -10.64 -13.72
CA GLY C 518 39.29 -11.65 -13.60
C GLY C 518 38.52 -11.65 -12.30
N ASP C 519 37.62 -12.64 -12.20
CA ASP C 519 36.66 -12.75 -11.10
C ASP C 519 37.11 -13.86 -10.16
N SER C 520 36.89 -13.68 -8.86
CA SER C 520 37.39 -14.67 -7.90
C SER C 520 36.45 -15.86 -7.72
N LEU C 521 35.18 -15.73 -8.09
CA LEU C 521 34.20 -16.79 -7.86
C LEU C 521 33.64 -17.36 -9.15
N LEU C 522 33.01 -16.54 -9.98
CA LEU C 522 32.26 -17.06 -11.13
C LEU C 522 32.16 -15.96 -12.17
N PRO C 523 31.89 -16.33 -13.43
CA PRO C 523 31.69 -15.31 -14.47
C PRO C 523 30.26 -14.77 -14.47
N ASP C 524 29.91 -14.02 -15.52
CA ASP C 524 28.53 -13.56 -15.68
C ASP C 524 27.61 -14.76 -15.83
N VAL C 525 26.80 -15.04 -14.80
CA VAL C 525 25.95 -16.23 -14.81
C VAL C 525 24.95 -16.17 -15.95
N GLN C 526 24.52 -14.97 -16.34
CA GLN C 526 23.69 -14.82 -17.54
C GLN C 526 24.44 -15.25 -18.77
N ASN C 527 25.58 -14.62 -19.01
CA ASN C 527 26.37 -14.83 -20.22
C ASN C 527 27.27 -16.05 -20.11
N LEU C 528 27.19 -16.80 -19.02
CA LEU C 528 27.98 -18.00 -18.83
C LEU C 528 27.26 -18.97 -17.89
N ARG C 529 26.05 -19.36 -18.25
CA ARG C 529 25.37 -20.47 -17.61
C ARG C 529 25.74 -21.80 -18.24
N ALA C 530 26.60 -21.78 -19.26
CA ALA C 530 27.17 -23.00 -19.83
C ALA C 530 28.28 -23.59 -18.97
N ILE C 531 28.66 -22.90 -17.89
CA ILE C 531 29.56 -23.48 -16.89
C ILE C 531 28.98 -24.78 -16.34
N SER C 532 27.64 -24.90 -16.34
CA SER C 532 26.98 -26.08 -15.83
C SER C 532 27.25 -27.31 -16.68
N THR C 533 27.41 -27.11 -18.00
CA THR C 533 27.72 -28.25 -18.87
C THR C 533 29.11 -28.79 -18.59
N THR C 534 30.08 -27.90 -18.34
CA THR C 534 31.46 -28.35 -18.15
C THR C 534 31.60 -29.16 -16.88
N VAL C 535 30.99 -28.73 -15.78
CA VAL C 535 31.04 -29.51 -14.55
C VAL C 535 30.30 -30.83 -14.73
N ALA C 536 29.15 -30.80 -15.42
CA ALA C 536 28.49 -32.05 -15.78
C ALA C 536 29.40 -32.91 -16.64
N GLU C 537 30.08 -32.29 -17.62
CA GLU C 537 31.09 -33.00 -18.39
C GLU C 537 32.25 -33.47 -17.51
N ALA C 538 32.44 -32.85 -16.34
CA ALA C 538 33.47 -33.28 -15.41
C ALA C 538 32.96 -34.28 -14.38
N VAL C 539 31.67 -34.24 -14.06
CA VAL C 539 31.14 -35.13 -13.03
C VAL C 539 31.02 -36.56 -13.55
N TYR C 540 30.57 -36.72 -14.79
CA TYR C 540 30.41 -38.06 -15.37
C TYR C 540 31.73 -38.82 -15.37
N ARG C 541 32.83 -38.15 -15.74
CA ARG C 541 34.14 -38.78 -15.69
C ARG C 541 34.58 -38.98 -14.24
N ALA C 542 34.22 -38.07 -13.34
CA ALA C 542 34.47 -38.29 -11.93
C ALA C 542 33.58 -39.40 -11.37
N ALA C 543 32.40 -39.60 -11.97
CA ALA C 543 31.58 -40.74 -11.61
C ALA C 543 32.19 -42.05 -12.10
N VAL C 544 32.88 -42.01 -13.24
CA VAL C 544 33.62 -43.18 -13.70
C VAL C 544 34.75 -43.51 -12.74
N GLN C 545 35.33 -42.50 -12.10
CA GLN C 545 36.28 -42.75 -11.02
C GLN C 545 35.58 -43.26 -9.77
N ASP C 546 34.35 -42.82 -9.54
CA ASP C 546 33.60 -43.25 -8.35
C ASP C 546 33.05 -44.66 -8.50
N GLY C 547 32.88 -45.15 -9.73
CA GLY C 547 32.39 -46.48 -9.97
C GLY C 547 30.90 -46.68 -9.79
N VAL C 548 30.23 -45.81 -9.04
CA VAL C 548 28.79 -45.92 -8.81
C VAL C 548 28.06 -45.06 -9.83
N ALA C 549 28.66 -44.88 -11.01
CA ALA C 549 28.05 -44.04 -12.04
C ALA C 549 26.77 -44.67 -12.58
N SER C 550 26.83 -45.95 -12.97
CA SER C 550 25.77 -46.58 -13.76
C SER C 550 25.52 -45.77 -15.03
N ARG C 551 26.60 -45.28 -15.63
CA ARG C 551 26.56 -44.32 -16.72
C ARG C 551 27.13 -44.91 -18.00
N THR C 552 26.99 -44.14 -19.07
CA THR C 552 27.51 -44.51 -20.38
C THR C 552 28.98 -44.12 -20.52
N HIS C 553 29.60 -44.62 -21.58
CA HIS C 553 30.92 -44.19 -22.00
C HIS C 553 30.91 -43.78 -23.47
N ASP C 554 29.76 -43.32 -23.96
CA ASP C 554 29.62 -42.88 -25.33
C ASP C 554 30.11 -41.43 -25.45
N ASP C 555 29.79 -40.78 -26.58
CA ASP C 555 30.18 -39.40 -26.79
C ASP C 555 29.52 -38.49 -25.77
N VAL C 556 30.30 -38.00 -24.80
CA VAL C 556 29.74 -37.23 -23.69
C VAL C 556 29.12 -35.94 -24.21
N ARG C 557 29.83 -35.22 -25.09
CA ARG C 557 29.29 -33.99 -25.64
C ARG C 557 27.99 -34.25 -26.40
N GLN C 558 27.98 -35.30 -27.23
CA GLN C 558 26.75 -35.69 -27.92
C GLN C 558 25.72 -36.25 -26.96
N ALA C 559 26.14 -36.77 -25.80
CA ALA C 559 25.19 -37.23 -24.80
C ALA C 559 24.64 -36.08 -23.98
N ILE C 560 25.48 -35.08 -23.69
CA ILE C 560 25.01 -33.91 -22.95
C ILE C 560 24.08 -33.06 -23.82
N VAL C 561 24.49 -32.80 -25.07
CA VAL C 561 23.66 -32.04 -26.01
C VAL C 561 22.35 -32.75 -26.27
N ASP C 562 22.27 -34.04 -25.93
CA ASP C 562 21.05 -34.81 -26.04
C ASP C 562 20.23 -34.82 -24.74
N THR C 563 20.50 -33.91 -23.79
CA THR C 563 19.86 -33.99 -22.47
C THR C 563 19.62 -32.62 -21.81
N MET C 564 19.33 -31.56 -22.59
CA MET C 564 19.35 -30.22 -21.98
C MET C 564 18.24 -29.25 -22.37
N TRP C 565 18.49 -28.45 -23.41
CA TRP C 565 17.74 -27.24 -23.76
C TRP C 565 16.22 -27.36 -23.62
N LEU C 566 15.54 -26.20 -23.42
CA LEU C 566 14.08 -26.19 -23.60
C LEU C 566 13.39 -25.06 -24.35
N PRO C 567 14.00 -24.40 -25.34
CA PRO C 567 13.16 -23.59 -26.25
C PRO C 567 12.08 -24.38 -26.96
N ALA C 568 12.38 -25.59 -27.44
CA ALA C 568 11.43 -26.45 -28.16
C ALA C 568 10.80 -25.70 -29.34
N TYR C 569 11.65 -25.33 -30.29
CA TYR C 569 11.24 -24.51 -31.42
C TYR C 569 11.49 -25.15 -32.78
N ASP C 570 11.90 -26.42 -32.81
CA ASP C 570 12.24 -27.12 -34.05
C ASP C 570 11.19 -26.95 -35.14
N VAL D 28 5.57 -36.38 -21.90
CA VAL D 28 5.07 -37.26 -20.84
C VAL D 28 5.00 -36.47 -19.53
N PRO D 29 4.01 -35.61 -19.40
CA PRO D 29 3.95 -34.72 -18.24
C PRO D 29 3.34 -35.39 -17.02
N ARG D 30 3.73 -34.87 -15.86
CA ARG D 30 3.09 -35.22 -14.60
C ARG D 30 1.70 -34.59 -14.60
N ILE D 31 0.69 -35.42 -14.84
CA ILE D 31 -0.64 -34.92 -15.20
C ILE D 31 -1.29 -34.24 -14.00
N PRO D 32 -1.73 -32.98 -14.12
CA PRO D 32 -2.63 -32.42 -13.11
C PRO D 32 -3.99 -33.09 -13.18
N ALA D 33 -4.61 -33.28 -12.02
CA ALA D 33 -5.78 -34.16 -11.89
C ALA D 33 -7.09 -33.40 -12.16
N ALA D 34 -7.16 -32.81 -13.36
CA ALA D 34 -8.42 -32.31 -13.93
C ALA D 34 -9.12 -31.30 -13.02
N LEU D 35 -8.36 -30.60 -12.18
CA LEU D 35 -8.90 -29.49 -11.42
C LEU D 35 -8.83 -28.18 -12.20
N SER D 36 -8.39 -28.23 -13.47
CA SER D 36 -8.16 -27.05 -14.28
C SER D 36 -9.38 -26.58 -15.04
N ALA D 37 -10.43 -27.37 -15.10
CA ALA D 37 -11.66 -26.91 -15.74
C ALA D 37 -12.23 -25.76 -14.91
N PRO D 38 -12.40 -24.56 -15.48
CA PRO D 38 -12.64 -23.38 -14.65
C PRO D 38 -13.96 -23.42 -13.88
N SER D 39 -15.01 -23.99 -14.48
CA SER D 39 -16.35 -23.88 -13.90
C SER D 39 -16.45 -24.63 -12.58
N LEU D 40 -15.81 -25.79 -12.48
CA LEU D 40 -15.92 -26.65 -11.30
C LEU D 40 -14.76 -26.49 -10.33
N ASN D 41 -14.02 -25.41 -10.38
CA ASN D 41 -12.88 -25.23 -9.47
C ASN D 41 -13.32 -24.43 -8.26
N ARG D 42 -13.67 -25.14 -7.19
CA ARG D 42 -13.61 -24.61 -5.84
C ARG D 42 -12.16 -24.78 -5.42
N GLY D 43 -11.39 -23.69 -5.54
CA GLY D 43 -9.96 -23.73 -5.28
C GLY D 43 -9.56 -24.65 -4.15
N VAL D 44 -10.14 -24.44 -2.98
CA VAL D 44 -9.83 -25.30 -1.84
C VAL D 44 -11.16 -25.62 -1.16
N GLY D 45 -12.26 -25.32 -1.86
CA GLY D 45 -13.59 -25.57 -1.31
C GLY D 45 -13.88 -27.04 -1.02
N PHE D 46 -13.18 -27.95 -1.70
CA PHE D 46 -13.42 -29.37 -1.53
C PHE D 46 -13.21 -29.80 -0.08
N THR D 47 -14.13 -30.61 0.44
CA THR D 47 -14.00 -31.18 1.77
C THR D 47 -13.04 -32.36 1.72
N HIS D 48 -12.81 -32.97 2.89
CA HIS D 48 -11.99 -34.17 2.96
C HIS D 48 -12.54 -35.26 2.07
N ALA D 49 -13.86 -35.45 2.10
CA ALA D 49 -14.50 -36.41 1.20
C ALA D 49 -14.19 -36.09 -0.26
N GLN D 50 -14.46 -34.85 -0.67
CA GLN D 50 -14.27 -34.47 -2.07
C GLN D 50 -12.80 -34.57 -2.50
N ARG D 51 -11.87 -34.33 -1.58
CA ARG D 51 -10.46 -34.29 -1.94
C ARG D 51 -9.99 -35.64 -2.49
N ARG D 52 -10.30 -36.72 -1.77
CA ARG D 52 -9.92 -38.06 -2.20
C ARG D 52 -10.94 -38.68 -3.15
N ARG D 53 -12.21 -38.29 -3.02
CA ARG D 53 -13.27 -38.80 -3.88
C ARG D 53 -12.90 -38.64 -5.34
N LEU D 54 -12.64 -37.41 -5.76
CA LEU D 54 -12.19 -37.12 -7.11
C LEU D 54 -10.69 -37.29 -7.28
N GLY D 55 -9.98 -37.73 -6.24
CA GLY D 55 -8.57 -38.02 -6.36
C GLY D 55 -7.64 -36.83 -6.30
N LEU D 56 -8.06 -35.74 -5.66
CA LEU D 56 -7.21 -34.57 -5.51
C LEU D 56 -6.40 -34.59 -4.22
N THR D 57 -6.47 -35.66 -3.45
CA THR D 57 -5.67 -35.78 -2.25
C THR D 57 -4.19 -35.72 -2.60
N GLY D 58 -3.44 -34.89 -1.87
CA GLY D 58 -2.04 -34.70 -2.19
C GLY D 58 -1.78 -33.72 -3.31
N ARG D 59 -2.77 -32.94 -3.72
CA ARG D 59 -2.56 -31.86 -4.66
C ARG D 59 -2.91 -30.49 -4.07
N LEU D 60 -3.51 -30.45 -2.89
CA LEU D 60 -4.01 -29.24 -2.26
C LEU D 60 -3.58 -29.19 -0.79
N PRO D 61 -3.46 -28.00 -0.22
CA PRO D 61 -3.14 -27.91 1.20
C PRO D 61 -4.35 -28.25 2.06
N SER D 62 -4.07 -28.51 3.34
CA SER D 62 -5.08 -29.00 4.26
C SER D 62 -6.08 -27.93 4.64
N ALA D 63 -6.94 -27.52 3.72
CA ALA D 63 -7.90 -26.47 4.02
C ALA D 63 -9.28 -26.86 3.54
N VAL D 64 -10.24 -26.81 4.45
CA VAL D 64 -11.65 -26.64 4.11
C VAL D 64 -11.98 -25.18 4.38
N LEU D 65 -12.55 -24.51 3.39
CA LEU D 65 -12.75 -23.07 3.47
C LEU D 65 -14.16 -22.71 3.08
N THR D 66 -14.78 -21.84 3.86
CA THR D 66 -16.00 -21.19 3.40
C THR D 66 -15.69 -20.41 2.13
N LEU D 67 -16.57 -20.51 1.14
CA LEU D 67 -16.41 -19.67 -0.05
C LEU D 67 -16.43 -18.20 0.32
N ASP D 68 -17.19 -17.85 1.37
CA ASP D 68 -17.13 -16.50 1.91
C ASP D 68 -15.73 -16.16 2.38
N GLN D 69 -15.05 -17.13 3.01
CA GLN D 69 -13.69 -16.88 3.51
C GLN D 69 -12.71 -16.64 2.38
N GLN D 70 -12.89 -17.30 1.24
CA GLN D 70 -12.02 -17.03 0.09
C GLN D 70 -12.22 -15.61 -0.40
N ALA D 71 -13.46 -15.13 -0.42
CA ALA D 71 -13.73 -13.76 -0.87
C ALA D 71 -13.07 -12.73 0.04
N GLU D 72 -13.20 -12.92 1.35
CA GLU D 72 -12.51 -12.04 2.29
C GLU D 72 -11.01 -12.19 2.18
N ARG D 73 -10.52 -13.40 1.88
CA ARG D 73 -9.10 -13.59 1.64
C ARG D 73 -8.64 -12.86 0.38
N VAL D 74 -9.43 -12.96 -0.69
CA VAL D 74 -9.03 -12.36 -1.96
C VAL D 74 -9.07 -10.84 -1.88
N TRP D 75 -10.02 -10.28 -1.13
CA TRP D 75 -10.04 -8.82 -1.01
C TRP D 75 -8.85 -8.34 -0.18
N HIS D 76 -8.44 -9.11 0.83
CA HIS D 76 -7.19 -8.80 1.52
C HIS D 76 -6.02 -8.83 0.55
N GLN D 77 -6.04 -9.77 -0.40
CA GLN D 77 -5.06 -9.77 -1.47
C GLN D 77 -5.15 -8.48 -2.29
N LEU D 78 -6.37 -8.08 -2.65
CA LEU D 78 -6.55 -6.92 -3.51
C LEU D 78 -6.31 -5.62 -2.76
N GLN D 79 -6.47 -5.62 -1.44
CA GLN D 79 -6.13 -4.43 -0.66
C GLN D 79 -4.62 -4.26 -0.57
N SER D 80 -3.87 -5.36 -0.54
CA SER D 80 -2.41 -5.27 -0.56
C SER D 80 -1.88 -4.73 -1.87
N LEU D 81 -2.69 -4.72 -2.91
CA LEU D 81 -2.29 -4.17 -4.21
C LEU D 81 -2.38 -2.65 -4.14
N ALA D 82 -1.23 -1.98 -4.10
CA ALA D 82 -1.22 -0.52 -4.02
C ALA D 82 -1.66 0.11 -5.33
N THR D 83 -1.44 -0.58 -6.46
CA THR D 83 -1.76 -0.04 -7.76
C THR D 83 -3.21 -0.34 -8.13
N GLU D 84 -3.58 0.04 -9.35
CA GLU D 84 -4.93 -0.20 -9.88
C GLU D 84 -4.97 -1.40 -10.81
N LEU D 85 -4.20 -1.34 -11.91
CA LEU D 85 -4.25 -2.39 -12.92
C LEU D 85 -3.81 -3.75 -12.38
N GLY D 86 -3.02 -3.77 -11.31
CA GLY D 86 -2.67 -5.03 -10.69
C GLY D 86 -3.87 -5.81 -10.21
N ARG D 87 -4.94 -5.11 -9.81
CA ARG D 87 -6.16 -5.78 -9.40
C ARG D 87 -6.82 -6.47 -10.59
N ASN D 88 -7.02 -5.74 -11.69
CA ASN D 88 -7.55 -6.35 -12.91
C ASN D 88 -6.64 -7.47 -13.40
N LEU D 89 -5.32 -7.25 -13.34
CA LEU D 89 -4.37 -8.26 -13.77
C LEU D 89 -4.45 -9.50 -12.90
N LEU D 90 -4.84 -9.35 -11.63
CA LEU D 90 -5.06 -10.51 -10.78
C LEU D 90 -6.38 -11.20 -11.09
N LEU D 91 -7.44 -10.41 -11.31
CA LEU D 91 -8.73 -10.99 -11.71
C LEU D 91 -8.61 -11.75 -13.01
N GLU D 92 -7.75 -11.28 -13.93
CA GLU D 92 -7.55 -11.99 -15.19
C GLU D 92 -7.00 -13.39 -14.97
N GLN D 93 -6.31 -13.61 -13.84
CA GLN D 93 -5.90 -14.95 -13.45
C GLN D 93 -6.98 -15.70 -12.68
N LEU D 94 -7.85 -14.97 -11.96
CA LEU D 94 -8.95 -15.62 -11.25
C LEU D 94 -9.88 -16.33 -12.22
N HIS D 95 -10.23 -15.65 -13.32
CA HIS D 95 -11.05 -16.27 -14.36
C HIS D 95 -10.52 -17.65 -14.76
N TYR D 96 -9.21 -17.74 -14.98
CA TYR D 96 -8.61 -19.00 -15.39
C TYR D 96 -8.74 -20.05 -14.29
N ARG D 97 -8.36 -19.70 -13.06
CA ARG D 97 -8.24 -20.71 -12.02
C ARG D 97 -9.59 -21.08 -11.41
N HIS D 98 -10.48 -20.10 -11.22
CA HIS D 98 -11.78 -20.38 -10.59
C HIS D 98 -12.79 -19.36 -11.08
N GLU D 99 -13.87 -19.84 -11.70
CA GLU D 99 -14.87 -18.92 -12.25
C GLU D 99 -15.84 -18.45 -11.16
N VAL D 100 -16.38 -19.38 -10.38
CA VAL D 100 -17.39 -19.03 -9.38
C VAL D 100 -16.82 -18.03 -8.37
N LEU D 101 -15.58 -18.27 -7.92
CA LEU D 101 -14.97 -17.37 -6.94
C LEU D 101 -14.79 -15.97 -7.53
N TYR D 102 -14.48 -15.89 -8.82
CA TYR D 102 -14.30 -14.59 -9.47
C TYR D 102 -15.56 -13.74 -9.32
N PHE D 103 -16.74 -14.35 -9.41
CA PHE D 103 -17.97 -13.58 -9.32
C PHE D 103 -18.51 -13.50 -7.91
N LYS D 104 -18.20 -14.50 -7.07
CA LYS D 104 -18.55 -14.38 -5.65
C LYS D 104 -17.79 -13.22 -5.00
N VAL D 105 -16.53 -13.03 -5.38
CA VAL D 105 -15.78 -11.87 -4.93
C VAL D 105 -16.33 -10.60 -5.56
N LEU D 106 -16.53 -10.63 -6.89
CA LEU D 106 -16.91 -9.41 -7.60
C LEU D 106 -18.32 -8.98 -7.23
N ALA D 107 -19.24 -9.92 -7.00
CA ALA D 107 -20.58 -9.55 -6.60
C ALA D 107 -20.60 -9.06 -5.15
N ASP D 108 -19.77 -9.65 -4.29
CA ASP D 108 -19.79 -9.28 -2.88
C ASP D 108 -19.26 -7.87 -2.65
N HIS D 109 -18.19 -7.50 -3.36
CA HIS D 109 -17.59 -6.18 -3.20
C HIS D 109 -17.64 -5.43 -4.51
N LEU D 110 -18.83 -5.37 -5.10
CA LEU D 110 -19.11 -4.88 -6.44
C LEU D 110 -18.90 -3.37 -6.60
N PRO D 111 -19.26 -2.51 -5.63
CA PRO D 111 -19.23 -1.06 -5.90
C PRO D 111 -17.86 -0.52 -6.30
N GLU D 112 -16.77 -1.13 -5.84
CA GLU D 112 -15.44 -0.70 -6.25
C GLU D 112 -14.72 -1.70 -7.15
N LEU D 113 -15.13 -2.97 -7.14
CA LEU D 113 -14.52 -3.96 -8.02
C LEU D 113 -15.19 -4.02 -9.39
N MET D 114 -16.45 -3.59 -9.50
CA MET D 114 -17.06 -3.46 -10.82
C MET D 114 -16.43 -2.33 -11.62
N PRO D 115 -16.04 -1.20 -10.97
CA PRO D 115 -15.28 -0.18 -11.69
C PRO D 115 -14.15 -0.70 -12.56
N VAL D 116 -13.19 -1.41 -11.97
CA VAL D 116 -11.90 -1.65 -12.61
C VAL D 116 -12.05 -2.30 -13.98
N VAL D 117 -13.06 -3.15 -14.16
CA VAL D 117 -13.09 -3.97 -15.37
C VAL D 117 -13.74 -3.29 -16.57
N TYR D 118 -14.55 -2.24 -16.39
CA TYR D 118 -15.23 -1.65 -17.55
C TYR D 118 -15.04 -0.14 -17.72
N THR D 119 -14.42 0.56 -16.79
CA THR D 119 -14.32 1.98 -17.14
C THR D 119 -12.91 2.56 -16.90
N PRO D 120 -12.37 2.59 -15.66
CA PRO D 120 -11.08 3.26 -15.46
C PRO D 120 -9.96 2.62 -16.26
N THR D 121 -9.74 1.32 -16.04
CA THR D 121 -8.62 0.59 -16.64
C THR D 121 -8.95 0.26 -18.10
N VAL D 122 -8.98 1.31 -18.91
CA VAL D 122 -9.31 1.15 -20.32
C VAL D 122 -8.28 0.29 -21.03
N GLY D 123 -7.00 0.48 -20.71
CA GLY D 123 -5.96 -0.30 -21.36
C GLY D 123 -5.40 -1.41 -20.49
N GLU D 124 -6.18 -1.80 -19.47
CA GLU D 124 -5.72 -2.80 -18.50
C GLU D 124 -5.18 -4.05 -19.18
N ALA D 125 -5.99 -4.68 -20.02
CA ALA D 125 -5.53 -5.79 -20.84
C ALA D 125 -5.20 -5.40 -22.27
N ILE D 126 -5.95 -4.46 -22.85
CA ILE D 126 -5.81 -4.15 -24.27
C ILE D 126 -4.60 -3.29 -24.59
N GLN D 127 -4.04 -2.55 -23.62
CA GLN D 127 -2.84 -1.77 -23.93
C GLN D 127 -1.65 -2.03 -22.99
N ARG D 128 -1.90 -2.38 -21.73
CA ARG D 128 -0.80 -2.74 -20.83
C ARG D 128 -0.56 -4.25 -20.76
N PHE D 129 -1.48 -5.05 -21.31
CA PHE D 129 -1.33 -6.50 -21.31
C PHE D 129 -1.41 -7.12 -22.69
N SER D 130 -1.84 -6.37 -23.71
CA SER D 130 -1.58 -6.84 -25.06
C SER D 130 -0.10 -6.82 -25.40
N ASP D 131 0.76 -6.47 -24.45
CA ASP D 131 2.17 -6.86 -24.50
C ASP D 131 2.38 -8.21 -23.81
N GLU D 132 1.84 -8.38 -22.60
CA GLU D 132 2.17 -9.53 -21.78
C GLU D 132 1.15 -10.65 -21.82
N TYR D 133 -0.12 -10.35 -22.07
CA TYR D 133 -1.19 -11.25 -21.68
C TYR D 133 -2.07 -11.65 -22.85
N ARG D 134 -2.67 -12.83 -22.73
CA ARG D 134 -3.78 -13.26 -23.56
C ARG D 134 -5.05 -13.26 -22.72
N GLY D 135 -6.17 -12.94 -23.34
CA GLY D 135 -7.35 -12.56 -22.58
C GLY D 135 -8.41 -13.61 -22.29
N GLN D 136 -8.77 -14.43 -23.27
CA GLN D 136 -9.96 -15.26 -23.10
C GLN D 136 -9.85 -16.55 -23.89
N ARG D 137 -10.83 -17.42 -23.68
CA ARG D 137 -11.02 -18.65 -24.42
C ARG D 137 -11.99 -18.51 -25.58
N GLY D 138 -12.60 -17.34 -25.75
CA GLY D 138 -13.53 -17.10 -26.82
C GLY D 138 -12.84 -17.04 -28.17
N LEU D 139 -13.58 -16.55 -29.16
CA LEU D 139 -13.14 -16.57 -30.55
C LEU D 139 -12.58 -15.21 -30.97
N PHE D 140 -11.55 -15.25 -31.82
CA PHE D 140 -11.09 -14.09 -32.58
C PHE D 140 -11.30 -14.42 -34.06
N LEU D 141 -12.27 -13.78 -34.69
CA LEU D 141 -12.56 -14.01 -36.09
C LEU D 141 -11.84 -12.97 -36.95
N SER D 142 -11.20 -13.46 -38.01
CA SER D 142 -10.42 -12.62 -38.91
C SER D 142 -11.19 -12.36 -40.19
N ILE D 143 -10.78 -11.32 -40.90
CA ILE D 143 -11.33 -11.07 -42.23
C ILE D 143 -10.59 -11.86 -43.31
N ASP D 144 -9.44 -12.43 -42.98
CA ASP D 144 -8.73 -13.30 -43.89
C ASP D 144 -9.22 -14.74 -43.85
N GLU D 145 -10.02 -15.10 -42.85
CA GLU D 145 -10.68 -16.41 -42.79
C GLU D 145 -12.13 -16.22 -42.33
N PRO D 146 -12.99 -15.71 -43.20
CA PRO D 146 -14.42 -15.62 -42.87
C PRO D 146 -15.21 -16.89 -43.16
N ASP D 147 -14.57 -17.93 -43.70
CA ASP D 147 -15.26 -19.15 -44.08
C ASP D 147 -15.36 -20.16 -42.95
N GLU D 148 -14.36 -20.21 -42.07
CA GLU D 148 -14.31 -21.21 -41.00
C GLU D 148 -14.82 -20.66 -39.67
N ILE D 149 -15.90 -19.87 -39.69
CA ILE D 149 -16.51 -19.44 -38.44
C ILE D 149 -17.25 -20.60 -37.78
N GLU D 150 -18.00 -21.37 -38.57
CA GLU D 150 -18.69 -22.53 -38.04
C GLU D 150 -17.71 -23.56 -37.50
N GLU D 151 -16.54 -23.70 -38.13
CA GLU D 151 -15.51 -24.56 -37.57
C GLU D 151 -14.93 -23.98 -36.29
N ALA D 152 -14.90 -22.65 -36.18
CA ALA D 152 -14.41 -22.01 -34.95
C ALA D 152 -15.40 -22.19 -33.81
N PHE D 153 -16.68 -21.93 -34.07
CA PHE D 153 -17.70 -22.05 -33.04
C PHE D 153 -17.77 -23.46 -32.48
N ASN D 154 -17.61 -24.47 -33.35
CA ASN D 154 -17.72 -25.86 -32.93
C ASN D 154 -16.61 -26.27 -31.97
N THR D 155 -15.58 -25.45 -31.81
CA THR D 155 -14.50 -25.77 -30.87
C THR D 155 -15.00 -25.80 -29.44
N LEU D 156 -15.88 -24.87 -29.07
CA LEU D 156 -16.40 -24.83 -27.71
C LEU D 156 -17.19 -26.08 -27.36
N GLY D 157 -17.65 -26.83 -28.35
CA GLY D 157 -18.54 -27.94 -28.10
C GLY D 157 -19.89 -27.56 -27.55
N LEU D 158 -20.14 -26.26 -27.38
CA LEU D 158 -21.43 -25.81 -26.86
C LEU D 158 -22.51 -26.04 -27.91
N GLY D 159 -23.50 -26.83 -27.56
CA GLY D 159 -24.63 -27.06 -28.43
C GLY D 159 -25.62 -25.93 -28.37
N PRO D 160 -26.55 -25.92 -29.34
CA PRO D 160 -27.60 -24.90 -29.36
C PRO D 160 -28.52 -24.91 -28.15
N GLU D 161 -28.43 -25.95 -27.31
CA GLU D 161 -29.29 -26.09 -26.14
C GLU D 161 -29.22 -24.87 -25.24
N ASP D 162 -28.07 -24.62 -24.63
CA ASP D 162 -27.87 -23.46 -23.77
C ASP D 162 -26.70 -22.63 -24.30
N VAL D 163 -27.03 -21.68 -25.18
CA VAL D 163 -26.23 -20.48 -25.45
C VAL D 163 -27.24 -19.35 -25.57
N ASP D 164 -26.90 -18.16 -25.10
CA ASP D 164 -27.92 -17.12 -25.22
C ASP D 164 -27.38 -15.71 -25.39
N LEU D 165 -26.09 -15.47 -25.19
CA LEU D 165 -25.59 -14.14 -25.47
C LEU D 165 -24.20 -14.23 -26.09
N ILE D 166 -23.95 -13.37 -27.07
CA ILE D 166 -22.68 -13.26 -27.75
C ILE D 166 -22.27 -11.79 -27.76
N VAL D 167 -21.05 -11.51 -27.30
CA VAL D 167 -20.50 -10.17 -27.31
C VAL D 167 -19.36 -10.13 -28.30
N CYS D 168 -19.46 -9.23 -29.28
CA CYS D 168 -18.42 -9.06 -30.29
C CYS D 168 -18.17 -7.58 -30.51
N THR D 169 -17.00 -7.27 -31.06
CA THR D 169 -16.56 -5.89 -31.15
C THR D 169 -15.65 -5.70 -32.36
N ASP D 170 -15.85 -4.57 -33.05
CA ASP D 170 -14.93 -4.13 -34.08
C ASP D 170 -13.75 -3.36 -33.51
N ALA D 171 -13.87 -2.87 -32.28
CA ALA D 171 -12.87 -2.03 -31.63
C ALA D 171 -12.69 -0.71 -32.37
N GLU D 172 -13.82 -0.03 -32.63
CA GLU D 172 -13.84 1.28 -33.27
C GLU D 172 -14.64 2.22 -32.38
N ALA D 173 -13.97 3.25 -31.84
CA ALA D 173 -14.58 4.21 -30.92
C ALA D 173 -15.23 3.50 -29.74
N ILE D 174 -14.37 2.87 -28.92
CA ILE D 174 -14.84 1.87 -27.96
C ILE D 174 -15.36 2.54 -26.69
N LEU D 175 -14.49 3.22 -25.94
CA LEU D 175 -14.85 3.75 -24.62
C LEU D 175 -14.00 4.99 -24.36
N GLY D 176 -14.39 6.10 -24.99
CA GLY D 176 -13.66 7.35 -24.88
C GLY D 176 -12.39 7.42 -25.68
N ILE D 177 -11.86 6.29 -26.13
CA ILE D 177 -10.67 6.24 -26.97
C ILE D 177 -11.04 5.62 -28.31
N GLY D 178 -10.47 6.16 -29.38
CA GLY D 178 -10.90 5.77 -30.72
C GLY D 178 -10.66 4.30 -31.02
N ASP D 179 -9.46 3.81 -30.73
CA ASP D 179 -9.15 2.43 -31.06
C ASP D 179 -8.05 1.93 -30.14
N TRP D 180 -8.09 0.63 -29.85
CA TRP D 180 -7.07 0.01 -29.02
C TRP D 180 -6.78 -1.43 -29.46
N GLY D 181 -7.23 -1.82 -30.65
CA GLY D 181 -6.77 -3.05 -31.26
C GLY D 181 -7.55 -4.28 -30.84
N VAL D 182 -6.94 -5.44 -31.13
CA VAL D 182 -7.55 -6.74 -30.86
C VAL D 182 -7.40 -7.03 -29.38
N GLY D 183 -8.20 -6.37 -28.57
CA GLY D 183 -8.25 -6.62 -27.14
C GLY D 183 -9.70 -6.60 -26.70
N GLY D 184 -10.60 -6.50 -27.66
CA GLY D 184 -12.02 -6.41 -27.37
C GLY D 184 -12.57 -7.56 -26.55
N ILE D 185 -11.88 -8.70 -26.55
CA ILE D 185 -12.30 -9.80 -25.67
C ILE D 185 -12.18 -9.38 -24.21
N GLN D 186 -11.13 -8.63 -23.87
CA GLN D 186 -10.97 -8.16 -22.49
C GLN D 186 -12.12 -7.27 -22.07
N ILE D 187 -12.54 -6.37 -22.97
CA ILE D 187 -13.74 -5.57 -22.71
C ILE D 187 -14.97 -6.45 -22.71
N ALA D 188 -15.07 -7.36 -23.68
CA ALA D 188 -16.24 -8.23 -23.77
C ALA D 188 -16.34 -9.14 -22.56
N VAL D 189 -15.24 -9.79 -22.17
CA VAL D 189 -15.26 -10.65 -20.99
C VAL D 189 -15.63 -9.85 -19.75
N GLY D 190 -15.14 -8.61 -19.65
CA GLY D 190 -15.53 -7.75 -18.55
C GLY D 190 -17.01 -7.42 -18.58
N LYS D 191 -17.56 -7.19 -19.77
CA LYS D 191 -19.00 -7.00 -19.92
C LYS D 191 -19.75 -8.26 -19.50
N LEU D 192 -19.28 -9.42 -19.94
CA LEU D 192 -19.85 -10.69 -19.51
C LEU D 192 -19.87 -10.80 -17.99
N ALA D 193 -18.76 -10.39 -17.35
CA ALA D 193 -18.70 -10.40 -15.90
C ALA D 193 -19.87 -9.63 -15.31
N LEU D 194 -20.10 -8.40 -15.81
CA LEU D 194 -21.20 -7.59 -15.30
C LEU D 194 -22.55 -8.24 -15.58
N TYR D 195 -22.69 -8.98 -16.68
CA TYR D 195 -23.91 -9.73 -16.93
C TYR D 195 -24.20 -10.73 -15.81
N THR D 196 -23.28 -11.66 -15.59
CA THR D 196 -23.48 -12.66 -14.56
C THR D 196 -23.19 -12.17 -13.14
N ALA D 197 -22.56 -11.00 -12.98
CA ALA D 197 -22.41 -10.44 -11.64
C ALA D 197 -23.72 -9.84 -11.15
N GLY D 198 -24.39 -9.06 -12.01
CA GLY D 198 -25.63 -8.42 -11.64
C GLY D 198 -26.86 -9.08 -12.24
N GLY D 199 -26.88 -9.21 -13.57
CA GLY D 199 -28.03 -9.79 -14.23
C GLY D 199 -28.20 -11.28 -13.97
N GLY D 200 -27.08 -12.01 -13.84
CA GLY D 200 -27.11 -13.40 -13.44
C GLY D 200 -26.95 -14.40 -14.56
N VAL D 201 -26.94 -13.96 -15.82
CA VAL D 201 -26.86 -14.87 -16.96
C VAL D 201 -25.73 -15.87 -16.76
N ASP D 202 -25.98 -17.12 -17.11
CA ASP D 202 -25.08 -18.22 -16.81
C ASP D 202 -23.70 -18.00 -17.45
N PRO D 203 -22.62 -17.92 -16.66
CA PRO D 203 -21.27 -17.89 -17.24
C PRO D 203 -20.98 -18.98 -18.26
N ARG D 204 -21.45 -20.20 -18.05
CA ARG D 204 -21.22 -21.23 -19.06
C ARG D 204 -22.14 -21.07 -20.27
N ARG D 205 -23.12 -20.16 -20.21
CA ARG D 205 -24.04 -19.95 -21.32
C ARG D 205 -23.70 -18.71 -22.14
N CYS D 206 -22.60 -18.03 -21.84
CA CYS D 206 -22.23 -16.83 -22.58
C CYS D 206 -20.90 -17.03 -23.28
N LEU D 207 -20.75 -16.37 -24.42
CA LEU D 207 -19.53 -16.44 -25.23
C LEU D 207 -19.23 -15.06 -25.80
N ALA D 208 -17.95 -14.72 -25.86
CA ALA D 208 -17.49 -13.47 -26.44
C ALA D 208 -16.58 -13.75 -27.63
N VAL D 209 -16.46 -12.76 -28.51
CA VAL D 209 -15.70 -12.91 -29.74
C VAL D 209 -15.21 -11.54 -30.19
N SER D 210 -14.06 -11.53 -30.86
CA SER D 210 -13.49 -10.31 -31.42
C SER D 210 -13.31 -10.47 -32.93
N LEU D 211 -13.69 -9.44 -33.68
CA LEU D 211 -13.59 -9.43 -35.13
C LEU D 211 -12.30 -8.72 -35.51
N ASP D 212 -11.25 -9.49 -35.78
CA ASP D 212 -9.95 -8.94 -36.17
C ASP D 212 -9.98 -8.61 -37.66
N VAL D 213 -10.76 -7.60 -38.00
CA VAL D 213 -10.94 -7.17 -39.38
C VAL D 213 -9.95 -6.07 -39.72
N GLY D 214 -8.95 -5.90 -38.86
CA GLY D 214 -7.91 -4.91 -39.07
C GLY D 214 -8.08 -3.73 -38.14
N THR D 215 -6.96 -3.14 -37.74
CA THR D 215 -6.92 -1.96 -36.91
C THR D 215 -6.29 -0.80 -37.67
N ASP D 216 -6.46 0.41 -37.14
CA ASP D 216 -6.00 1.61 -37.82
C ASP D 216 -4.96 2.40 -37.05
N ASN D 217 -5.00 2.41 -35.72
CA ASN D 217 -4.06 3.19 -34.94
C ASN D 217 -2.63 2.74 -35.22
N GLU D 218 -1.79 3.68 -35.66
CA GLU D 218 -0.45 3.34 -36.10
C GLU D 218 0.43 2.82 -34.96
N GLN D 219 0.17 3.29 -33.73
CA GLN D 219 0.98 2.87 -32.59
C GLN D 219 0.90 1.36 -32.39
N LEU D 220 -0.27 0.77 -32.64
CA LEU D 220 -0.39 -0.68 -32.56
C LEU D 220 0.02 -1.36 -33.85
N LEU D 221 -0.17 -0.69 -35.00
CA LEU D 221 0.11 -1.32 -36.28
C LEU D 221 1.57 -1.71 -36.42
N ALA D 222 2.47 -0.79 -36.06
CA ALA D 222 3.90 -0.98 -36.26
C ALA D 222 4.61 -1.60 -35.06
N ASP D 223 3.86 -2.22 -34.14
CA ASP D 223 4.46 -2.89 -32.99
C ASP D 223 4.81 -4.32 -33.40
N PRO D 224 6.09 -4.69 -33.46
CA PRO D 224 6.43 -6.05 -33.93
C PRO D 224 5.85 -7.15 -33.07
N PHE D 225 5.64 -6.91 -31.79
CA PHE D 225 5.09 -7.93 -30.89
C PHE D 225 3.57 -7.98 -30.91
N TYR D 226 2.91 -6.97 -31.48
CA TYR D 226 1.45 -6.94 -31.49
C TYR D 226 0.90 -8.14 -32.24
N LEU D 227 0.00 -8.87 -31.59
CA LEU D 227 -0.54 -10.12 -32.11
C LEU D 227 -1.94 -9.87 -32.66
N GLY D 228 -2.13 -10.17 -33.93
CA GLY D 228 -3.41 -9.97 -34.59
C GLY D 228 -3.19 -9.61 -36.05
N ASN D 229 -4.30 -9.32 -36.73
CA ASN D 229 -4.22 -8.91 -38.12
C ASN D 229 -3.51 -7.56 -38.22
N ARG D 230 -2.50 -7.51 -39.08
CA ARG D 230 -1.70 -6.31 -39.27
C ARG D 230 -2.24 -5.40 -40.36
N HIS D 231 -3.38 -5.74 -40.95
CA HIS D 231 -3.95 -4.91 -42.01
C HIS D 231 -4.56 -3.65 -41.41
N ALA D 232 -4.91 -2.71 -42.29
CA ALA D 232 -5.60 -1.50 -41.89
C ALA D 232 -7.09 -1.80 -41.80
N ARG D 233 -7.90 -0.75 -41.69
CA ARG D 233 -9.35 -0.92 -41.67
C ARG D 233 -9.83 -1.37 -43.05
N ARG D 234 -10.38 -2.57 -43.13
CA ARG D 234 -10.92 -3.10 -44.38
C ARG D 234 -12.43 -2.93 -44.35
N ARG D 235 -12.95 -2.07 -45.24
CA ARG D 235 -14.35 -1.67 -45.22
C ARG D 235 -14.94 -1.82 -46.61
N GLY D 236 -16.27 -1.88 -46.66
CA GLY D 236 -16.96 -2.05 -47.91
C GLY D 236 -17.80 -3.31 -47.95
N ARG D 237 -18.06 -3.83 -49.15
CA ARG D 237 -18.94 -4.98 -49.29
C ARG D 237 -18.33 -6.24 -48.71
N GLU D 238 -16.99 -6.34 -48.69
CA GLU D 238 -16.36 -7.47 -48.01
C GLU D 238 -16.63 -7.43 -46.51
N TYR D 239 -16.72 -6.24 -45.94
CA TYR D 239 -17.00 -6.08 -44.51
C TYR D 239 -18.42 -6.54 -44.18
N ASP D 240 -19.42 -5.90 -44.82
CA ASP D 240 -20.81 -6.27 -44.56
C ASP D 240 -21.04 -7.75 -44.82
N GLU D 241 -20.47 -8.28 -45.91
CA GLU D 241 -20.54 -9.71 -46.14
C GLU D 241 -19.95 -10.49 -44.98
N PHE D 242 -18.80 -10.06 -44.46
CA PHE D 242 -18.18 -10.76 -43.34
C PHE D 242 -19.07 -10.72 -42.10
N VAL D 243 -19.60 -9.53 -41.77
CA VAL D 243 -20.49 -9.43 -40.62
C VAL D 243 -21.77 -10.22 -40.87
N SER D 244 -22.31 -10.12 -42.08
CA SER D 244 -23.46 -10.95 -42.45
C SER D 244 -23.16 -12.42 -42.17
N ARG D 245 -22.11 -12.96 -42.79
CA ARG D 245 -21.73 -14.35 -42.54
C ARG D 245 -21.46 -14.61 -41.07
N TYR D 246 -21.09 -13.58 -40.29
CA TYR D 246 -20.94 -13.77 -38.86
C TYR D 246 -22.30 -13.80 -38.17
N ILE D 247 -23.19 -12.87 -38.51
CA ILE D 247 -24.48 -12.82 -37.85
C ILE D 247 -25.46 -13.80 -38.50
N GLU D 248 -25.27 -14.13 -39.78
CA GLU D 248 -26.16 -15.08 -40.44
C GLU D 248 -25.99 -16.49 -39.89
N THR D 249 -24.83 -16.80 -39.30
CA THR D 249 -24.63 -18.09 -38.65
C THR D 249 -24.84 -18.02 -37.14
N ALA D 250 -24.90 -16.82 -36.57
CA ALA D 250 -25.10 -16.69 -35.13
C ALA D 250 -26.40 -17.36 -34.69
N GLN D 251 -27.47 -17.18 -35.47
CA GLN D 251 -28.74 -17.81 -35.12
C GLN D 251 -28.82 -19.24 -35.64
N ARG D 252 -28.12 -19.55 -36.74
CA ARG D 252 -28.24 -20.88 -37.34
C ARG D 252 -27.76 -21.97 -36.39
N LEU D 253 -26.56 -21.80 -35.84
CA LEU D 253 -26.06 -22.72 -34.84
C LEU D 253 -27.09 -22.81 -33.72
N PHE D 254 -27.19 -21.77 -32.91
CA PHE D 254 -28.14 -21.73 -31.81
C PHE D 254 -29.18 -20.63 -32.02
N PRO D 255 -30.44 -20.99 -32.28
CA PRO D 255 -31.47 -19.95 -32.46
C PRO D 255 -31.66 -19.10 -31.20
N ARG D 256 -31.82 -17.80 -31.43
CA ARG D 256 -32.17 -16.83 -30.39
C ARG D 256 -31.20 -16.89 -29.21
N ALA D 257 -29.94 -16.63 -29.53
CA ALA D 257 -28.94 -16.19 -28.57
C ALA D 257 -28.90 -14.67 -28.67
N ILE D 258 -29.20 -13.98 -27.57
CA ILE D 258 -29.24 -12.52 -27.54
C ILE D 258 -27.91 -11.99 -28.04
N LEU D 259 -27.95 -11.27 -29.16
CA LEU D 259 -26.72 -10.82 -29.81
C LEU D 259 -26.36 -9.43 -29.31
N HIS D 260 -25.21 -9.33 -28.65
CA HIS D 260 -24.72 -8.08 -28.10
C HIS D 260 -23.67 -7.47 -29.02
N PHE D 261 -23.76 -6.15 -29.21
CA PHE D 261 -22.82 -5.39 -30.02
C PHE D 261 -22.28 -4.27 -29.16
N GLU D 262 -21.03 -4.39 -28.73
CA GLU D 262 -20.41 -3.42 -27.84
C GLU D 262 -19.18 -2.83 -28.49
N ASP D 263 -18.95 -1.54 -28.23
CA ASP D 263 -17.75 -0.85 -28.69
C ASP D 263 -17.61 -0.91 -30.21
N PHE D 264 -18.67 -0.51 -30.89
CA PHE D 264 -18.73 -0.53 -32.36
C PHE D 264 -18.66 0.88 -32.91
N GLY D 265 -18.29 0.97 -34.18
CA GLY D 265 -18.34 2.23 -34.91
C GLY D 265 -19.77 2.70 -35.03
N PRO D 266 -19.97 4.02 -35.15
CA PRO D 266 -21.34 4.54 -35.10
C PRO D 266 -22.17 4.17 -36.31
N ALA D 267 -21.63 4.30 -37.52
CA ALA D 267 -22.35 3.88 -38.71
C ALA D 267 -22.64 2.39 -38.67
N ASN D 268 -21.65 1.59 -38.29
CA ASN D 268 -21.84 0.14 -38.19
C ASN D 268 -22.87 -0.20 -37.12
N ALA D 269 -22.77 0.45 -35.96
CA ALA D 269 -23.72 0.22 -34.87
C ALA D 269 -25.15 0.34 -35.35
N ARG D 270 -25.48 1.46 -35.97
CA ARG D 270 -26.84 1.67 -36.47
C ARG D 270 -27.14 0.77 -37.65
N LYS D 271 -26.22 0.71 -38.63
CA LYS D 271 -26.49 -0.03 -39.86
C LYS D 271 -26.77 -1.50 -39.58
N ILE D 272 -25.97 -2.12 -38.72
CA ILE D 272 -26.19 -3.53 -38.41
C ILE D 272 -27.52 -3.69 -37.67
N LEU D 273 -27.75 -2.85 -36.66
CA LEU D 273 -29.00 -2.88 -35.91
C LEU D 273 -30.20 -2.64 -36.82
N ASP D 274 -30.11 -1.62 -37.67
CA ASP D 274 -31.23 -1.26 -38.53
C ASP D 274 -31.49 -2.33 -39.57
N THR D 275 -30.43 -2.80 -40.25
CA THR D 275 -30.60 -3.81 -41.27
C THR D 275 -31.13 -5.12 -40.70
N TYR D 276 -30.74 -5.45 -39.47
CA TYR D 276 -31.18 -6.66 -38.79
C TYR D 276 -32.11 -6.33 -37.63
N GLY D 277 -32.96 -5.32 -37.80
CA GLY D 277 -33.89 -4.93 -36.77
C GLY D 277 -35.09 -5.85 -36.68
N THR D 278 -35.57 -6.30 -37.84
CA THR D 278 -36.76 -7.14 -37.91
C THR D 278 -36.47 -8.61 -37.63
N ASP D 279 -35.24 -8.97 -37.28
CA ASP D 279 -34.90 -10.37 -37.05
C ASP D 279 -33.59 -10.46 -36.26
N TYR D 280 -33.16 -11.71 -36.01
CA TYR D 280 -31.88 -12.06 -35.41
C TYR D 280 -31.63 -11.56 -33.99
N CYS D 281 -32.57 -10.82 -33.39
CA CYS D 281 -32.50 -10.43 -31.98
C CYS D 281 -31.16 -9.74 -31.67
N VAL D 282 -30.96 -8.58 -32.28
CA VAL D 282 -29.70 -7.84 -32.16
C VAL D 282 -29.97 -6.50 -31.49
N PHE D 283 -29.14 -6.17 -30.49
CA PHE D 283 -29.25 -4.88 -29.82
C PHE D 283 -27.86 -4.40 -29.45
N ASN D 284 -27.62 -3.11 -29.64
CA ASN D 284 -26.30 -2.51 -29.45
C ASN D 284 -26.35 -1.57 -28.25
N ASP D 285 -25.58 -1.90 -27.21
CA ASP D 285 -25.67 -1.20 -25.93
C ASP D 285 -25.41 0.29 -26.07
N ASP D 286 -24.40 0.67 -26.86
CA ASP D 286 -23.97 2.07 -26.88
C ASP D 286 -25.07 2.98 -27.41
N MET D 287 -25.86 2.50 -28.37
CA MET D 287 -26.96 3.30 -28.91
C MET D 287 -28.32 2.90 -28.38
N GLN D 288 -28.45 1.71 -27.80
CA GLN D 288 -29.73 1.22 -27.31
C GLN D 288 -29.79 1.14 -25.78
N GLY D 289 -28.83 0.45 -25.16
CA GLY D 289 -28.84 0.38 -23.71
C GLY D 289 -28.60 1.72 -23.05
N THR D 290 -27.73 2.54 -23.63
CA THR D 290 -27.43 3.84 -23.06
C THR D 290 -28.61 4.79 -23.16
N GLY D 291 -29.16 4.93 -24.37
CA GLY D 291 -30.30 5.83 -24.57
C GLY D 291 -31.47 5.50 -23.69
N ALA D 292 -31.57 4.26 -23.23
CA ALA D 292 -32.64 3.88 -22.30
C ALA D 292 -32.40 4.46 -20.91
N VAL D 293 -31.19 4.31 -20.38
CA VAL D 293 -30.90 4.75 -19.02
C VAL D 293 -31.01 6.27 -18.89
N VAL D 294 -30.85 7.00 -20.00
CA VAL D 294 -31.09 8.44 -19.96
C VAL D 294 -32.56 8.74 -19.75
N LEU D 295 -33.44 7.98 -20.42
CA LEU D 295 -34.87 8.14 -20.25
C LEU D 295 -35.31 7.92 -18.82
N ALA D 296 -34.62 7.03 -18.09
CA ALA D 296 -34.98 6.78 -16.70
C ALA D 296 -34.82 8.04 -15.86
N ALA D 297 -33.70 8.76 -16.04
CA ALA D 297 -33.52 10.03 -15.34
C ALA D 297 -34.58 11.03 -15.74
N VAL D 298 -35.06 10.97 -16.99
CA VAL D 298 -36.12 11.87 -17.44
C VAL D 298 -37.42 11.54 -16.72
N TYR D 299 -37.80 10.26 -16.70
CA TYR D 299 -39.03 9.86 -16.02
C TYR D 299 -38.96 10.15 -14.53
N SER D 300 -37.80 9.93 -13.91
CA SER D 300 -37.64 10.22 -12.49
C SER D 300 -37.78 11.71 -12.21
N GLY D 301 -37.36 12.56 -13.17
CA GLY D 301 -37.63 13.98 -13.03
C GLY D 301 -39.10 14.31 -13.23
N LEU D 302 -39.79 13.54 -14.07
CA LEU D 302 -41.23 13.73 -14.25
C LEU D 302 -42.00 13.42 -12.98
N LYS D 303 -41.47 12.55 -12.11
CA LYS D 303 -42.15 12.22 -10.88
C LYS D 303 -42.35 13.43 -9.98
N VAL D 304 -41.52 14.46 -10.14
CA VAL D 304 -41.69 15.71 -9.42
C VAL D 304 -42.15 16.84 -10.33
N THR D 305 -41.62 16.89 -11.55
CA THR D 305 -42.00 17.96 -12.47
C THR D 305 -43.47 17.83 -12.89
N GLY D 306 -44.00 16.61 -12.94
CA GLY D 306 -45.40 16.42 -13.23
C GLY D 306 -45.84 16.81 -14.63
N ILE D 307 -44.92 16.90 -15.57
CA ILE D 307 -45.24 17.28 -16.95
C ILE D 307 -45.22 16.04 -17.83
N PRO D 308 -46.18 15.88 -18.73
CA PRO D 308 -46.13 14.77 -19.68
C PRO D 308 -45.22 15.09 -20.86
N LEU D 309 -44.95 14.07 -21.66
CA LEU D 309 -43.99 14.18 -22.76
C LEU D 309 -44.54 14.94 -23.95
N ARG D 310 -45.80 15.38 -23.91
CA ARG D 310 -46.39 16.09 -25.03
C ARG D 310 -45.68 17.41 -25.28
N ASP D 311 -45.54 18.23 -24.25
CA ASP D 311 -44.85 19.50 -24.35
C ASP D 311 -43.41 19.43 -23.84
N GLN D 312 -42.88 18.23 -23.65
CA GLN D 312 -41.51 18.06 -23.19
C GLN D 312 -40.54 18.51 -24.28
N THR D 313 -40.06 19.74 -24.15
CA THR D 313 -39.06 20.26 -25.07
C THR D 313 -37.66 19.95 -24.55
N ILE D 314 -36.75 19.66 -25.48
CA ILE D 314 -35.40 19.22 -25.17
C ILE D 314 -34.45 20.00 -26.07
N VAL D 315 -33.21 20.19 -25.61
CA VAL D 315 -32.14 20.68 -26.47
C VAL D 315 -30.93 19.77 -26.26
N VAL D 316 -30.40 19.24 -27.35
CA VAL D 316 -29.38 18.19 -27.30
C VAL D 316 -28.06 18.81 -27.71
N PHE D 317 -27.12 18.90 -26.77
CA PHE D 317 -25.79 19.39 -27.08
C PHE D 317 -24.95 18.24 -27.64
N GLY D 318 -24.46 18.42 -28.87
CA GLY D 318 -23.78 17.36 -29.57
C GLY D 318 -24.68 16.73 -30.61
N ALA D 319 -24.64 17.27 -31.83
CA ALA D 319 -25.35 16.69 -32.96
C ALA D 319 -24.54 15.57 -33.63
N GLY D 320 -23.54 15.03 -32.93
CA GLY D 320 -22.74 13.96 -33.48
C GLY D 320 -23.48 12.63 -33.47
N THR D 321 -22.81 11.63 -34.05
CA THR D 321 -23.43 10.32 -34.21
C THR D 321 -23.76 9.68 -32.86
N ALA D 322 -22.85 9.83 -31.88
CA ALA D 322 -23.10 9.26 -30.57
C ALA D 322 -24.23 9.98 -29.85
N GLY D 323 -24.39 11.28 -30.06
CA GLY D 323 -25.43 12.04 -29.41
C GLY D 323 -26.78 11.93 -30.07
N MET D 324 -26.81 12.04 -31.40
CA MET D 324 -28.08 11.97 -32.13
C MET D 324 -28.79 10.65 -31.91
N GLY D 325 -28.03 9.55 -31.87
CA GLY D 325 -28.65 8.26 -31.62
C GLY D 325 -29.33 8.19 -30.26
N ILE D 326 -28.73 8.83 -29.26
CA ILE D 326 -29.39 8.94 -27.96
C ILE D 326 -30.65 9.79 -28.07
N ALA D 327 -30.55 10.93 -28.76
CA ALA D 327 -31.72 11.79 -28.94
C ALA D 327 -32.76 11.13 -29.83
N ASP D 328 -32.31 10.43 -30.88
CA ASP D 328 -33.26 9.76 -31.77
C ASP D 328 -33.93 8.58 -31.09
N GLN D 329 -33.24 7.93 -30.15
CA GLN D 329 -33.87 6.85 -29.40
C GLN D 329 -34.93 7.37 -28.45
N ILE D 330 -34.81 8.62 -28.02
CA ILE D 330 -35.74 9.17 -27.03
C ILE D 330 -37.13 9.31 -27.64
N ARG D 331 -37.21 9.87 -28.86
CA ARG D 331 -38.50 10.27 -29.41
C ARG D 331 -39.44 9.08 -29.58
N ASP D 332 -38.92 7.94 -30.06
CA ASP D 332 -39.76 6.76 -30.18
C ASP D 332 -40.31 6.32 -28.83
N ALA D 333 -39.56 6.57 -27.76
CA ALA D 333 -40.12 6.41 -26.42
C ALA D 333 -40.87 7.65 -25.97
N MET D 334 -40.54 8.81 -26.54
CA MET D 334 -41.28 10.03 -26.25
C MET D 334 -42.62 10.08 -26.97
N VAL D 335 -42.76 9.34 -28.08
CA VAL D 335 -44.06 9.20 -28.72
C VAL D 335 -44.95 8.20 -27.99
N ALA D 336 -44.37 7.28 -27.23
CA ALA D 336 -45.16 6.29 -26.50
C ALA D 336 -46.18 6.96 -25.58
N ASP D 337 -45.76 7.98 -24.85
CA ASP D 337 -46.65 8.76 -23.99
C ASP D 337 -46.90 10.16 -24.53
N GLY D 338 -46.75 10.35 -25.83
CA GLY D 338 -46.81 11.67 -26.43
C GLY D 338 -47.47 11.66 -27.79
N ALA D 339 -47.09 12.62 -28.63
CA ALA D 339 -47.79 12.91 -29.86
C ALA D 339 -46.96 12.48 -31.08
N THR D 340 -47.29 13.05 -32.23
CA THR D 340 -46.82 12.53 -33.51
C THR D 340 -45.30 12.65 -33.64
N LEU D 341 -44.75 11.83 -34.55
CA LEU D 341 -43.33 11.90 -34.84
C LEU D 341 -42.95 13.24 -35.45
N GLU D 342 -43.85 13.85 -36.22
CA GLU D 342 -43.60 15.20 -36.72
C GLU D 342 -43.48 16.19 -35.56
N GLN D 343 -44.30 16.03 -34.53
CA GLN D 343 -44.19 16.90 -33.36
C GLN D 343 -42.93 16.63 -32.57
N ALA D 344 -42.61 15.35 -32.33
CA ALA D 344 -41.40 15.00 -31.59
C ALA D 344 -40.16 15.64 -32.22
N VAL D 345 -40.14 15.74 -33.55
CA VAL D 345 -39.06 16.42 -34.25
C VAL D 345 -39.05 17.91 -33.91
N SER D 346 -40.20 18.46 -33.56
CA SER D 346 -40.34 19.90 -33.29
C SER D 346 -39.99 20.27 -31.86
N GLN D 347 -39.26 19.43 -31.12
CA GLN D 347 -38.99 19.75 -29.72
C GLN D 347 -37.57 19.48 -29.26
N ILE D 348 -36.63 19.16 -30.15
CA ILE D 348 -35.23 18.98 -29.75
C ILE D 348 -34.35 19.78 -30.72
N TRP D 349 -33.71 20.83 -30.22
CA TRP D 349 -32.76 21.43 -31.15
C TRP D 349 -31.36 20.84 -30.93
N PRO D 350 -30.66 20.54 -32.02
CA PRO D 350 -29.28 20.10 -31.90
C PRO D 350 -28.29 21.17 -32.37
N ILE D 351 -27.16 21.30 -31.68
CA ILE D 351 -26.19 22.33 -32.03
C ILE D 351 -24.79 21.82 -31.76
N ASP D 352 -23.89 22.04 -32.72
CA ASP D 352 -22.45 21.86 -32.50
C ASP D 352 -21.60 22.93 -33.15
N ARG D 353 -22.08 23.63 -34.17
CA ARG D 353 -21.34 24.74 -34.78
C ARG D 353 -22.29 25.70 -35.47
N LEU D 356 -28.35 25.68 -38.30
CA LEU D 356 -29.74 25.62 -38.74
C LEU D 356 -29.83 25.21 -40.20
N LEU D 357 -30.77 24.30 -40.50
CA LEU D 357 -31.02 23.88 -41.88
C LEU D 357 -31.95 24.89 -42.55
N PHE D 358 -31.38 26.05 -42.87
CA PHE D 358 -32.04 26.94 -43.82
C PHE D 358 -32.04 26.29 -45.21
N ASP D 359 -30.85 26.00 -45.73
CA ASP D 359 -30.69 25.14 -46.89
C ASP D 359 -29.50 24.22 -46.69
N ASP D 360 -28.34 24.80 -46.37
CA ASP D 360 -27.09 24.05 -46.22
C ASP D 360 -26.82 23.86 -44.74
N MET D 361 -27.24 22.71 -44.21
CA MET D 361 -26.84 22.30 -42.87
C MET D 361 -25.54 21.51 -42.88
N ASP D 362 -25.23 20.86 -44.00
CA ASP D 362 -24.02 20.06 -44.16
C ASP D 362 -23.94 18.94 -43.12
N ASP D 363 -25.08 18.28 -42.88
CA ASP D 363 -25.18 17.21 -41.90
C ASP D 363 -25.87 16.01 -42.55
N LEU D 364 -26.06 14.96 -41.76
CA LEU D 364 -26.65 13.71 -42.23
C LEU D 364 -28.09 13.52 -41.79
N ARG D 365 -28.43 13.93 -40.58
CA ARG D 365 -29.78 13.79 -40.03
C ARG D 365 -30.33 15.18 -39.73
N ASP D 366 -31.53 15.47 -40.23
CA ASP D 366 -32.07 16.82 -40.30
C ASP D 366 -33.22 16.98 -39.31
N PHE D 367 -33.07 17.93 -38.38
CA PHE D 367 -34.10 18.22 -37.39
C PHE D 367 -34.54 19.68 -37.34
N GLN D 368 -33.97 20.56 -38.15
CA GLN D 368 -34.18 21.98 -37.96
C GLN D 368 -34.47 22.67 -39.29
N VAL D 369 -34.85 23.94 -39.18
CA VAL D 369 -35.24 24.82 -40.28
C VAL D 369 -35.52 26.14 -39.56
N PRO D 370 -35.41 27.31 -40.22
CA PRO D 370 -35.59 28.56 -39.46
C PRO D 370 -37.05 28.86 -39.18
N TYR D 371 -37.36 29.11 -37.90
CA TYR D 371 -38.69 29.57 -37.53
C TYR D 371 -38.94 30.93 -38.13
N ALA D 372 -39.89 31.02 -39.07
CA ALA D 372 -40.16 32.23 -39.82
C ALA D 372 -38.90 32.74 -40.53
N VAL D 386 -28.20 28.44 -33.34
CA VAL D 386 -27.29 29.57 -33.49
C VAL D 386 -26.86 30.08 -32.10
N GLY D 387 -26.20 29.19 -31.35
CA GLY D 387 -25.69 29.56 -30.05
C GLY D 387 -26.53 29.07 -28.90
N LEU D 388 -25.90 28.35 -27.97
CA LEU D 388 -26.61 27.84 -26.80
C LEU D 388 -27.25 28.96 -26.00
N SER D 389 -26.57 30.10 -25.87
CA SER D 389 -27.09 31.19 -25.04
C SER D 389 -28.36 31.79 -25.61
N ASP D 390 -28.54 31.78 -26.93
CA ASP D 390 -29.72 32.35 -27.56
C ASP D 390 -30.71 31.32 -28.05
N ALA D 391 -30.28 30.10 -28.36
CA ALA D 391 -31.21 29.06 -28.79
C ALA D 391 -32.01 28.50 -27.64
N ILE D 392 -31.42 28.39 -26.44
CA ILE D 392 -32.15 27.87 -25.29
C ILE D 392 -33.10 28.90 -24.71
N LYS D 393 -33.01 30.16 -25.16
CA LYS D 393 -33.90 31.20 -24.63
C LYS D 393 -35.33 31.02 -25.11
N ILE D 394 -35.51 30.69 -26.38
CA ILE D 394 -36.86 30.57 -26.93
C ILE D 394 -37.46 29.20 -26.65
N ALA D 395 -36.65 28.14 -26.78
CA ALA D 395 -37.15 26.80 -26.55
C ALA D 395 -37.68 26.63 -25.13
N SER D 396 -37.01 27.24 -24.15
CA SER D 396 -37.32 27.07 -22.74
C SER D 396 -37.52 25.59 -22.37
N PRO D 397 -36.54 24.73 -22.65
CA PRO D 397 -36.72 23.30 -22.38
C PRO D 397 -36.42 22.98 -20.92
N THR D 398 -36.82 21.76 -20.53
CA THR D 398 -36.56 21.26 -19.19
C THR D 398 -35.58 20.08 -19.16
N ILE D 399 -35.55 19.26 -20.20
CA ILE D 399 -34.67 18.11 -20.31
C ILE D 399 -33.70 18.44 -21.42
N LEU D 400 -32.46 18.72 -21.13
CA LEU D 400 -31.51 18.97 -22.22
C LEU D 400 -30.31 18.10 -21.97
N LEU D 401 -29.95 17.31 -22.95
CA LEU D 401 -28.82 16.40 -22.82
C LEU D 401 -27.66 16.98 -23.59
N GLY D 402 -26.47 16.80 -23.07
CA GLY D 402 -25.30 17.25 -23.75
C GLY D 402 -24.25 16.16 -23.91
N CYS D 403 -24.32 15.43 -25.01
CA CYS D 403 -23.25 14.52 -25.39
C CYS D 403 -22.18 15.40 -26.01
N SER D 404 -21.32 15.93 -25.15
CA SER D 404 -20.46 17.03 -25.50
C SER D 404 -19.25 16.56 -26.30
N THR D 405 -19.17 17.02 -27.55
CA THR D 405 -17.90 16.94 -28.27
C THR D 405 -16.81 17.55 -27.42
N VAL D 406 -17.12 18.69 -26.79
CA VAL D 406 -16.21 19.42 -25.90
C VAL D 406 -16.26 18.84 -24.49
N TYR D 407 -15.53 19.47 -23.58
CA TYR D 407 -15.66 19.17 -22.16
C TYR D 407 -15.30 20.42 -21.37
N GLY D 408 -15.75 20.45 -20.12
CA GLY D 408 -15.56 21.60 -19.26
C GLY D 408 -16.01 22.88 -19.95
N ALA D 409 -17.26 22.91 -20.38
CA ALA D 409 -17.76 24.04 -21.15
C ALA D 409 -19.25 24.23 -20.86
N PHE D 410 -19.63 24.16 -19.58
CA PHE D 410 -20.99 24.51 -19.17
C PHE D 410 -20.96 25.99 -18.80
N THR D 411 -21.29 26.83 -19.77
CA THR D 411 -21.34 28.27 -19.52
C THR D 411 -22.34 28.56 -18.40
N LYS D 412 -21.86 29.27 -17.38
CA LYS D 412 -22.70 29.63 -16.25
C LYS D 412 -23.95 30.38 -16.71
N GLU D 413 -23.81 31.24 -17.72
CA GLU D 413 -24.92 32.08 -18.16
C GLU D 413 -26.02 31.25 -18.82
N VAL D 414 -25.68 30.12 -19.44
CA VAL D 414 -26.68 29.32 -20.12
C VAL D 414 -27.47 28.48 -19.12
N VAL D 415 -26.79 27.91 -18.12
CA VAL D 415 -27.49 27.20 -17.05
C VAL D 415 -28.47 28.13 -16.35
N GLU D 416 -28.15 29.42 -16.28
CA GLU D 416 -29.07 30.39 -15.70
C GLU D 416 -30.36 30.50 -16.51
N ALA D 417 -30.30 30.23 -17.82
CA ALA D 417 -31.50 30.34 -18.64
C ALA D 417 -32.53 29.28 -18.27
N MET D 418 -32.07 28.06 -17.94
CA MET D 418 -32.99 27.00 -17.57
C MET D 418 -33.78 27.36 -16.31
N THR D 419 -33.18 28.10 -15.39
CA THR D 419 -33.91 28.56 -14.22
C THR D 419 -35.06 29.48 -14.61
N ALA D 420 -34.80 30.41 -15.52
CA ALA D 420 -35.87 31.23 -16.07
C ALA D 420 -36.78 30.43 -17.00
N SER D 421 -36.27 29.35 -17.60
CA SER D 421 -37.06 28.55 -18.52
C SER D 421 -38.08 27.69 -17.79
N CYS D 422 -37.69 27.08 -16.68
CA CYS D 422 -38.60 26.23 -15.91
C CYS D 422 -38.17 26.23 -14.45
N LYS D 423 -39.08 25.74 -13.60
CA LYS D 423 -38.83 25.76 -12.16
C LYS D 423 -37.86 24.68 -11.73
N HIS D 424 -38.12 23.43 -12.12
CA HIS D 424 -37.26 22.29 -11.79
C HIS D 424 -36.80 21.60 -13.07
N PRO D 425 -35.89 22.22 -13.82
CA PRO D 425 -35.38 21.59 -15.03
C PRO D 425 -34.29 20.56 -14.69
N MET D 426 -33.99 19.71 -15.67
CA MET D 426 -33.01 18.65 -15.49
C MET D 426 -31.99 18.70 -16.61
N ILE D 427 -30.71 18.75 -16.27
CA ILE D 427 -29.65 18.85 -17.26
C ILE D 427 -28.69 17.69 -17.03
N PHE D 428 -28.25 17.04 -18.11
CA PHE D 428 -27.23 16.02 -17.86
C PHE D 428 -26.28 15.78 -19.02
N PRO D 429 -24.98 15.69 -18.77
CA PRO D 429 -24.06 15.17 -19.78
C PRO D 429 -23.75 13.70 -19.51
N LEU D 430 -24.20 12.80 -20.38
CA LEU D 430 -23.87 11.38 -20.28
C LEU D 430 -22.50 11.06 -20.86
N SER D 431 -21.55 11.99 -20.77
CA SER D 431 -20.23 11.81 -21.36
C SER D 431 -19.35 10.96 -20.47
N ASN D 432 -18.44 10.19 -21.09
CA ASN D 432 -17.77 9.12 -20.38
C ASN D 432 -16.74 9.63 -19.36
N PRO D 433 -15.66 10.30 -19.77
CA PRO D 433 -14.54 10.50 -18.83
C PRO D 433 -14.90 11.47 -17.72
N THR D 434 -14.39 11.19 -16.52
CA THR D 434 -14.78 11.93 -15.33
C THR D 434 -14.15 13.32 -15.33
N SER D 435 -14.96 14.32 -14.91
CA SER D 435 -14.60 15.73 -15.03
C SER D 435 -14.11 16.06 -16.44
N ARG D 436 -14.57 15.27 -17.41
CA ARG D 436 -14.34 15.53 -18.83
C ARG D 436 -15.66 15.64 -19.55
N MET D 437 -16.62 16.28 -18.89
CA MET D 437 -17.98 16.49 -19.37
C MET D 437 -18.20 17.99 -19.56
N GLU D 438 -19.43 18.35 -19.94
CA GLU D 438 -19.74 19.75 -20.17
C GLU D 438 -19.66 20.55 -18.88
N ALA D 439 -20.12 19.98 -17.77
CA ALA D 439 -20.30 20.72 -16.52
C ALA D 439 -19.50 20.10 -15.39
N ILE D 440 -19.53 20.80 -14.26
CA ILE D 440 -19.23 20.22 -12.96
C ILE D 440 -20.48 20.43 -12.12
N PRO D 441 -20.91 19.45 -11.32
CA PRO D 441 -22.19 19.61 -10.59
C PRO D 441 -22.22 20.82 -9.68
N ALA D 442 -21.16 21.08 -8.92
CA ALA D 442 -21.19 22.11 -7.88
C ALA D 442 -21.67 23.45 -8.40
N ASP D 443 -21.24 23.82 -9.61
CA ASP D 443 -21.71 25.06 -10.22
C ASP D 443 -23.21 24.99 -10.47
N VAL D 444 -23.67 23.86 -11.02
CA VAL D 444 -25.07 23.74 -11.47
C VAL D 444 -26.04 23.96 -10.33
N LEU D 445 -25.85 23.25 -9.21
CA LEU D 445 -26.77 23.41 -8.09
C LEU D 445 -26.74 24.84 -7.56
N ALA D 446 -25.54 25.41 -7.42
CA ALA D 446 -25.42 26.76 -6.87
C ALA D 446 -25.91 27.81 -7.86
N TRP D 447 -25.55 27.69 -9.14
CA TRP D 447 -25.97 28.69 -10.10
C TRP D 447 -27.47 28.63 -10.36
N SER D 448 -28.04 27.43 -10.32
CA SER D 448 -29.49 27.28 -10.40
C SER D 448 -30.16 27.43 -9.04
N ASN D 449 -29.38 27.76 -7.99
CA ASN D 449 -29.89 27.89 -6.63
C ASN D 449 -30.59 26.61 -6.16
N GLY D 450 -30.12 25.46 -6.64
CA GLY D 450 -30.70 24.19 -6.29
C GLY D 450 -31.96 23.82 -7.03
N ARG D 451 -32.38 24.63 -8.01
CA ARG D 451 -33.61 24.33 -8.74
C ARG D 451 -33.49 23.10 -9.62
N ALA D 452 -32.29 22.83 -10.13
CA ALA D 452 -32.12 21.95 -11.28
C ALA D 452 -31.85 20.51 -10.86
N LEU D 453 -32.16 19.59 -11.78
CA LEU D 453 -31.86 18.17 -11.65
C LEU D 453 -30.70 17.85 -12.59
N LEU D 454 -29.92 16.83 -12.24
CA LEU D 454 -28.76 16.51 -13.05
C LEU D 454 -28.36 15.05 -12.91
N ALA D 455 -28.02 14.44 -14.05
CA ALA D 455 -27.34 13.16 -14.10
C ALA D 455 -25.95 13.36 -14.70
N THR D 456 -25.08 12.40 -14.46
CA THR D 456 -23.70 12.49 -14.92
C THR D 456 -23.27 11.18 -15.56
N GLY D 457 -22.58 11.27 -16.69
CA GLY D 457 -21.98 10.08 -17.26
C GLY D 457 -20.92 9.49 -16.36
N SER D 458 -20.12 10.35 -15.74
CA SER D 458 -19.11 9.92 -14.79
C SER D 458 -19.71 9.75 -13.40
N PRO D 459 -19.08 8.94 -12.54
CA PRO D 459 -19.56 8.82 -11.16
C PRO D 459 -19.13 10.02 -10.33
N VAL D 460 -20.09 10.64 -9.65
CA VAL D 460 -19.84 11.84 -8.86
C VAL D 460 -20.31 11.60 -7.43
N ALA D 461 -19.74 12.37 -6.51
CA ALA D 461 -20.01 12.35 -5.08
C ALA D 461 -21.08 13.38 -4.73
N PRO D 462 -21.70 13.27 -3.55
CA PRO D 462 -22.79 14.20 -3.17
C PRO D 462 -22.39 15.66 -3.13
N VAL D 463 -23.37 16.51 -2.79
CA VAL D 463 -23.19 17.96 -2.73
C VAL D 463 -23.88 18.46 -1.47
N GLU D 464 -23.10 18.88 -0.48
CA GLU D 464 -23.65 19.41 0.77
C GLU D 464 -24.04 20.87 0.67
N PHE D 465 -24.03 21.45 -0.53
CA PHE D 465 -24.32 22.86 -0.72
C PHE D 465 -25.83 23.10 -0.76
N ASP D 466 -26.21 24.39 -0.84
CA ASP D 466 -27.59 24.82 -0.91
C ASP D 466 -28.41 24.33 0.29
N GLU D 467 -27.73 24.09 1.42
CA GLU D 467 -28.35 23.63 2.66
C GLU D 467 -29.12 22.32 2.48
N THR D 468 -28.79 21.54 1.45
CA THR D 468 -29.47 20.28 1.18
C THR D 468 -28.52 19.36 0.44
N THR D 469 -28.34 18.14 0.97
CA THR D 469 -27.44 17.16 0.39
C THR D 469 -28.25 16.23 -0.51
N TYR D 470 -28.03 16.34 -1.82
CA TYR D 470 -28.68 15.47 -2.81
C TYR D 470 -27.64 14.94 -3.78
N VAL D 471 -27.69 13.63 -4.03
CA VAL D 471 -26.69 12.96 -4.86
C VAL D 471 -26.95 13.27 -6.33
N ILE D 472 -25.88 13.28 -7.12
CA ILE D 472 -25.98 13.39 -8.56
C ILE D 472 -26.17 11.99 -9.15
N GLY D 473 -27.03 11.89 -10.14
CA GLY D 473 -27.40 10.60 -10.70
C GLY D 473 -26.36 9.97 -11.60
N GLN D 474 -25.94 8.75 -11.25
CA GLN D 474 -25.00 8.00 -12.08
C GLN D 474 -25.74 7.39 -13.27
N ALA D 475 -25.22 7.62 -14.48
CA ALA D 475 -25.90 7.18 -15.69
C ALA D 475 -25.13 6.06 -16.38
N ASN D 476 -24.70 5.05 -15.63
CA ASN D 476 -23.98 3.94 -16.22
C ASN D 476 -24.91 3.07 -17.06
N ASN D 477 -24.31 2.34 -18.01
CA ASN D 477 -25.07 1.36 -18.77
C ASN D 477 -25.36 0.11 -17.96
N VAL D 478 -24.61 -0.12 -16.88
CA VAL D 478 -24.75 -1.31 -16.06
C VAL D 478 -26.12 -1.39 -15.39
N LEU D 479 -26.91 -0.32 -15.45
CA LEU D 479 -28.26 -0.36 -14.93
C LEU D 479 -29.20 -1.13 -15.85
N ALA D 480 -28.99 -1.02 -17.16
CA ALA D 480 -30.00 -1.44 -18.14
C ALA D 480 -29.81 -2.88 -18.62
N PHE D 481 -28.62 -3.23 -19.11
CA PHE D 481 -28.53 -4.47 -19.88
C PHE D 481 -28.48 -5.76 -19.03
N PRO D 482 -28.34 -5.71 -17.67
CA PRO D 482 -28.60 -6.93 -16.90
C PRO D 482 -30.01 -7.45 -17.11
N GLY D 483 -30.99 -6.61 -16.78
CA GLY D 483 -32.38 -7.02 -16.90
C GLY D 483 -32.81 -7.25 -18.33
N ILE D 484 -32.33 -6.41 -19.26
CA ILE D 484 -32.63 -6.61 -20.67
C ILE D 484 -32.03 -7.92 -21.15
N GLY D 485 -30.86 -8.29 -20.65
CA GLY D 485 -30.28 -9.58 -20.99
C GLY D 485 -30.98 -10.73 -20.30
N LEU D 486 -31.22 -10.59 -18.99
CA LEU D 486 -31.88 -11.64 -18.23
C LEU D 486 -33.33 -11.83 -18.67
N GLY D 487 -34.10 -10.74 -18.68
CA GLY D 487 -35.53 -10.84 -18.92
C GLY D 487 -35.90 -11.44 -20.26
N VAL D 488 -35.01 -11.38 -21.25
CA VAL D 488 -35.33 -11.93 -22.55
C VAL D 488 -35.17 -13.45 -22.57
N ILE D 489 -34.19 -13.99 -21.84
CA ILE D 489 -33.92 -15.43 -21.93
C ILE D 489 -35.10 -16.25 -21.40
N VAL D 490 -35.89 -15.70 -20.48
CA VAL D 490 -37.09 -16.41 -20.04
C VAL D 490 -38.19 -16.29 -21.07
N ALA D 491 -38.34 -15.10 -21.66
CA ALA D 491 -39.32 -14.91 -22.72
C ALA D 491 -38.88 -15.49 -24.05
N GLY D 492 -37.58 -15.68 -24.25
CA GLY D 492 -37.08 -16.17 -25.51
C GLY D 492 -37.47 -15.29 -26.67
N ALA D 493 -37.17 -14.00 -26.55
CA ALA D 493 -37.65 -13.02 -27.53
C ALA D 493 -36.90 -13.16 -28.85
N ARG D 494 -37.66 -13.28 -29.93
CA ARG D 494 -37.07 -13.32 -31.26
C ARG D 494 -36.56 -11.95 -31.69
N LEU D 495 -37.22 -10.88 -31.25
CA LEU D 495 -36.82 -9.52 -31.56
C LEU D 495 -36.72 -8.72 -30.27
N ILE D 496 -35.84 -7.72 -30.29
CA ILE D 496 -35.58 -6.89 -29.12
C ILE D 496 -36.24 -5.53 -29.39
N THR D 497 -37.52 -5.44 -29.05
CA THR D 497 -38.37 -4.37 -29.55
C THR D 497 -38.17 -3.08 -28.75
N ARG D 498 -38.69 -1.99 -29.33
CA ARG D 498 -38.61 -0.68 -28.70
C ARG D 498 -39.36 -0.64 -27.38
N ARG D 499 -40.45 -1.40 -27.26
CA ARG D 499 -41.24 -1.38 -26.03
C ARG D 499 -40.43 -1.91 -24.84
N MET D 500 -39.55 -2.89 -25.07
CA MET D 500 -38.69 -3.38 -24.01
C MET D 500 -37.74 -2.29 -23.53
N LEU D 501 -37.13 -1.56 -24.46
CA LEU D 501 -36.30 -0.41 -24.11
C LEU D 501 -37.10 0.60 -23.30
N HIS D 502 -38.35 0.82 -23.68
CA HIS D 502 -39.17 1.83 -23.02
C HIS D 502 -39.57 1.39 -21.62
N ALA D 503 -39.93 0.10 -21.47
CA ALA D 503 -40.35 -0.41 -20.17
C ALA D 503 -39.17 -0.61 -19.23
N ALA D 504 -37.97 -0.84 -19.75
CA ALA D 504 -36.80 -0.96 -18.89
C ALA D 504 -36.44 0.38 -18.27
N ALA D 505 -36.53 1.46 -19.06
CA ALA D 505 -36.27 2.79 -18.52
C ALA D 505 -37.29 3.18 -17.47
N LYS D 506 -38.57 2.89 -17.73
CA LYS D 506 -39.62 3.22 -16.76
C LYS D 506 -39.52 2.36 -15.51
N ALA D 507 -39.00 1.14 -15.63
CA ALA D 507 -38.80 0.30 -14.45
C ALA D 507 -37.61 0.74 -13.63
N ILE D 508 -36.54 1.23 -14.29
CA ILE D 508 -35.37 1.69 -13.56
C ILE D 508 -35.66 3.01 -12.86
N ALA D 509 -36.37 3.91 -13.55
CA ALA D 509 -36.67 5.23 -12.99
C ALA D 509 -37.50 5.11 -11.70
N HIS D 510 -38.64 4.44 -11.79
CA HIS D 510 -39.53 4.32 -10.65
C HIS D 510 -38.96 3.43 -9.54
N GLN D 511 -37.79 2.81 -9.76
CA GLN D 511 -37.16 2.05 -8.70
C GLN D 511 -36.43 2.95 -7.71
N ALA D 512 -35.96 4.11 -8.16
CA ALA D 512 -35.28 5.07 -7.29
C ALA D 512 -36.31 6.07 -6.79
N ASN D 513 -36.60 6.04 -5.50
CA ASN D 513 -37.66 6.84 -4.91
C ASN D 513 -37.42 8.34 -5.13
N PRO D 514 -38.34 9.03 -5.80
CA PRO D 514 -38.19 10.48 -6.02
C PRO D 514 -38.87 11.36 -4.97
N THR D 515 -39.32 10.78 -3.86
CA THR D 515 -40.08 11.49 -2.84
C THR D 515 -39.33 12.71 -2.33
N ASN D 516 -38.23 12.49 -1.63
CA ASN D 516 -37.42 13.61 -1.17
C ASN D 516 -36.70 14.24 -2.36
N PRO D 517 -36.71 15.57 -2.48
CA PRO D 517 -36.45 16.21 -3.79
C PRO D 517 -34.99 16.07 -4.23
N GLY D 518 -34.81 15.50 -5.42
CA GLY D 518 -33.55 15.53 -6.13
C GLY D 518 -32.42 14.69 -5.55
N ASP D 519 -32.71 13.84 -4.57
CA ASP D 519 -31.63 13.07 -3.94
C ASP D 519 -31.06 12.03 -4.90
N SER D 520 -31.91 11.34 -5.65
CA SER D 520 -31.45 10.29 -6.55
C SER D 520 -32.44 10.15 -7.69
N LEU D 521 -32.02 10.55 -8.90
CA LEU D 521 -32.82 10.27 -10.09
C LEU D 521 -32.70 8.81 -10.49
N LEU D 522 -31.54 8.21 -10.27
CA LEU D 522 -31.25 6.81 -10.55
C LEU D 522 -30.61 6.18 -9.33
N PRO D 523 -30.74 4.85 -9.17
CA PRO D 523 -30.34 4.22 -7.90
C PRO D 523 -28.84 3.92 -7.79
N ASP D 524 -28.48 3.20 -6.74
CA ASP D 524 -27.11 2.77 -6.49
C ASP D 524 -26.93 1.31 -6.85
N VAL D 525 -25.73 0.96 -7.31
CA VAL D 525 -25.47 -0.39 -7.83
C VAL D 525 -25.28 -1.42 -6.73
N GLN D 526 -25.36 -1.04 -5.46
CA GLN D 526 -25.27 -2.02 -4.38
C GLN D 526 -26.48 -2.94 -4.35
N ASN D 527 -27.57 -2.56 -5.02
CA ASN D 527 -28.75 -3.40 -5.19
C ASN D 527 -28.85 -3.97 -6.59
N LEU D 528 -27.72 -4.16 -7.26
CA LEU D 528 -27.73 -4.41 -8.71
C LEU D 528 -28.50 -5.68 -9.06
N ARG D 529 -28.44 -6.70 -8.21
CA ARG D 529 -29.21 -7.91 -8.48
C ARG D 529 -30.71 -7.66 -8.33
N ALA D 530 -31.10 -6.85 -7.34
CA ALA D 530 -32.51 -6.60 -7.09
C ALA D 530 -33.13 -5.65 -8.12
N ILE D 531 -32.36 -4.69 -8.64
CA ILE D 531 -32.91 -3.79 -9.64
C ILE D 531 -33.02 -4.52 -10.99
N SER D 532 -32.10 -5.43 -11.28
CA SER D 532 -32.18 -6.18 -12.53
C SER D 532 -33.44 -7.03 -12.60
N THR D 533 -33.90 -7.55 -11.46
CA THR D 533 -35.15 -8.31 -11.46
C THR D 533 -36.32 -7.44 -11.86
N THR D 534 -36.37 -6.20 -11.35
CA THR D 534 -37.45 -5.29 -11.73
C THR D 534 -37.42 -4.94 -13.20
N VAL D 535 -36.24 -4.97 -13.83
CA VAL D 535 -36.17 -4.82 -15.27
C VAL D 535 -36.65 -6.08 -15.97
N ALA D 536 -36.33 -7.25 -15.41
CA ALA D 536 -36.85 -8.50 -15.95
C ALA D 536 -38.37 -8.54 -15.89
N GLU D 537 -38.94 -8.06 -14.77
CA GLU D 537 -40.39 -7.92 -14.69
C GLU D 537 -40.92 -6.96 -15.75
N ALA D 538 -40.10 -6.00 -16.16
CA ALA D 538 -40.55 -4.99 -17.12
C ALA D 538 -40.51 -5.50 -18.56
N VAL D 539 -39.56 -6.36 -18.90
CA VAL D 539 -39.41 -6.77 -20.29
C VAL D 539 -40.35 -7.92 -20.64
N TYR D 540 -40.57 -8.84 -19.69
CA TYR D 540 -41.51 -9.92 -19.94
C TYR D 540 -42.88 -9.38 -20.33
N ARG D 541 -43.44 -8.49 -19.49
CA ARG D 541 -44.70 -7.84 -19.86
C ARG D 541 -44.56 -7.02 -21.13
N ALA D 542 -43.38 -6.43 -21.36
CA ALA D 542 -43.18 -5.65 -22.57
C ALA D 542 -43.00 -6.54 -23.79
N ALA D 543 -42.50 -7.76 -23.61
CA ALA D 543 -42.32 -8.67 -24.73
C ALA D 543 -43.66 -9.23 -25.20
N VAL D 544 -44.57 -9.50 -24.27
CA VAL D 544 -45.81 -10.18 -24.62
C VAL D 544 -46.75 -9.24 -25.37
N GLN D 545 -46.77 -7.96 -25.01
CA GLN D 545 -47.60 -7.02 -25.76
C GLN D 545 -47.08 -6.82 -27.18
N ASP D 546 -45.80 -7.09 -27.43
CA ASP D 546 -45.31 -7.25 -28.79
C ASP D 546 -45.61 -8.64 -29.33
N GLY D 547 -45.79 -9.63 -28.45
CA GLY D 547 -46.16 -10.98 -28.87
C GLY D 547 -45.02 -11.86 -29.31
N VAL D 548 -43.78 -11.39 -29.20
CA VAL D 548 -42.64 -12.11 -29.76
C VAL D 548 -41.90 -12.88 -28.67
N ALA D 549 -42.65 -13.50 -27.75
CA ALA D 549 -42.06 -14.18 -26.61
C ALA D 549 -42.55 -15.62 -26.53
N SER D 550 -41.81 -16.43 -25.77
CA SER D 550 -42.19 -17.79 -25.42
C SER D 550 -42.26 -17.85 -23.89
N ARG D 551 -43.47 -18.08 -23.37
CA ARG D 551 -43.74 -17.84 -21.97
C ARG D 551 -42.91 -18.75 -21.06
N THR D 552 -42.75 -18.30 -19.81
CA THR D 552 -42.08 -19.08 -18.78
C THR D 552 -43.05 -19.53 -17.69
N HIS D 553 -43.76 -18.59 -17.07
CA HIS D 553 -44.65 -18.91 -15.97
C HIS D 553 -45.75 -17.87 -15.89
N ASP D 554 -46.82 -18.22 -15.18
CA ASP D 554 -47.84 -17.23 -14.86
C ASP D 554 -47.26 -16.15 -13.95
N ASP D 555 -46.83 -16.55 -12.77
CA ASP D 555 -46.05 -15.69 -11.88
C ASP D 555 -44.62 -15.64 -12.38
N VAL D 556 -44.16 -14.47 -12.80
CA VAL D 556 -42.81 -14.30 -13.30
C VAL D 556 -41.81 -14.74 -12.23
N ARG D 557 -41.13 -15.85 -12.49
CA ARG D 557 -40.08 -16.33 -11.58
C ARG D 557 -38.77 -16.39 -12.37
N GLN D 558 -37.93 -15.38 -12.16
CA GLN D 558 -36.58 -15.37 -12.71
C GLN D 558 -35.53 -15.84 -11.71
N ALA D 559 -35.86 -15.87 -10.42
CA ALA D 559 -34.91 -16.31 -9.39
C ALA D 559 -34.37 -17.71 -9.67
N ILE D 560 -35.04 -18.51 -10.52
CA ILE D 560 -34.58 -19.87 -10.77
C ILE D 560 -33.49 -19.87 -11.85
N VAL D 561 -33.59 -18.98 -12.83
CA VAL D 561 -32.60 -18.87 -13.89
C VAL D 561 -31.69 -17.65 -13.66
N ASP D 562 -31.68 -17.15 -12.43
CA ASP D 562 -30.86 -16.03 -12.00
C ASP D 562 -29.65 -16.62 -11.29
N THR D 563 -28.44 -16.17 -11.63
CA THR D 563 -27.14 -16.41 -10.99
C THR D 563 -26.45 -17.72 -11.36
N MET D 564 -25.12 -17.73 -11.17
CA MET D 564 -24.28 -18.92 -11.23
C MET D 564 -23.10 -18.71 -10.30
N TRP D 565 -23.41 -18.27 -9.07
CA TRP D 565 -22.42 -17.81 -8.10
C TRP D 565 -22.47 -18.63 -6.81
N LEU D 566 -23.06 -19.81 -6.85
CA LEU D 566 -23.12 -20.59 -5.65
C LEU D 566 -22.44 -21.94 -5.85
N PRO D 567 -21.85 -22.52 -4.78
CA PRO D 567 -21.23 -23.84 -4.89
C PRO D 567 -22.23 -24.93 -5.25
N ALA D 568 -22.57 -25.02 -6.52
CA ALA D 568 -23.50 -26.03 -7.01
C ALA D 568 -23.22 -26.38 -8.47
C1 GOL E . -13.94 37.94 -12.37
O1 GOL E . -13.83 38.70 -11.21
C2 GOL E . -12.96 36.76 -12.22
O2 GOL E . -13.09 36.13 -11.00
C3 GOL E . -13.30 35.81 -13.40
O3 GOL E . -13.42 36.61 -14.54
C1 GOL F . -10.95 53.14 -31.20
O1 GOL F . -10.86 54.19 -30.28
C2 GOL F . -12.46 52.89 -31.46
O2 GOL F . -13.11 52.42 -30.33
C3 GOL F . -12.50 51.89 -32.63
O3 GOL F . -13.83 51.51 -32.79
C1 GOL G . -7.11 14.29 35.43
O1 GOL G . -8.01 15.29 35.04
C2 GOL G . -7.33 13.08 34.49
O2 GOL G . -8.67 12.74 34.42
C3 GOL G . -6.47 11.94 35.06
O3 GOL G . -6.86 11.77 36.39
C1 GOL H . 17.93 -22.60 16.98
O1 GOL H . 17.53 -23.53 17.94
C2 GOL H . 17.43 -21.21 17.47
O2 GOL H . 16.10 -21.24 17.83
C3 GOL H . 17.70 -20.24 16.29
O3 GOL H . 18.98 -19.72 16.48
C1 GOL I . -10.66 -28.73 -37.15
O1 GOL I . -11.06 -28.45 -38.47
C2 GOL I . -11.68 -28.07 -36.21
O2 GOL I . -12.99 -28.23 -36.65
C3 GOL I . -11.45 -28.76 -34.84
O3 GOL I . -12.66 -29.32 -34.43
#